data_1AM2
# 
_entry.id   1AM2 
# 
_audit_conform.dict_name       mmcif_pdbx.dic 
_audit_conform.dict_version    5.385 
_audit_conform.dict_location   http://mmcif.pdb.org/dictionaries/ascii/mmcif_pdbx.dic 
# 
loop_
_database_2.database_id 
_database_2.database_code 
_database_2.pdbx_database_accession 
_database_2.pdbx_DOI 
PDB   1AM2         pdb_00001am2 10.2210/pdb1am2/pdb 
WWPDB D_1000170985 ?            ?                   
# 
loop_
_pdbx_audit_revision_history.ordinal 
_pdbx_audit_revision_history.data_content_type 
_pdbx_audit_revision_history.major_revision 
_pdbx_audit_revision_history.minor_revision 
_pdbx_audit_revision_history.revision_date 
1 'Structure model' 1 0 1998-06-24 
2 'Structure model' 1 1 2008-03-24 
3 'Structure model' 1 2 2011-07-13 
4 'Structure model' 1 3 2024-02-07 
# 
_pdbx_audit_revision_details.ordinal             1 
_pdbx_audit_revision_details.revision_ordinal    1 
_pdbx_audit_revision_details.data_content_type   'Structure model' 
_pdbx_audit_revision_details.provider            repository 
_pdbx_audit_revision_details.type                'Initial release' 
_pdbx_audit_revision_details.description         ? 
_pdbx_audit_revision_details.details             ? 
# 
loop_
_pdbx_audit_revision_group.ordinal 
_pdbx_audit_revision_group.revision_ordinal 
_pdbx_audit_revision_group.data_content_type 
_pdbx_audit_revision_group.group 
1 2 'Structure model' 'Version format compliance' 
2 3 'Structure model' 'Version format compliance' 
3 4 'Structure model' 'Data collection'           
4 4 'Structure model' 'Database references'       
# 
loop_
_pdbx_audit_revision_category.ordinal 
_pdbx_audit_revision_category.revision_ordinal 
_pdbx_audit_revision_category.data_content_type 
_pdbx_audit_revision_category.category 
1 4 'Structure model' chem_comp_atom     
2 4 'Structure model' chem_comp_bond     
3 4 'Structure model' database_2         
4 4 'Structure model' struct_ref_seq_dif 
# 
loop_
_pdbx_audit_revision_item.ordinal 
_pdbx_audit_revision_item.revision_ordinal 
_pdbx_audit_revision_item.data_content_type 
_pdbx_audit_revision_item.item 
1 4 'Structure model' '_database_2.pdbx_DOI'                
2 4 'Structure model' '_database_2.pdbx_database_accession' 
3 4 'Structure model' '_struct_ref_seq_dif.details'         
# 
_pdbx_database_status.status_code                     REL 
_pdbx_database_status.entry_id                        1AM2 
_pdbx_database_status.recvd_initial_deposition_date   1997-06-20 
_pdbx_database_status.deposit_site                    ? 
_pdbx_database_status.process_site                    BNL 
_pdbx_database_status.status_code_sf                  REL 
_pdbx_database_status.status_code_mr                  ? 
_pdbx_database_status.SG_entry                        ? 
_pdbx_database_status.pdb_format_compatible           Y 
_pdbx_database_status.status_code_cs                  ? 
_pdbx_database_status.status_code_nmr_data            ? 
_pdbx_database_status.methods_development_category    ? 
# 
loop_
_audit_author.name 
_audit_author.pdbx_ordinal 
'Klabunde, T.'      1 
'Sharma, S.'        2 
'Sacchettini, J.C.' 3 
# 
_citation.id                        primary 
_citation.title                     
'Crystal structure of GyrA intein from Mycobacterium xenopi reveals structural basis of protein splicing.' 
_citation.journal_abbrev            Nat.Struct.Biol. 
_citation.journal_volume            5 
_citation.page_first                31 
_citation.page_last                 36 
_citation.year                      1998 
_citation.journal_id_ASTM           NSBIEW 
_citation.country                   US 
_citation.journal_id_ISSN           1072-8368 
_citation.journal_id_CSD            2024 
_citation.book_publisher            ? 
_citation.pdbx_database_id_PubMed   9437427 
_citation.pdbx_database_id_DOI      10.1038/nsb0198-31 
# 
loop_
_citation_author.citation_id 
_citation_author.name 
_citation_author.ordinal 
_citation_author.identifier_ORCID 
primary 'Klabunde, T.'      1 ? 
primary 'Sharma, S.'        2 ? 
primary 'Telenti, A.'       3 ? 
primary 'Jacobs Jr., W.R.'  4 ? 
primary 'Sacchettini, J.C.' 5 ? 
# 
loop_
_entity.id 
_entity.type 
_entity.src_method 
_entity.pdbx_description 
_entity.formula_weight 
_entity.pdbx_number_of_molecules 
_entity.pdbx_ec 
_entity.pdbx_mutation 
_entity.pdbx_fragment 
_entity.details 
1 polymer man 'MXE GYRA INTEIN' 21364.070 1  ? 'Y0A, C1S' ? ? 
2 water   nat water             18.015    46 ? ?          ? ? 
# 
_entity_poly.entity_id                      1 
_entity_poly.type                           'polypeptide(L)' 
_entity_poly.nstd_linkage                   no 
_entity_poly.nstd_monomer                   no 
_entity_poly.pdbx_seq_one_letter_code       
;ASITGDALVALPEGESVRIADIVPGARPNSDNAIDLKVLDRHGNPVLADRLFHSGEHPVYAVRTVEGLRVTGTANHPLLC
LVDVAGVPTLLWKLIDEIKPGDYAVIQRSAFSVDCAGFARGKPEFAPTTYTVGVPGLVRFLEAHHRDPDAKAIADELTDG
RFYYAKVASVTDAGVQPVYSLRVDTADHAFITNGFVSHN
;
_entity_poly.pdbx_seq_one_letter_code_can   
;ASITGDALVALPEGESVRIADIVPGARPNSDNAIDLKVLDRHGNPVLADRLFHSGEHPVYAVRTVEGLRVTGTANHPLLC
LVDVAGVPTLLWKLIDEIKPGDYAVIQRSAFSVDCAGFARGKPEFAPTTYTVGVPGLVRFLEAHHRDPDAKAIADELTDG
RFYYAKVASVTDAGVQPVYSLRVDTADHAFITNGFVSHN
;
_entity_poly.pdbx_strand_id                 A 
_entity_poly.pdbx_target_identifier         ? 
# 
_pdbx_entity_nonpoly.entity_id   2 
_pdbx_entity_nonpoly.name        water 
_pdbx_entity_nonpoly.comp_id     HOH 
# 
loop_
_entity_poly_seq.entity_id 
_entity_poly_seq.num 
_entity_poly_seq.mon_id 
_entity_poly_seq.hetero 
1 1   ALA n 
1 2   SER n 
1 3   ILE n 
1 4   THR n 
1 5   GLY n 
1 6   ASP n 
1 7   ALA n 
1 8   LEU n 
1 9   VAL n 
1 10  ALA n 
1 11  LEU n 
1 12  PRO n 
1 13  GLU n 
1 14  GLY n 
1 15  GLU n 
1 16  SER n 
1 17  VAL n 
1 18  ARG n 
1 19  ILE n 
1 20  ALA n 
1 21  ASP n 
1 22  ILE n 
1 23  VAL n 
1 24  PRO n 
1 25  GLY n 
1 26  ALA n 
1 27  ARG n 
1 28  PRO n 
1 29  ASN n 
1 30  SER n 
1 31  ASP n 
1 32  ASN n 
1 33  ALA n 
1 34  ILE n 
1 35  ASP n 
1 36  LEU n 
1 37  LYS n 
1 38  VAL n 
1 39  LEU n 
1 40  ASP n 
1 41  ARG n 
1 42  HIS n 
1 43  GLY n 
1 44  ASN n 
1 45  PRO n 
1 46  VAL n 
1 47  LEU n 
1 48  ALA n 
1 49  ASP n 
1 50  ARG n 
1 51  LEU n 
1 52  PHE n 
1 53  HIS n 
1 54  SER n 
1 55  GLY n 
1 56  GLU n 
1 57  HIS n 
1 58  PRO n 
1 59  VAL n 
1 60  TYR n 
1 61  ALA n 
1 62  VAL n 
1 63  ARG n 
1 64  THR n 
1 65  VAL n 
1 66  GLU n 
1 67  GLY n 
1 68  LEU n 
1 69  ARG n 
1 70  VAL n 
1 71  THR n 
1 72  GLY n 
1 73  THR n 
1 74  ALA n 
1 75  ASN n 
1 76  HIS n 
1 77  PRO n 
1 78  LEU n 
1 79  LEU n 
1 80  CYS n 
1 81  LEU n 
1 82  VAL n 
1 83  ASP n 
1 84  VAL n 
1 85  ALA n 
1 86  GLY n 
1 87  VAL n 
1 88  PRO n 
1 89  THR n 
1 90  LEU n 
1 91  LEU n 
1 92  TRP n 
1 93  LYS n 
1 94  LEU n 
1 95  ILE n 
1 96  ASP n 
1 97  GLU n 
1 98  ILE n 
1 99  LYS n 
1 100 PRO n 
1 101 GLY n 
1 102 ASP n 
1 103 TYR n 
1 104 ALA n 
1 105 VAL n 
1 106 ILE n 
1 107 GLN n 
1 108 ARG n 
1 109 SER n 
1 110 ALA n 
1 111 PHE n 
1 112 SER n 
1 113 VAL n 
1 114 ASP n 
1 115 CYS n 
1 116 ALA n 
1 117 GLY n 
1 118 PHE n 
1 119 ALA n 
1 120 ARG n 
1 121 GLY n 
1 122 LYS n 
1 123 PRO n 
1 124 GLU n 
1 125 PHE n 
1 126 ALA n 
1 127 PRO n 
1 128 THR n 
1 129 THR n 
1 130 TYR n 
1 131 THR n 
1 132 VAL n 
1 133 GLY n 
1 134 VAL n 
1 135 PRO n 
1 136 GLY n 
1 137 LEU n 
1 138 VAL n 
1 139 ARG n 
1 140 PHE n 
1 141 LEU n 
1 142 GLU n 
1 143 ALA n 
1 144 HIS n 
1 145 HIS n 
1 146 ARG n 
1 147 ASP n 
1 148 PRO n 
1 149 ASP n 
1 150 ALA n 
1 151 LYS n 
1 152 ALA n 
1 153 ILE n 
1 154 ALA n 
1 155 ASP n 
1 156 GLU n 
1 157 LEU n 
1 158 THR n 
1 159 ASP n 
1 160 GLY n 
1 161 ARG n 
1 162 PHE n 
1 163 TYR n 
1 164 TYR n 
1 165 ALA n 
1 166 LYS n 
1 167 VAL n 
1 168 ALA n 
1 169 SER n 
1 170 VAL n 
1 171 THR n 
1 172 ASP n 
1 173 ALA n 
1 174 GLY n 
1 175 VAL n 
1 176 GLN n 
1 177 PRO n 
1 178 VAL n 
1 179 TYR n 
1 180 SER n 
1 181 LEU n 
1 182 ARG n 
1 183 VAL n 
1 184 ASP n 
1 185 THR n 
1 186 ALA n 
1 187 ASP n 
1 188 HIS n 
1 189 ALA n 
1 190 PHE n 
1 191 ILE n 
1 192 THR n 
1 193 ASN n 
1 194 GLY n 
1 195 PHE n 
1 196 VAL n 
1 197 SER n 
1 198 HIS n 
1 199 ASN n 
# 
_entity_src_gen.entity_id                          1 
_entity_src_gen.pdbx_src_id                        1 
_entity_src_gen.pdbx_alt_source_flag               sample 
_entity_src_gen.pdbx_seq_type                      ? 
_entity_src_gen.pdbx_beg_seq_num                   ? 
_entity_src_gen.pdbx_end_seq_num                   ? 
_entity_src_gen.gene_src_common_name               ? 
_entity_src_gen.gene_src_genus                     Mycobacterium 
_entity_src_gen.pdbx_gene_src_gene                 RTP 
_entity_src_gen.gene_src_species                   ? 
_entity_src_gen.gene_src_strain                    ? 
_entity_src_gen.gene_src_tissue                    ? 
_entity_src_gen.gene_src_tissue_fraction           ? 
_entity_src_gen.gene_src_details                   ? 
_entity_src_gen.pdbx_gene_src_fragment             ? 
_entity_src_gen.pdbx_gene_src_scientific_name      'Mycobacterium xenopi' 
_entity_src_gen.pdbx_gene_src_ncbi_taxonomy_id     1789 
_entity_src_gen.pdbx_gene_src_variant              ? 
_entity_src_gen.pdbx_gene_src_cell_line            ? 
_entity_src_gen.pdbx_gene_src_atcc                 ? 
_entity_src_gen.pdbx_gene_src_organ                ? 
_entity_src_gen.pdbx_gene_src_organelle            ? 
_entity_src_gen.pdbx_gene_src_cell                 ? 
_entity_src_gen.pdbx_gene_src_cellular_location    ? 
_entity_src_gen.host_org_common_name               ? 
_entity_src_gen.pdbx_host_org_scientific_name      'Escherichia coli' 
_entity_src_gen.pdbx_host_org_ncbi_taxonomy_id     562 
_entity_src_gen.host_org_genus                     Escherichia 
_entity_src_gen.pdbx_host_org_gene                 RTP 
_entity_src_gen.pdbx_host_org_organ                ? 
_entity_src_gen.host_org_species                   ? 
_entity_src_gen.pdbx_host_org_tissue               ? 
_entity_src_gen.pdbx_host_org_tissue_fraction      ? 
_entity_src_gen.pdbx_host_org_strain               ? 
_entity_src_gen.pdbx_host_org_variant              ? 
_entity_src_gen.pdbx_host_org_cell_line            ? 
_entity_src_gen.pdbx_host_org_atcc                 ? 
_entity_src_gen.pdbx_host_org_culture_collection   ? 
_entity_src_gen.pdbx_host_org_cell                 ? 
_entity_src_gen.pdbx_host_org_organelle            ? 
_entity_src_gen.pdbx_host_org_cellular_location    ? 
_entity_src_gen.pdbx_host_org_vector_type          ? 
_entity_src_gen.pdbx_host_org_vector               ? 
_entity_src_gen.host_org_details                   ? 
_entity_src_gen.expression_system_id               ? 
_entity_src_gen.plasmid_name                       ? 
_entity_src_gen.plasmid_details                    ? 
_entity_src_gen.pdbx_description                   ? 
# 
loop_
_chem_comp.id 
_chem_comp.type 
_chem_comp.mon_nstd_flag 
_chem_comp.name 
_chem_comp.pdbx_synonyms 
_chem_comp.formula 
_chem_comp.formula_weight 
ALA 'L-peptide linking' y ALANINE         ? 'C3 H7 N O2'     89.093  
ARG 'L-peptide linking' y ARGININE        ? 'C6 H15 N4 O2 1' 175.209 
ASN 'L-peptide linking' y ASPARAGINE      ? 'C4 H8 N2 O3'    132.118 
ASP 'L-peptide linking' y 'ASPARTIC ACID' ? 'C4 H7 N O4'     133.103 
CYS 'L-peptide linking' y CYSTEINE        ? 'C3 H7 N O2 S'   121.158 
GLN 'L-peptide linking' y GLUTAMINE       ? 'C5 H10 N2 O3'   146.144 
GLU 'L-peptide linking' y 'GLUTAMIC ACID' ? 'C5 H9 N O4'     147.129 
GLY 'peptide linking'   y GLYCINE         ? 'C2 H5 N O2'     75.067  
HIS 'L-peptide linking' y HISTIDINE       ? 'C6 H10 N3 O2 1' 156.162 
HOH non-polymer         . WATER           ? 'H2 O'           18.015  
ILE 'L-peptide linking' y ISOLEUCINE      ? 'C6 H13 N O2'    131.173 
LEU 'L-peptide linking' y LEUCINE         ? 'C6 H13 N O2'    131.173 
LYS 'L-peptide linking' y LYSINE          ? 'C6 H15 N2 O2 1' 147.195 
PHE 'L-peptide linking' y PHENYLALANINE   ? 'C9 H11 N O2'    165.189 
PRO 'L-peptide linking' y PROLINE         ? 'C5 H9 N O2'     115.130 
SER 'L-peptide linking' y SERINE          ? 'C3 H7 N O3'     105.093 
THR 'L-peptide linking' y THREONINE       ? 'C4 H9 N O3'     119.119 
TRP 'L-peptide linking' y TRYPTOPHAN      ? 'C11 H12 N2 O2'  204.225 
TYR 'L-peptide linking' y TYROSINE        ? 'C9 H11 N O3'    181.189 
VAL 'L-peptide linking' y VALINE          ? 'C5 H11 N O2'    117.146 
# 
loop_
_pdbx_poly_seq_scheme.asym_id 
_pdbx_poly_seq_scheme.entity_id 
_pdbx_poly_seq_scheme.seq_id 
_pdbx_poly_seq_scheme.mon_id 
_pdbx_poly_seq_scheme.ndb_seq_num 
_pdbx_poly_seq_scheme.pdb_seq_num 
_pdbx_poly_seq_scheme.auth_seq_num 
_pdbx_poly_seq_scheme.pdb_mon_id 
_pdbx_poly_seq_scheme.auth_mon_id 
_pdbx_poly_seq_scheme.pdb_strand_id 
_pdbx_poly_seq_scheme.pdb_ins_code 
_pdbx_poly_seq_scheme.hetero 
A 1 1   ALA 1   0   0   ALA ALA A . n 
A 1 2   SER 2   1   1   SER SER A . n 
A 1 3   ILE 3   2   2   ILE ILE A . n 
A 1 4   THR 4   3   3   THR THR A . n 
A 1 5   GLY 5   4   4   GLY GLY A . n 
A 1 6   ASP 6   5   5   ASP ASP A . n 
A 1 7   ALA 7   6   6   ALA ALA A . n 
A 1 8   LEU 8   7   7   LEU LEU A . n 
A 1 9   VAL 9   8   8   VAL VAL A . n 
A 1 10  ALA 10  9   9   ALA ALA A . n 
A 1 11  LEU 11  10  10  LEU LEU A . n 
A 1 12  PRO 12  11  11  PRO PRO A . n 
A 1 13  GLU 13  12  12  GLU GLU A . n 
A 1 14  GLY 14  13  13  GLY GLY A . n 
A 1 15  GLU 15  14  14  GLU GLU A . n 
A 1 16  SER 16  15  15  SER SER A . n 
A 1 17  VAL 17  16  16  VAL VAL A . n 
A 1 18  ARG 18  17  17  ARG ARG A . n 
A 1 19  ILE 19  18  18  ILE ILE A . n 
A 1 20  ALA 20  19  19  ALA ALA A . n 
A 1 21  ASP 21  20  20  ASP ASP A . n 
A 1 22  ILE 22  21  21  ILE ILE A . n 
A 1 23  VAL 23  22  22  VAL VAL A . n 
A 1 24  PRO 24  23  23  PRO PRO A . n 
A 1 25  GLY 25  24  24  GLY GLY A . n 
A 1 26  ALA 26  25  25  ALA ALA A . n 
A 1 27  ARG 27  26  26  ARG ARG A . n 
A 1 28  PRO 28  27  27  PRO PRO A . n 
A 1 29  ASN 29  28  28  ASN ASN A . n 
A 1 30  SER 30  29  29  SER SER A . n 
A 1 31  ASP 31  30  30  ASP ASP A . n 
A 1 32  ASN 32  31  31  ASN ASN A . n 
A 1 33  ALA 33  32  32  ALA ALA A . n 
A 1 34  ILE 34  33  33  ILE ILE A . n 
A 1 35  ASP 35  34  34  ASP ASP A . n 
A 1 36  LEU 36  35  35  LEU LEU A . n 
A 1 37  LYS 37  36  36  LYS LYS A . n 
A 1 38  VAL 38  37  37  VAL VAL A . n 
A 1 39  LEU 39  38  38  LEU LEU A . n 
A 1 40  ASP 40  39  39  ASP ASP A . n 
A 1 41  ARG 41  40  40  ARG ARG A . n 
A 1 42  HIS 42  41  41  HIS HIS A . n 
A 1 43  GLY 43  42  42  GLY GLY A . n 
A 1 44  ASN 44  43  43  ASN ASN A . n 
A 1 45  PRO 45  44  44  PRO PRO A . n 
A 1 46  VAL 46  45  45  VAL VAL A . n 
A 1 47  LEU 47  46  46  LEU LEU A . n 
A 1 48  ALA 48  47  47  ALA ALA A . n 
A 1 49  ASP 49  48  48  ASP ASP A . n 
A 1 50  ARG 50  49  49  ARG ARG A . n 
A 1 51  LEU 51  50  50  LEU LEU A . n 
A 1 52  PHE 52  51  51  PHE PHE A . n 
A 1 53  HIS 53  52  52  HIS HIS A . n 
A 1 54  SER 54  53  53  SER SER A . n 
A 1 55  GLY 55  54  54  GLY GLY A . n 
A 1 56  GLU 56  55  55  GLU GLU A . n 
A 1 57  HIS 57  56  56  HIS HIS A . n 
A 1 58  PRO 58  57  57  PRO PRO A . n 
A 1 59  VAL 59  58  58  VAL VAL A . n 
A 1 60  TYR 60  59  59  TYR TYR A . n 
A 1 61  ALA 61  60  60  ALA ALA A . n 
A 1 62  VAL 62  61  61  VAL VAL A . n 
A 1 63  ARG 63  62  62  ARG ARG A . n 
A 1 64  THR 64  63  63  THR THR A . n 
A 1 65  VAL 65  64  64  VAL VAL A . n 
A 1 66  GLU 66  65  65  GLU GLU A . n 
A 1 67  GLY 67  66  66  GLY GLY A . n 
A 1 68  LEU 68  67  67  LEU LEU A . n 
A 1 69  ARG 69  68  68  ARG ARG A . n 
A 1 70  VAL 70  69  69  VAL VAL A . n 
A 1 71  THR 71  70  70  THR THR A . n 
A 1 72  GLY 72  71  71  GLY GLY A . n 
A 1 73  THR 73  72  72  THR THR A . n 
A 1 74  ALA 74  73  73  ALA ALA A . n 
A 1 75  ASN 75  74  74  ASN ASN A . n 
A 1 76  HIS 76  75  75  HIS HIS A . n 
A 1 77  PRO 77  76  76  PRO PRO A . n 
A 1 78  LEU 78  77  77  LEU LEU A . n 
A 1 79  LEU 79  78  78  LEU LEU A . n 
A 1 80  CYS 80  79  79  CYS CYS A . n 
A 1 81  LEU 81  80  80  LEU LEU A . n 
A 1 82  VAL 82  81  81  VAL VAL A . n 
A 1 83  ASP 83  82  82  ASP ASP A . n 
A 1 84  VAL 84  83  83  VAL VAL A . n 
A 1 85  ALA 85  84  84  ALA ALA A . n 
A 1 86  GLY 86  85  85  GLY GLY A . n 
A 1 87  VAL 87  86  86  VAL VAL A . n 
A 1 88  PRO 88  87  87  PRO PRO A . n 
A 1 89  THR 89  88  88  THR THR A . n 
A 1 90  LEU 90  89  89  LEU LEU A . n 
A 1 91  LEU 91  90  90  LEU LEU A . n 
A 1 92  TRP 92  91  91  TRP TRP A . n 
A 1 93  LYS 93  92  92  LYS LYS A . n 
A 1 94  LEU 94  93  93  LEU LEU A . n 
A 1 95  ILE 95  94  94  ILE ILE A . n 
A 1 96  ASP 96  95  95  ASP ASP A . n 
A 1 97  GLU 97  96  96  GLU GLU A . n 
A 1 98  ILE 98  97  97  ILE ILE A . n 
A 1 99  LYS 99  98  98  LYS LYS A . n 
A 1 100 PRO 100 99  99  PRO PRO A . n 
A 1 101 GLY 101 100 100 GLY GLY A . n 
A 1 102 ASP 102 101 101 ASP ASP A . n 
A 1 103 TYR 103 102 102 TYR TYR A . n 
A 1 104 ALA 104 103 103 ALA ALA A . n 
A 1 105 VAL 105 104 104 VAL VAL A . n 
A 1 106 ILE 106 105 105 ILE ILE A . n 
A 1 107 GLN 107 106 106 GLN GLN A . n 
A 1 108 ARG 108 107 107 ARG ARG A . n 
A 1 109 SER 109 108 108 SER SER A . n 
A 1 110 ALA 110 109 109 ALA ALA A . n 
A 1 111 PHE 111 110 110 PHE PHE A . n 
A 1 112 SER 112 111 111 SER SER A . n 
A 1 113 VAL 113 112 ?   ?   ?   A . n 
A 1 114 ASP 114 113 ?   ?   ?   A . n 
A 1 115 CYS 115 114 ?   ?   ?   A . n 
A 1 116 ALA 116 115 ?   ?   ?   A . n 
A 1 117 GLY 117 116 ?   ?   ?   A . n 
A 1 118 PHE 118 117 ?   ?   ?   A . n 
A 1 119 ALA 119 118 ?   ?   ?   A . n 
A 1 120 ARG 120 119 ?   ?   ?   A . n 
A 1 121 GLY 121 120 ?   ?   ?   A . n 
A 1 122 LYS 122 121 ?   ?   ?   A . n 
A 1 123 PRO 123 122 ?   ?   ?   A . n 
A 1 124 GLU 124 123 ?   ?   ?   A . n 
A 1 125 PHE 125 124 ?   ?   ?   A . n 
A 1 126 ALA 126 125 ?   ?   ?   A . n 
A 1 127 PRO 127 126 ?   ?   ?   A . n 
A 1 128 THR 128 127 ?   ?   ?   A . n 
A 1 129 THR 129 128 ?   ?   ?   A . n 
A 1 130 TYR 130 129 ?   ?   ?   A . n 
A 1 131 THR 131 130 130 THR THR A . n 
A 1 132 VAL 132 131 131 VAL VAL A . n 
A 1 133 GLY 133 132 132 GLY GLY A . n 
A 1 134 VAL 134 133 133 VAL VAL A . n 
A 1 135 PRO 135 134 134 PRO PRO A . n 
A 1 136 GLY 136 135 135 GLY GLY A . n 
A 1 137 LEU 137 136 136 LEU LEU A . n 
A 1 138 VAL 138 137 137 VAL VAL A . n 
A 1 139 ARG 139 138 138 ARG ARG A . n 
A 1 140 PHE 140 139 139 PHE PHE A . n 
A 1 141 LEU 141 140 140 LEU LEU A . n 
A 1 142 GLU 142 141 141 GLU GLU A . n 
A 1 143 ALA 143 142 142 ALA ALA A . n 
A 1 144 HIS 144 143 143 HIS HIS A . n 
A 1 145 HIS 145 144 144 HIS HIS A . n 
A 1 146 ARG 146 145 145 ARG ARG A . n 
A 1 147 ASP 147 146 146 ASP ASP A . n 
A 1 148 PRO 148 147 147 PRO PRO A . n 
A 1 149 ASP 149 148 148 ASP ASP A . n 
A 1 150 ALA 150 149 149 ALA ALA A . n 
A 1 151 LYS 151 150 150 LYS LYS A . n 
A 1 152 ALA 152 151 151 ALA ALA A . n 
A 1 153 ILE 153 152 152 ILE ILE A . n 
A 1 154 ALA 154 153 153 ALA ALA A . n 
A 1 155 ASP 155 154 154 ASP ASP A . n 
A 1 156 GLU 156 155 155 GLU GLU A . n 
A 1 157 LEU 157 156 156 LEU LEU A . n 
A 1 158 THR 158 157 157 THR THR A . n 
A 1 159 ASP 159 158 158 ASP ASP A . n 
A 1 160 GLY 160 159 159 GLY GLY A . n 
A 1 161 ARG 161 160 160 ARG ARG A . n 
A 1 162 PHE 162 161 161 PHE PHE A . n 
A 1 163 TYR 163 162 162 TYR TYR A . n 
A 1 164 TYR 164 163 163 TYR TYR A . n 
A 1 165 ALA 165 164 164 ALA ALA A . n 
A 1 166 LYS 166 165 165 LYS LYS A . n 
A 1 167 VAL 167 166 166 VAL VAL A . n 
A 1 168 ALA 168 167 167 ALA ALA A . n 
A 1 169 SER 169 168 168 SER SER A . n 
A 1 170 VAL 170 169 169 VAL VAL A . n 
A 1 171 THR 171 170 170 THR THR A . n 
A 1 172 ASP 172 171 171 ASP ASP A . n 
A 1 173 ALA 173 172 172 ALA ALA A . n 
A 1 174 GLY 174 173 173 GLY GLY A . n 
A 1 175 VAL 175 174 174 VAL VAL A . n 
A 1 176 GLN 176 175 175 GLN GLN A . n 
A 1 177 PRO 177 176 176 PRO PRO A . n 
A 1 178 VAL 178 177 177 VAL VAL A . n 
A 1 179 TYR 179 178 178 TYR TYR A . n 
A 1 180 SER 180 179 179 SER SER A . n 
A 1 181 LEU 181 180 180 LEU LEU A . n 
A 1 182 ARG 182 181 181 ARG ARG A . n 
A 1 183 VAL 183 182 182 VAL VAL A . n 
A 1 184 ASP 184 183 183 ASP ASP A . n 
A 1 185 THR 185 184 184 THR THR A . n 
A 1 186 ALA 186 185 185 ALA ALA A . n 
A 1 187 ASP 187 186 186 ASP ASP A . n 
A 1 188 HIS 188 187 187 HIS HIS A . n 
A 1 189 ALA 189 188 188 ALA ALA A . n 
A 1 190 PHE 190 189 189 PHE PHE A . n 
A 1 191 ILE 191 190 190 ILE ILE A . n 
A 1 192 THR 192 191 191 THR THR A . n 
A 1 193 ASN 193 192 192 ASN ASN A . n 
A 1 194 GLY 194 193 193 GLY GLY A . n 
A 1 195 PHE 195 194 194 PHE PHE A . n 
A 1 196 VAL 196 195 195 VAL VAL A . n 
A 1 197 SER 197 196 196 SER SER A . n 
A 1 198 HIS 198 197 197 HIS HIS A . n 
A 1 199 ASN 199 198 198 ASN ASN A . n 
# 
loop_
_pdbx_nonpoly_scheme.asym_id 
_pdbx_nonpoly_scheme.entity_id 
_pdbx_nonpoly_scheme.mon_id 
_pdbx_nonpoly_scheme.ndb_seq_num 
_pdbx_nonpoly_scheme.pdb_seq_num 
_pdbx_nonpoly_scheme.auth_seq_num 
_pdbx_nonpoly_scheme.pdb_mon_id 
_pdbx_nonpoly_scheme.auth_mon_id 
_pdbx_nonpoly_scheme.pdb_strand_id 
_pdbx_nonpoly_scheme.pdb_ins_code 
B 2 HOH 1  199 1  HOH HOH A . 
B 2 HOH 2  200 2  HOH HOH A . 
B 2 HOH 3  201 3  HOH HOH A . 
B 2 HOH 4  202 4  HOH HOH A . 
B 2 HOH 5  203 5  HOH HOH A . 
B 2 HOH 6  204 6  HOH HOH A . 
B 2 HOH 7  205 7  HOH HOH A . 
B 2 HOH 8  206 8  HOH HOH A . 
B 2 HOH 9  207 9  HOH HOH A . 
B 2 HOH 10 208 10 HOH HOH A . 
B 2 HOH 11 209 11 HOH HOH A . 
B 2 HOH 12 210 12 HOH HOH A . 
B 2 HOH 13 211 13 HOH HOH A . 
B 2 HOH 14 212 14 HOH HOH A . 
B 2 HOH 15 213 15 HOH HOH A . 
B 2 HOH 16 214 16 HOH HOH A . 
B 2 HOH 17 215 17 HOH HOH A . 
B 2 HOH 18 216 18 HOH HOH A . 
B 2 HOH 19 217 19 HOH HOH A . 
B 2 HOH 20 218 20 HOH HOH A . 
B 2 HOH 21 219 21 HOH HOH A . 
B 2 HOH 22 220 22 HOH HOH A . 
B 2 HOH 23 221 23 HOH HOH A . 
B 2 HOH 24 222 24 HOH HOH A . 
B 2 HOH 25 223 25 HOH HOH A . 
B 2 HOH 26 224 26 HOH HOH A . 
B 2 HOH 27 225 27 HOH HOH A . 
B 2 HOH 28 226 28 HOH HOH A . 
B 2 HOH 29 227 29 HOH HOH A . 
B 2 HOH 30 228 30 HOH HOH A . 
B 2 HOH 31 229 31 HOH HOH A . 
B 2 HOH 32 230 32 HOH HOH A . 
B 2 HOH 33 231 33 HOH HOH A . 
B 2 HOH 34 232 34 HOH HOH A . 
B 2 HOH 35 233 36 HOH HOH A . 
B 2 HOH 36 234 37 HOH HOH A . 
B 2 HOH 37 235 38 HOH HOH A . 
B 2 HOH 38 236 39 HOH HOH A . 
B 2 HOH 39 237 40 HOH HOH A . 
B 2 HOH 40 238 41 HOH HOH A . 
B 2 HOH 41 239 42 HOH HOH A . 
B 2 HOH 42 240 43 HOH HOH A . 
B 2 HOH 43 241 44 HOH HOH A . 
B 2 HOH 44 242 45 HOH HOH A . 
B 2 HOH 45 243 46 HOH HOH A . 
B 2 HOH 46 244 47 HOH HOH A . 
# 
loop_
_software.name 
_software.classification 
_software.version 
_software.citation_id 
_software.pdbx_ordinal 
PHASES    phasing          .   ? 1 
X-PLOR    'model building' 3.1 ? 2 
X-PLOR    refinement       3.1 ? 3 
DENZO     'data reduction' .   ? 4 
SCALEPACK 'data scaling'   .   ? 5 
X-PLOR    phasing          3.1 ? 6 
# 
_cell.entry_id           1AM2 
_cell.length_a           55.700 
_cell.length_b           55.700 
_cell.length_c           133.110 
_cell.angle_alpha        90.00 
_cell.angle_beta         90.00 
_cell.angle_gamma        120.00 
_cell.Z_PDB              6 
_cell.pdbx_unique_axis   ? 
# 
_symmetry.entry_id                         1AM2 
_symmetry.space_group_name_H-M             'P 32 2 1' 
_symmetry.pdbx_full_space_group_name_H-M   ? 
_symmetry.cell_setting                     ? 
_symmetry.Int_Tables_number                154 
# 
_exptl.entry_id          1AM2 
_exptl.method            'X-RAY DIFFRACTION' 
_exptl.crystals_number   1 
# 
_exptl_crystal.id                    1 
_exptl_crystal.density_meas          ? 
_exptl_crystal.density_Matthews      2.77 
_exptl_crystal.density_percent_sol   56. 
_exptl_crystal.description           ? 
# 
_exptl_crystal_grow.crystal_id      1 
_exptl_crystal_grow.method          ? 
_exptl_crystal_grow.temp            ? 
_exptl_crystal_grow.temp_details    ? 
_exptl_crystal_grow.pH              5.5 
_exptl_crystal_grow.pdbx_pH_range   ? 
_exptl_crystal_grow.pdbx_details    'pH 5.5' 
# 
_diffrn.id                     1 
_diffrn.ambient_temp           293 
_diffrn.ambient_temp_details   ? 
_diffrn.crystal_id             1 
# 
_diffrn_detector.diffrn_id              1 
_diffrn_detector.detector               'IMAGE PLATE' 
_diffrn_detector.type                   MACSCIENCE 
_diffrn_detector.pdbx_collection_date   1997-03-23 
_diffrn_detector.details                MIRRORS 
# 
_diffrn_radiation.diffrn_id                        1 
_diffrn_radiation.wavelength_id                    1 
_diffrn_radiation.pdbx_monochromatic_or_laue_m_l   M 
_diffrn_radiation.monochromator                    'NI FILTER' 
_diffrn_radiation.pdbx_diffrn_protocol             ? 
_diffrn_radiation.pdbx_scattering_type             x-ray 
# 
_diffrn_radiation_wavelength.id           1 
_diffrn_radiation_wavelength.wavelength   1.5418 
_diffrn_radiation_wavelength.wt           1.0 
# 
_diffrn_source.diffrn_id                   1 
_diffrn_source.source                      'ROTATING ANODE' 
_diffrn_source.type                        'RIGAKU RU300' 
_diffrn_source.pdbx_synchrotron_site       ? 
_diffrn_source.pdbx_synchrotron_beamline   ? 
_diffrn_source.pdbx_wavelength             1.5418 
_diffrn_source.pdbx_wavelength_list        ? 
# 
_reflns.entry_id                     1AM2 
_reflns.observed_criterion_sigma_I   0. 
_reflns.observed_criterion_sigma_F   ? 
_reflns.d_resolution_low             20. 
_reflns.d_resolution_high            2.1 
_reflns.number_obs                   14058 
_reflns.number_all                   ? 
_reflns.percent_possible_obs         96.1 
_reflns.pdbx_Rmerge_I_obs            0.0490000 
_reflns.pdbx_Rsym_value              0.0490000 
_reflns.pdbx_netI_over_sigmaI        15.2 
_reflns.B_iso_Wilson_estimate        32.1 
_reflns.pdbx_redundancy              4.18 
_reflns.pdbx_diffrn_id               1 
_reflns.pdbx_ordinal                 1 
# 
_reflns_shell.d_res_high             2.10 
_reflns_shell.d_res_low              2.17 
_reflns_shell.percent_possible_all   96.8 
_reflns_shell.Rmerge_I_obs           0.2500000 
_reflns_shell.pdbx_Rsym_value        0.2500000 
_reflns_shell.meanI_over_sigI_obs    4.65 
_reflns_shell.pdbx_redundancy        3.67 
_reflns_shell.pdbx_diffrn_id         ? 
_reflns_shell.pdbx_ordinal           1 
# 
_refine.entry_id                                 1AM2 
_refine.ls_number_reflns_obs                     11243 
_refine.ls_number_reflns_all                     ? 
_refine.pdbx_ls_sigma_I                          ? 
_refine.pdbx_ls_sigma_F                          3. 
_refine.pdbx_data_cutoff_high_absF               ? 
_refine.pdbx_data_cutoff_low_absF                ? 
_refine.pdbx_data_cutoff_high_rms_absF           ? 
_refine.ls_d_res_low                             8.0 
_refine.ls_d_res_high                            2.2 
_refine.ls_percent_reflns_obs                    90.4 
_refine.ls_R_factor_obs                          0.1870000 
_refine.ls_R_factor_all                          ? 
_refine.ls_R_factor_R_work                       0.1870000 
_refine.ls_R_factor_R_free                       0.2520000 
_refine.ls_R_factor_R_free_error                 ? 
_refine.ls_R_factor_R_free_error_details         ? 
_refine.ls_percent_reflns_R_free                 10. 
_refine.ls_number_reflns_R_free                  ? 
_refine.ls_number_parameters                     ? 
_refine.ls_number_restraints                     ? 
_refine.occupancy_min                            ? 
_refine.occupancy_max                            ? 
_refine.B_iso_mean                               31.8 
_refine.aniso_B[1][1]                            ? 
_refine.aniso_B[2][2]                            ? 
_refine.aniso_B[3][3]                            ? 
_refine.aniso_B[1][2]                            ? 
_refine.aniso_B[1][3]                            ? 
_refine.aniso_B[2][3]                            ? 
_refine.solvent_model_details                    ? 
_refine.solvent_model_param_ksol                 ? 
_refine.solvent_model_param_bsol                 ? 
_refine.pdbx_ls_cross_valid_method               ? 
_refine.details                                  ? 
_refine.pdbx_starting_model                      ? 
_refine.pdbx_method_to_determine_struct          'MULTIPLE ISOMORPHOUS REPLACEMENT' 
_refine.pdbx_isotropic_thermal_model             ? 
_refine.pdbx_stereochemistry_target_values       ? 
_refine.pdbx_stereochem_target_val_spec_case     ? 
_refine.pdbx_R_Free_selection_details            RANDOM 
_refine.pdbx_overall_ESU_R                       ? 
_refine.pdbx_overall_ESU_R_Free                  ? 
_refine.overall_SU_ML                            ? 
_refine.overall_SU_B                             ? 
_refine.pdbx_refine_id                           'X-RAY DIFFRACTION' 
_refine.pdbx_diffrn_id                           1 
_refine.pdbx_TLS_residual_ADP_flag               ? 
_refine.correlation_coeff_Fo_to_Fc               ? 
_refine.correlation_coeff_Fo_to_Fc_free          ? 
_refine.pdbx_solvent_vdw_probe_radii             ? 
_refine.pdbx_solvent_ion_probe_radii             ? 
_refine.pdbx_solvent_shrinkage_radii             ? 
_refine.pdbx_overall_phase_error                 ? 
_refine.overall_SU_R_Cruickshank_DPI             ? 
_refine.pdbx_overall_SU_R_free_Cruickshank_DPI   ? 
_refine.pdbx_overall_SU_R_Blow_DPI               ? 
_refine.pdbx_overall_SU_R_free_Blow_DPI          ? 
# 
_refine_hist.pdbx_refine_id                   'X-RAY DIFFRACTION' 
_refine_hist.cycle_id                         LAST 
_refine_hist.pdbx_number_atoms_protein        1375 
_refine_hist.pdbx_number_atoms_nucleic_acid   0 
_refine_hist.pdbx_number_atoms_ligand         0 
_refine_hist.number_atoms_solvent             46 
_refine_hist.number_atoms_total               1421 
_refine_hist.d_res_high                       2.2 
_refine_hist.d_res_low                        8.0 
# 
loop_
_refine_ls_restr.type 
_refine_ls_restr.dev_ideal 
_refine_ls_restr.dev_ideal_target 
_refine_ls_restr.weight 
_refine_ls_restr.number 
_refine_ls_restr.pdbx_refine_id 
_refine_ls_restr.pdbx_restraint_function 
x_bond_d                0.017 ? ? ? 'X-RAY DIFFRACTION' ? 
x_bond_d_na             ?     ? ? ? 'X-RAY DIFFRACTION' ? 
x_bond_d_prot           ?     ? ? ? 'X-RAY DIFFRACTION' ? 
x_angle_d               ?     ? ? ? 'X-RAY DIFFRACTION' ? 
x_angle_d_na            ?     ? ? ? 'X-RAY DIFFRACTION' ? 
x_angle_d_prot          ?     ? ? ? 'X-RAY DIFFRACTION' ? 
x_angle_deg             2.462 ? ? ? 'X-RAY DIFFRACTION' ? 
x_angle_deg_na          ?     ? ? ? 'X-RAY DIFFRACTION' ? 
x_angle_deg_prot        ?     ? ? ? 'X-RAY DIFFRACTION' ? 
x_dihedral_angle_d      ?     ? ? ? 'X-RAY DIFFRACTION' ? 
x_dihedral_angle_d_na   ?     ? ? ? 'X-RAY DIFFRACTION' ? 
x_dihedral_angle_d_prot ?     ? ? ? 'X-RAY DIFFRACTION' ? 
x_improper_angle_d      ?     ? ? ? 'X-RAY DIFFRACTION' ? 
x_improper_angle_d_na   ?     ? ? ? 'X-RAY DIFFRACTION' ? 
x_improper_angle_d_prot ?     ? ? ? 'X-RAY DIFFRACTION' ? 
x_mcbond_it             ?     ? ? ? 'X-RAY DIFFRACTION' ? 
x_mcangle_it            ?     ? ? ? 'X-RAY DIFFRACTION' ? 
x_scbond_it             ?     ? ? ? 'X-RAY DIFFRACTION' ? 
x_scangle_it            ?     ? ? ? 'X-RAY DIFFRACTION' ? 
# 
_refine_ls_shell.pdbx_total_number_of_bins_used   20 
_refine_ls_shell.d_res_high                       2.20 
_refine_ls_shell.d_res_low                        2.24 
_refine_ls_shell.number_reflns_R_work             459 
_refine_ls_shell.R_factor_R_work                  0.2625000 
_refine_ls_shell.percent_reflns_obs               84.3 
_refine_ls_shell.R_factor_R_free                  0.3276000 
_refine_ls_shell.R_factor_R_free_error            ? 
_refine_ls_shell.percent_reflns_R_free            8.73 
_refine_ls_shell.number_reflns_R_free             ? 
_refine_ls_shell.pdbx_refine_id                   'X-RAY DIFFRACTION' 
_refine_ls_shell.number_reflns_all                ? 
_refine_ls_shell.R_factor_all                     ? 
# 
loop_
_pdbx_xplor_file.serial_no 
_pdbx_xplor_file.param_file 
_pdbx_xplor_file.topol_file 
_pdbx_xplor_file.pdbx_refine_id 
1 PARHCSDX.PRO TOPHCSDX.PRO 'X-RAY DIFFRACTION' 
2 ?            ?            'X-RAY DIFFRACTION' 
# 
_struct.entry_id                  1AM2 
_struct.title                     'GYRA INTEIN FROM MYCOBACTERIUM XENOPI' 
_struct.pdbx_model_details        ? 
_struct.pdbx_CASP_flag            ? 
_struct.pdbx_model_type_details   ? 
# 
_struct_keywords.entry_id        1AM2 
_struct_keywords.pdbx_keywords   INTEIN 
_struct_keywords.text            'INTEIN, PROTEIN SPLICING' 
# 
loop_
_struct_asym.id 
_struct_asym.pdbx_blank_PDB_chainid_flag 
_struct_asym.pdbx_modified 
_struct_asym.entity_id 
_struct_asym.details 
A N N 1 ? 
B N N 2 ? 
# 
_struct_ref.id                         1 
_struct_ref.db_name                    UNP 
_struct_ref.db_code                    GYRA_MYCXE 
_struct_ref.entity_id                  1 
_struct_ref.pdbx_db_accession          P72065 
_struct_ref.pdbx_align_begin           1 
_struct_ref.pdbx_seq_one_letter_code   
;RPDRSHAKSARSVAETMGNYHPHGDASIYDTLVRMAQPWSMRYPLVDGQGNFGSPGNDPPAAMRYCITGDALVALPEGES
VRIADIVPGARPNSDNAIDLKVLDRHGNPVLADRLFHSGEHPVYTVRTVEGLRVTGTANHPLLCLVDVAGVPTLLWKLID
EIKPGDYAVIQRSAFSVDCAGFARGKPEFAPTTYTVGVPGLVRFLEAHHRDPDAQAIADELTDGRFYYAKVASVTDAGVQ
PVYSLRVDTADHAFITNGFVSHNTEAPLTPLAMEMLREIDEETVDFIPNYDGRVQEPTVLPSRFPNLLANGSGGIAVGMA
TNIPPHN
;
_struct_ref.pdbx_db_isoform            ? 
# 
_struct_ref_seq.align_id                      1 
_struct_ref_seq.ref_id                        1 
_struct_ref_seq.pdbx_PDB_id_code              1AM2 
_struct_ref_seq.pdbx_strand_id                A 
_struct_ref_seq.seq_align_beg                 3 
_struct_ref_seq.pdbx_seq_align_beg_ins_code   ? 
_struct_ref_seq.seq_align_end                 199 
_struct_ref_seq.pdbx_seq_align_end_ins_code   ? 
_struct_ref_seq.pdbx_db_accession             P72065 
_struct_ref_seq.db_align_beg                  67 
_struct_ref_seq.pdbx_db_align_beg_ins_code    ? 
_struct_ref_seq.db_align_end                  263 
_struct_ref_seq.pdbx_db_align_end_ins_code    ? 
_struct_ref_seq.pdbx_auth_seq_align_beg       2 
_struct_ref_seq.pdbx_auth_seq_align_end       198 
# 
loop_
_struct_ref_seq_dif.align_id 
_struct_ref_seq_dif.pdbx_pdb_id_code 
_struct_ref_seq_dif.mon_id 
_struct_ref_seq_dif.pdbx_pdb_strand_id 
_struct_ref_seq_dif.seq_num 
_struct_ref_seq_dif.pdbx_pdb_ins_code 
_struct_ref_seq_dif.pdbx_seq_db_name 
_struct_ref_seq_dif.pdbx_seq_db_accession_code 
_struct_ref_seq_dif.db_mon_id 
_struct_ref_seq_dif.pdbx_seq_db_seq_num 
_struct_ref_seq_dif.details 
_struct_ref_seq_dif.pdbx_auth_seq_num 
_struct_ref_seq_dif.pdbx_ordinal 
1 1AM2 ALA A 61  ? UNP P72065 THR 125 variant 60  1 
1 1AM2 LYS A 151 ? UNP P72065 GLN 215 variant 150 2 
# 
_pdbx_struct_assembly.id                   1 
_pdbx_struct_assembly.details              author_defined_assembly 
_pdbx_struct_assembly.method_details       ? 
_pdbx_struct_assembly.oligomeric_details   dimeric 
_pdbx_struct_assembly.oligomeric_count     2 
# 
_pdbx_struct_assembly_gen.assembly_id       1 
_pdbx_struct_assembly_gen.oper_expression   1,2 
_pdbx_struct_assembly_gen.asym_id_list      A,B 
# 
loop_
_pdbx_struct_oper_list.id 
_pdbx_struct_oper_list.type 
_pdbx_struct_oper_list.name 
_pdbx_struct_oper_list.symmetry_operation 
_pdbx_struct_oper_list.matrix[1][1] 
_pdbx_struct_oper_list.matrix[1][2] 
_pdbx_struct_oper_list.matrix[1][3] 
_pdbx_struct_oper_list.vector[1] 
_pdbx_struct_oper_list.matrix[2][1] 
_pdbx_struct_oper_list.matrix[2][2] 
_pdbx_struct_oper_list.matrix[2][3] 
_pdbx_struct_oper_list.vector[2] 
_pdbx_struct_oper_list.matrix[3][1] 
_pdbx_struct_oper_list.matrix[3][2] 
_pdbx_struct_oper_list.matrix[3][3] 
_pdbx_struct_oper_list.vector[3] 
1 'identity operation'         1_555 x,y,z          1.0000000000 0.0000000000  0.0000000000 0.0000000000   0.0000000000  1.0000000000  0.0000000000  0.0000000000   0.0000000000 0.0000000000  1.0000000000  0.0000000000  
2 'crystal symmetry operation' 6_555 -x,-x+y,-z+2/3 0.1670484772 -0.7925599416 0.5864670028 -16.7123947189 -0.7925599416 -0.4617607809 -0.3982784456 -26.5453348629 0.5864670028 -0.3982784456 -0.7052876962 -2.6166761886 
# 
_struct_biol.id   1 
# 
loop_
_struct_conf.conf_type_id 
_struct_conf.id 
_struct_conf.pdbx_PDB_helix_id 
_struct_conf.beg_label_comp_id 
_struct_conf.beg_label_asym_id 
_struct_conf.beg_label_seq_id 
_struct_conf.pdbx_beg_PDB_ins_code 
_struct_conf.end_label_comp_id 
_struct_conf.end_label_asym_id 
_struct_conf.end_label_seq_id 
_struct_conf.pdbx_end_PDB_ins_code 
_struct_conf.beg_auth_comp_id 
_struct_conf.beg_auth_asym_id 
_struct_conf.beg_auth_seq_id 
_struct_conf.end_auth_comp_id 
_struct_conf.end_auth_asym_id 
_struct_conf.end_auth_seq_id 
_struct_conf.pdbx_PDB_helix_class 
_struct_conf.details 
_struct_conf.pdbx_PDB_helix_length 
HELX_P HELX_P1 1 ILE A 19  ? ASP A 21  ? ILE A 18  ASP A 20  5 ? 3 
HELX_P HELX_P2 2 ILE A 95  ? GLU A 97  ? ILE A 94  GLU A 96  5 ? 3 
HELX_P HELX_P3 3 ARG A 108 ? ALA A 110 ? ARG A 107 ALA A 109 5 ? 3 
HELX_P HELX_P4 4 LEU A 137 ? ALA A 143 ? LEU A 136 ALA A 142 1 ? 7 
HELX_P HELX_P5 5 ALA A 150 ? THR A 158 ? ALA A 149 THR A 157 1 ? 9 
# 
_struct_conf_type.id          HELX_P 
_struct_conf_type.criteria    ? 
_struct_conf_type.reference   ? 
# 
_struct_mon_prot_cis.pdbx_id                1 
_struct_mon_prot_cis.label_comp_id          ALA 
_struct_mon_prot_cis.label_seq_id           1 
_struct_mon_prot_cis.label_asym_id          A 
_struct_mon_prot_cis.label_alt_id           . 
_struct_mon_prot_cis.pdbx_PDB_ins_code      ? 
_struct_mon_prot_cis.auth_comp_id           ALA 
_struct_mon_prot_cis.auth_seq_id            0 
_struct_mon_prot_cis.auth_asym_id           A 
_struct_mon_prot_cis.pdbx_label_comp_id_2   SER 
_struct_mon_prot_cis.pdbx_label_seq_id_2    2 
_struct_mon_prot_cis.pdbx_label_asym_id_2   A 
_struct_mon_prot_cis.pdbx_PDB_ins_code_2    ? 
_struct_mon_prot_cis.pdbx_auth_comp_id_2    SER 
_struct_mon_prot_cis.pdbx_auth_seq_id_2     1 
_struct_mon_prot_cis.pdbx_auth_asym_id_2    A 
_struct_mon_prot_cis.pdbx_PDB_model_num     1 
_struct_mon_prot_cis.pdbx_omega_angle       0.69 
# 
loop_
_struct_sheet.id 
_struct_sheet.type 
_struct_sheet.number_strands 
_struct_sheet.details 
A ? 2 ? 
B ? 3 ? 
C ? 2 ? 
D ? 3 ? 
E ? 2 ? 
F ? 2 ? 
G ? 2 ? 
# 
loop_
_struct_sheet_order.sheet_id 
_struct_sheet_order.range_id_1 
_struct_sheet_order.range_id_2 
_struct_sheet_order.offset 
_struct_sheet_order.sense 
A 1 2 ? anti-parallel 
B 1 2 ? anti-parallel 
B 2 3 ? anti-parallel 
C 1 2 ? anti-parallel 
D 1 2 ? anti-parallel 
D 2 3 ? anti-parallel 
E 1 2 ? anti-parallel 
F 1 2 ? anti-parallel 
G 1 2 ? anti-parallel 
# 
loop_
_struct_sheet_range.sheet_id 
_struct_sheet_range.id 
_struct_sheet_range.beg_label_comp_id 
_struct_sheet_range.beg_label_asym_id 
_struct_sheet_range.beg_label_seq_id 
_struct_sheet_range.pdbx_beg_PDB_ins_code 
_struct_sheet_range.end_label_comp_id 
_struct_sheet_range.end_label_asym_id 
_struct_sheet_range.end_label_seq_id 
_struct_sheet_range.pdbx_end_PDB_ins_code 
_struct_sheet_range.beg_auth_comp_id 
_struct_sheet_range.beg_auth_asym_id 
_struct_sheet_range.beg_auth_seq_id 
_struct_sheet_range.end_auth_comp_id 
_struct_sheet_range.end_auth_asym_id 
_struct_sheet_range.end_auth_seq_id 
A 1 LEU A 8   ? ALA A 10  ? LEU A 7   ALA A 9   
A 2 SER A 16  ? ARG A 18  ? SER A 15  ARG A 17  
B 1 SER A 30  ? ALA A 33  ? SER A 29  ALA A 32  
B 2 ALA A 48  ? HIS A 53  ? ALA A 47  HIS A 52  
B 3 TYR A 179 ? VAL A 183 ? TYR A 178 VAL A 182 
C 1 LEU A 36  ? LEU A 39  ? LEU A 35  LEU A 38  
C 2 PRO A 45  ? ALA A 48  ? PRO A 44  ALA A 47  
D 1 ARG A 69  ? THR A 73  ? ARG A 68  THR A 72  
D 2 GLU A 56  ? ARG A 63  ? GLU A 55  ARG A 62  
D 3 SER A 169 ? PRO A 177 ? SER A 168 PRO A 176 
E 1 PRO A 77  ? VAL A 84  ? PRO A 76  VAL A 83  
E 2 VAL A 87  ? LEU A 94  ? VAL A 86  LEU A 93  
F 1 TYR A 103 ? GLN A 107 ? TYR A 102 GLN A 106 
F 2 PHE A 162 ? LYS A 166 ? PHE A 161 LYS A 165 
G 1 ALA A 189 ? THR A 192 ? ALA A 188 THR A 191 
G 2 PHE A 195 ? HIS A 198 ? PHE A 194 HIS A 197 
# 
loop_
_pdbx_struct_sheet_hbond.sheet_id 
_pdbx_struct_sheet_hbond.range_id_1 
_pdbx_struct_sheet_hbond.range_id_2 
_pdbx_struct_sheet_hbond.range_1_label_atom_id 
_pdbx_struct_sheet_hbond.range_1_label_comp_id 
_pdbx_struct_sheet_hbond.range_1_label_asym_id 
_pdbx_struct_sheet_hbond.range_1_label_seq_id 
_pdbx_struct_sheet_hbond.range_1_PDB_ins_code 
_pdbx_struct_sheet_hbond.range_1_auth_atom_id 
_pdbx_struct_sheet_hbond.range_1_auth_comp_id 
_pdbx_struct_sheet_hbond.range_1_auth_asym_id 
_pdbx_struct_sheet_hbond.range_1_auth_seq_id 
_pdbx_struct_sheet_hbond.range_2_label_atom_id 
_pdbx_struct_sheet_hbond.range_2_label_comp_id 
_pdbx_struct_sheet_hbond.range_2_label_asym_id 
_pdbx_struct_sheet_hbond.range_2_label_seq_id 
_pdbx_struct_sheet_hbond.range_2_PDB_ins_code 
_pdbx_struct_sheet_hbond.range_2_auth_atom_id 
_pdbx_struct_sheet_hbond.range_2_auth_comp_id 
_pdbx_struct_sheet_hbond.range_2_auth_asym_id 
_pdbx_struct_sheet_hbond.range_2_auth_seq_id 
A 1 2 O VAL A 9   ? O VAL A 8   N VAL A 17  ? N VAL A 16  
B 1 2 O SER A 30  ? O SER A 29  N HIS A 53  ? N HIS A 52  
B 2 3 O ASP A 49  ? O ASP A 48  N ARG A 182 ? N ARG A 181 
C 1 2 O LEU A 36  ? O LEU A 35  N ALA A 48  ? N ALA A 47  
D 1 2 O VAL A 70  ? O VAL A 69  N VAL A 62  ? N VAL A 61  
D 2 3 O HIS A 57  ? O HIS A 56  N GLN A 176 ? N GLN A 175 
E 1 2 O LEU A 78  ? O LEU A 77  N LYS A 93  ? N LYS A 92  
F 1 2 O ALA A 104 ? O ALA A 103 N ALA A 165 ? N ALA A 164 
G 1 2 O PHE A 190 ? O PHE A 189 N SER A 197 ? N SER A 196 
# 
loop_
_pdbx_validate_rmsd_angle.id 
_pdbx_validate_rmsd_angle.PDB_model_num 
_pdbx_validate_rmsd_angle.auth_atom_id_1 
_pdbx_validate_rmsd_angle.auth_asym_id_1 
_pdbx_validate_rmsd_angle.auth_comp_id_1 
_pdbx_validate_rmsd_angle.auth_seq_id_1 
_pdbx_validate_rmsd_angle.PDB_ins_code_1 
_pdbx_validate_rmsd_angle.label_alt_id_1 
_pdbx_validate_rmsd_angle.auth_atom_id_2 
_pdbx_validate_rmsd_angle.auth_asym_id_2 
_pdbx_validate_rmsd_angle.auth_comp_id_2 
_pdbx_validate_rmsd_angle.auth_seq_id_2 
_pdbx_validate_rmsd_angle.PDB_ins_code_2 
_pdbx_validate_rmsd_angle.label_alt_id_2 
_pdbx_validate_rmsd_angle.auth_atom_id_3 
_pdbx_validate_rmsd_angle.auth_asym_id_3 
_pdbx_validate_rmsd_angle.auth_comp_id_3 
_pdbx_validate_rmsd_angle.auth_seq_id_3 
_pdbx_validate_rmsd_angle.PDB_ins_code_3 
_pdbx_validate_rmsd_angle.label_alt_id_3 
_pdbx_validate_rmsd_angle.angle_value 
_pdbx_validate_rmsd_angle.angle_target_value 
_pdbx_validate_rmsd_angle.angle_deviation 
_pdbx_validate_rmsd_angle.angle_standard_deviation 
_pdbx_validate_rmsd_angle.linker_flag 
1 1 NE A ARG 49  ? ? CZ A ARG 49  ? ? NH1 A ARG 49  ? ? 125.15 120.30 4.85   0.50 N 
2 1 N  A ASP 146 ? ? CA A ASP 146 ? ? C   A ASP 146 ? ? 90.08  111.00 -20.92 2.70 N 
# 
loop_
_pdbx_validate_torsion.id 
_pdbx_validate_torsion.PDB_model_num 
_pdbx_validate_torsion.auth_comp_id 
_pdbx_validate_torsion.auth_asym_id 
_pdbx_validate_torsion.auth_seq_id 
_pdbx_validate_torsion.PDB_ins_code 
_pdbx_validate_torsion.label_alt_id 
_pdbx_validate_torsion.phi 
_pdbx_validate_torsion.psi 
1 1 HIS A 143 ? ? -93.45 -80.61 
2 1 HIS A 144 ? ? 51.55  -62.01 
# 
loop_
_pdbx_unobs_or_zero_occ_residues.id 
_pdbx_unobs_or_zero_occ_residues.PDB_model_num 
_pdbx_unobs_or_zero_occ_residues.polymer_flag 
_pdbx_unobs_or_zero_occ_residues.occupancy_flag 
_pdbx_unobs_or_zero_occ_residues.auth_asym_id 
_pdbx_unobs_or_zero_occ_residues.auth_comp_id 
_pdbx_unobs_or_zero_occ_residues.auth_seq_id 
_pdbx_unobs_or_zero_occ_residues.PDB_ins_code 
_pdbx_unobs_or_zero_occ_residues.label_asym_id 
_pdbx_unobs_or_zero_occ_residues.label_comp_id 
_pdbx_unobs_or_zero_occ_residues.label_seq_id 
1  1 Y 1 A VAL 112 ? A VAL 113 
2  1 Y 1 A ASP 113 ? A ASP 114 
3  1 Y 1 A CYS 114 ? A CYS 115 
4  1 Y 1 A ALA 115 ? A ALA 116 
5  1 Y 1 A GLY 116 ? A GLY 117 
6  1 Y 1 A PHE 117 ? A PHE 118 
7  1 Y 1 A ALA 118 ? A ALA 119 
8  1 Y 1 A ARG 119 ? A ARG 120 
9  1 Y 1 A GLY 120 ? A GLY 121 
10 1 Y 1 A LYS 121 ? A LYS 122 
11 1 Y 1 A PRO 122 ? A PRO 123 
12 1 Y 1 A GLU 123 ? A GLU 124 
13 1 Y 1 A PHE 124 ? A PHE 125 
14 1 Y 1 A ALA 125 ? A ALA 126 
15 1 Y 1 A PRO 126 ? A PRO 127 
16 1 Y 1 A THR 127 ? A THR 128 
17 1 Y 1 A THR 128 ? A THR 129 
18 1 Y 1 A TYR 129 ? A TYR 130 
# 
loop_
_chem_comp_atom.comp_id 
_chem_comp_atom.atom_id 
_chem_comp_atom.type_symbol 
_chem_comp_atom.pdbx_aromatic_flag 
_chem_comp_atom.pdbx_stereo_config 
_chem_comp_atom.pdbx_ordinal 
ALA N    N N N 1   
ALA CA   C N S 2   
ALA C    C N N 3   
ALA O    O N N 4   
ALA CB   C N N 5   
ALA OXT  O N N 6   
ALA H    H N N 7   
ALA H2   H N N 8   
ALA HA   H N N 9   
ALA HB1  H N N 10  
ALA HB2  H N N 11  
ALA HB3  H N N 12  
ALA HXT  H N N 13  
ARG N    N N N 14  
ARG CA   C N S 15  
ARG C    C N N 16  
ARG O    O N N 17  
ARG CB   C N N 18  
ARG CG   C N N 19  
ARG CD   C N N 20  
ARG NE   N N N 21  
ARG CZ   C N N 22  
ARG NH1  N N N 23  
ARG NH2  N N N 24  
ARG OXT  O N N 25  
ARG H    H N N 26  
ARG H2   H N N 27  
ARG HA   H N N 28  
ARG HB2  H N N 29  
ARG HB3  H N N 30  
ARG HG2  H N N 31  
ARG HG3  H N N 32  
ARG HD2  H N N 33  
ARG HD3  H N N 34  
ARG HE   H N N 35  
ARG HH11 H N N 36  
ARG HH12 H N N 37  
ARG HH21 H N N 38  
ARG HH22 H N N 39  
ARG HXT  H N N 40  
ASN N    N N N 41  
ASN CA   C N S 42  
ASN C    C N N 43  
ASN O    O N N 44  
ASN CB   C N N 45  
ASN CG   C N N 46  
ASN OD1  O N N 47  
ASN ND2  N N N 48  
ASN OXT  O N N 49  
ASN H    H N N 50  
ASN H2   H N N 51  
ASN HA   H N N 52  
ASN HB2  H N N 53  
ASN HB3  H N N 54  
ASN HD21 H N N 55  
ASN HD22 H N N 56  
ASN HXT  H N N 57  
ASP N    N N N 58  
ASP CA   C N S 59  
ASP C    C N N 60  
ASP O    O N N 61  
ASP CB   C N N 62  
ASP CG   C N N 63  
ASP OD1  O N N 64  
ASP OD2  O N N 65  
ASP OXT  O N N 66  
ASP H    H N N 67  
ASP H2   H N N 68  
ASP HA   H N N 69  
ASP HB2  H N N 70  
ASP HB3  H N N 71  
ASP HD2  H N N 72  
ASP HXT  H N N 73  
CYS N    N N N 74  
CYS CA   C N R 75  
CYS C    C N N 76  
CYS O    O N N 77  
CYS CB   C N N 78  
CYS SG   S N N 79  
CYS OXT  O N N 80  
CYS H    H N N 81  
CYS H2   H N N 82  
CYS HA   H N N 83  
CYS HB2  H N N 84  
CYS HB3  H N N 85  
CYS HG   H N N 86  
CYS HXT  H N N 87  
GLN N    N N N 88  
GLN CA   C N S 89  
GLN C    C N N 90  
GLN O    O N N 91  
GLN CB   C N N 92  
GLN CG   C N N 93  
GLN CD   C N N 94  
GLN OE1  O N N 95  
GLN NE2  N N N 96  
GLN OXT  O N N 97  
GLN H    H N N 98  
GLN H2   H N N 99  
GLN HA   H N N 100 
GLN HB2  H N N 101 
GLN HB3  H N N 102 
GLN HG2  H N N 103 
GLN HG3  H N N 104 
GLN HE21 H N N 105 
GLN HE22 H N N 106 
GLN HXT  H N N 107 
GLU N    N N N 108 
GLU CA   C N S 109 
GLU C    C N N 110 
GLU O    O N N 111 
GLU CB   C N N 112 
GLU CG   C N N 113 
GLU CD   C N N 114 
GLU OE1  O N N 115 
GLU OE2  O N N 116 
GLU OXT  O N N 117 
GLU H    H N N 118 
GLU H2   H N N 119 
GLU HA   H N N 120 
GLU HB2  H N N 121 
GLU HB3  H N N 122 
GLU HG2  H N N 123 
GLU HG3  H N N 124 
GLU HE2  H N N 125 
GLU HXT  H N N 126 
GLY N    N N N 127 
GLY CA   C N N 128 
GLY C    C N N 129 
GLY O    O N N 130 
GLY OXT  O N N 131 
GLY H    H N N 132 
GLY H2   H N N 133 
GLY HA2  H N N 134 
GLY HA3  H N N 135 
GLY HXT  H N N 136 
HIS N    N N N 137 
HIS CA   C N S 138 
HIS C    C N N 139 
HIS O    O N N 140 
HIS CB   C N N 141 
HIS CG   C Y N 142 
HIS ND1  N Y N 143 
HIS CD2  C Y N 144 
HIS CE1  C Y N 145 
HIS NE2  N Y N 146 
HIS OXT  O N N 147 
HIS H    H N N 148 
HIS H2   H N N 149 
HIS HA   H N N 150 
HIS HB2  H N N 151 
HIS HB3  H N N 152 
HIS HD1  H N N 153 
HIS HD2  H N N 154 
HIS HE1  H N N 155 
HIS HE2  H N N 156 
HIS HXT  H N N 157 
HOH O    O N N 158 
HOH H1   H N N 159 
HOH H2   H N N 160 
ILE N    N N N 161 
ILE CA   C N S 162 
ILE C    C N N 163 
ILE O    O N N 164 
ILE CB   C N S 165 
ILE CG1  C N N 166 
ILE CG2  C N N 167 
ILE CD1  C N N 168 
ILE OXT  O N N 169 
ILE H    H N N 170 
ILE H2   H N N 171 
ILE HA   H N N 172 
ILE HB   H N N 173 
ILE HG12 H N N 174 
ILE HG13 H N N 175 
ILE HG21 H N N 176 
ILE HG22 H N N 177 
ILE HG23 H N N 178 
ILE HD11 H N N 179 
ILE HD12 H N N 180 
ILE HD13 H N N 181 
ILE HXT  H N N 182 
LEU N    N N N 183 
LEU CA   C N S 184 
LEU C    C N N 185 
LEU O    O N N 186 
LEU CB   C N N 187 
LEU CG   C N N 188 
LEU CD1  C N N 189 
LEU CD2  C N N 190 
LEU OXT  O N N 191 
LEU H    H N N 192 
LEU H2   H N N 193 
LEU HA   H N N 194 
LEU HB2  H N N 195 
LEU HB3  H N N 196 
LEU HG   H N N 197 
LEU HD11 H N N 198 
LEU HD12 H N N 199 
LEU HD13 H N N 200 
LEU HD21 H N N 201 
LEU HD22 H N N 202 
LEU HD23 H N N 203 
LEU HXT  H N N 204 
LYS N    N N N 205 
LYS CA   C N S 206 
LYS C    C N N 207 
LYS O    O N N 208 
LYS CB   C N N 209 
LYS CG   C N N 210 
LYS CD   C N N 211 
LYS CE   C N N 212 
LYS NZ   N N N 213 
LYS OXT  O N N 214 
LYS H    H N N 215 
LYS H2   H N N 216 
LYS HA   H N N 217 
LYS HB2  H N N 218 
LYS HB3  H N N 219 
LYS HG2  H N N 220 
LYS HG3  H N N 221 
LYS HD2  H N N 222 
LYS HD3  H N N 223 
LYS HE2  H N N 224 
LYS HE3  H N N 225 
LYS HZ1  H N N 226 
LYS HZ2  H N N 227 
LYS HZ3  H N N 228 
LYS HXT  H N N 229 
PHE N    N N N 230 
PHE CA   C N S 231 
PHE C    C N N 232 
PHE O    O N N 233 
PHE CB   C N N 234 
PHE CG   C Y N 235 
PHE CD1  C Y N 236 
PHE CD2  C Y N 237 
PHE CE1  C Y N 238 
PHE CE2  C Y N 239 
PHE CZ   C Y N 240 
PHE OXT  O N N 241 
PHE H    H N N 242 
PHE H2   H N N 243 
PHE HA   H N N 244 
PHE HB2  H N N 245 
PHE HB3  H N N 246 
PHE HD1  H N N 247 
PHE HD2  H N N 248 
PHE HE1  H N N 249 
PHE HE2  H N N 250 
PHE HZ   H N N 251 
PHE HXT  H N N 252 
PRO N    N N N 253 
PRO CA   C N S 254 
PRO C    C N N 255 
PRO O    O N N 256 
PRO CB   C N N 257 
PRO CG   C N N 258 
PRO CD   C N N 259 
PRO OXT  O N N 260 
PRO H    H N N 261 
PRO HA   H N N 262 
PRO HB2  H N N 263 
PRO HB3  H N N 264 
PRO HG2  H N N 265 
PRO HG3  H N N 266 
PRO HD2  H N N 267 
PRO HD3  H N N 268 
PRO HXT  H N N 269 
SER N    N N N 270 
SER CA   C N S 271 
SER C    C N N 272 
SER O    O N N 273 
SER CB   C N N 274 
SER OG   O N N 275 
SER OXT  O N N 276 
SER H    H N N 277 
SER H2   H N N 278 
SER HA   H N N 279 
SER HB2  H N N 280 
SER HB3  H N N 281 
SER HG   H N N 282 
SER HXT  H N N 283 
THR N    N N N 284 
THR CA   C N S 285 
THR C    C N N 286 
THR O    O N N 287 
THR CB   C N R 288 
THR OG1  O N N 289 
THR CG2  C N N 290 
THR OXT  O N N 291 
THR H    H N N 292 
THR H2   H N N 293 
THR HA   H N N 294 
THR HB   H N N 295 
THR HG1  H N N 296 
THR HG21 H N N 297 
THR HG22 H N N 298 
THR HG23 H N N 299 
THR HXT  H N N 300 
TRP N    N N N 301 
TRP CA   C N S 302 
TRP C    C N N 303 
TRP O    O N N 304 
TRP CB   C N N 305 
TRP CG   C Y N 306 
TRP CD1  C Y N 307 
TRP CD2  C Y N 308 
TRP NE1  N Y N 309 
TRP CE2  C Y N 310 
TRP CE3  C Y N 311 
TRP CZ2  C Y N 312 
TRP CZ3  C Y N 313 
TRP CH2  C Y N 314 
TRP OXT  O N N 315 
TRP H    H N N 316 
TRP H2   H N N 317 
TRP HA   H N N 318 
TRP HB2  H N N 319 
TRP HB3  H N N 320 
TRP HD1  H N N 321 
TRP HE1  H N N 322 
TRP HE3  H N N 323 
TRP HZ2  H N N 324 
TRP HZ3  H N N 325 
TRP HH2  H N N 326 
TRP HXT  H N N 327 
TYR N    N N N 328 
TYR CA   C N S 329 
TYR C    C N N 330 
TYR O    O N N 331 
TYR CB   C N N 332 
TYR CG   C Y N 333 
TYR CD1  C Y N 334 
TYR CD2  C Y N 335 
TYR CE1  C Y N 336 
TYR CE2  C Y N 337 
TYR CZ   C Y N 338 
TYR OH   O N N 339 
TYR OXT  O N N 340 
TYR H    H N N 341 
TYR H2   H N N 342 
TYR HA   H N N 343 
TYR HB2  H N N 344 
TYR HB3  H N N 345 
TYR HD1  H N N 346 
TYR HD2  H N N 347 
TYR HE1  H N N 348 
TYR HE2  H N N 349 
TYR HH   H N N 350 
TYR HXT  H N N 351 
VAL N    N N N 352 
VAL CA   C N S 353 
VAL C    C N N 354 
VAL O    O N N 355 
VAL CB   C N N 356 
VAL CG1  C N N 357 
VAL CG2  C N N 358 
VAL OXT  O N N 359 
VAL H    H N N 360 
VAL H2   H N N 361 
VAL HA   H N N 362 
VAL HB   H N N 363 
VAL HG11 H N N 364 
VAL HG12 H N N 365 
VAL HG13 H N N 366 
VAL HG21 H N N 367 
VAL HG22 H N N 368 
VAL HG23 H N N 369 
VAL HXT  H N N 370 
# 
loop_
_chem_comp_bond.comp_id 
_chem_comp_bond.atom_id_1 
_chem_comp_bond.atom_id_2 
_chem_comp_bond.value_order 
_chem_comp_bond.pdbx_aromatic_flag 
_chem_comp_bond.pdbx_stereo_config 
_chem_comp_bond.pdbx_ordinal 
ALA N   CA   sing N N 1   
ALA N   H    sing N N 2   
ALA N   H2   sing N N 3   
ALA CA  C    sing N N 4   
ALA CA  CB   sing N N 5   
ALA CA  HA   sing N N 6   
ALA C   O    doub N N 7   
ALA C   OXT  sing N N 8   
ALA CB  HB1  sing N N 9   
ALA CB  HB2  sing N N 10  
ALA CB  HB3  sing N N 11  
ALA OXT HXT  sing N N 12  
ARG N   CA   sing N N 13  
ARG N   H    sing N N 14  
ARG N   H2   sing N N 15  
ARG CA  C    sing N N 16  
ARG CA  CB   sing N N 17  
ARG CA  HA   sing N N 18  
ARG C   O    doub N N 19  
ARG C   OXT  sing N N 20  
ARG CB  CG   sing N N 21  
ARG CB  HB2  sing N N 22  
ARG CB  HB3  sing N N 23  
ARG CG  CD   sing N N 24  
ARG CG  HG2  sing N N 25  
ARG CG  HG3  sing N N 26  
ARG CD  NE   sing N N 27  
ARG CD  HD2  sing N N 28  
ARG CD  HD3  sing N N 29  
ARG NE  CZ   sing N N 30  
ARG NE  HE   sing N N 31  
ARG CZ  NH1  sing N N 32  
ARG CZ  NH2  doub N N 33  
ARG NH1 HH11 sing N N 34  
ARG NH1 HH12 sing N N 35  
ARG NH2 HH21 sing N N 36  
ARG NH2 HH22 sing N N 37  
ARG OXT HXT  sing N N 38  
ASN N   CA   sing N N 39  
ASN N   H    sing N N 40  
ASN N   H2   sing N N 41  
ASN CA  C    sing N N 42  
ASN CA  CB   sing N N 43  
ASN CA  HA   sing N N 44  
ASN C   O    doub N N 45  
ASN C   OXT  sing N N 46  
ASN CB  CG   sing N N 47  
ASN CB  HB2  sing N N 48  
ASN CB  HB3  sing N N 49  
ASN CG  OD1  doub N N 50  
ASN CG  ND2  sing N N 51  
ASN ND2 HD21 sing N N 52  
ASN ND2 HD22 sing N N 53  
ASN OXT HXT  sing N N 54  
ASP N   CA   sing N N 55  
ASP N   H    sing N N 56  
ASP N   H2   sing N N 57  
ASP CA  C    sing N N 58  
ASP CA  CB   sing N N 59  
ASP CA  HA   sing N N 60  
ASP C   O    doub N N 61  
ASP C   OXT  sing N N 62  
ASP CB  CG   sing N N 63  
ASP CB  HB2  sing N N 64  
ASP CB  HB3  sing N N 65  
ASP CG  OD1  doub N N 66  
ASP CG  OD2  sing N N 67  
ASP OD2 HD2  sing N N 68  
ASP OXT HXT  sing N N 69  
CYS N   CA   sing N N 70  
CYS N   H    sing N N 71  
CYS N   H2   sing N N 72  
CYS CA  C    sing N N 73  
CYS CA  CB   sing N N 74  
CYS CA  HA   sing N N 75  
CYS C   O    doub N N 76  
CYS C   OXT  sing N N 77  
CYS CB  SG   sing N N 78  
CYS CB  HB2  sing N N 79  
CYS CB  HB3  sing N N 80  
CYS SG  HG   sing N N 81  
CYS OXT HXT  sing N N 82  
GLN N   CA   sing N N 83  
GLN N   H    sing N N 84  
GLN N   H2   sing N N 85  
GLN CA  C    sing N N 86  
GLN CA  CB   sing N N 87  
GLN CA  HA   sing N N 88  
GLN C   O    doub N N 89  
GLN C   OXT  sing N N 90  
GLN CB  CG   sing N N 91  
GLN CB  HB2  sing N N 92  
GLN CB  HB3  sing N N 93  
GLN CG  CD   sing N N 94  
GLN CG  HG2  sing N N 95  
GLN CG  HG3  sing N N 96  
GLN CD  OE1  doub N N 97  
GLN CD  NE2  sing N N 98  
GLN NE2 HE21 sing N N 99  
GLN NE2 HE22 sing N N 100 
GLN OXT HXT  sing N N 101 
GLU N   CA   sing N N 102 
GLU N   H    sing N N 103 
GLU N   H2   sing N N 104 
GLU CA  C    sing N N 105 
GLU CA  CB   sing N N 106 
GLU CA  HA   sing N N 107 
GLU C   O    doub N N 108 
GLU C   OXT  sing N N 109 
GLU CB  CG   sing N N 110 
GLU CB  HB2  sing N N 111 
GLU CB  HB3  sing N N 112 
GLU CG  CD   sing N N 113 
GLU CG  HG2  sing N N 114 
GLU CG  HG3  sing N N 115 
GLU CD  OE1  doub N N 116 
GLU CD  OE2  sing N N 117 
GLU OE2 HE2  sing N N 118 
GLU OXT HXT  sing N N 119 
GLY N   CA   sing N N 120 
GLY N   H    sing N N 121 
GLY N   H2   sing N N 122 
GLY CA  C    sing N N 123 
GLY CA  HA2  sing N N 124 
GLY CA  HA3  sing N N 125 
GLY C   O    doub N N 126 
GLY C   OXT  sing N N 127 
GLY OXT HXT  sing N N 128 
HIS N   CA   sing N N 129 
HIS N   H    sing N N 130 
HIS N   H2   sing N N 131 
HIS CA  C    sing N N 132 
HIS CA  CB   sing N N 133 
HIS CA  HA   sing N N 134 
HIS C   O    doub N N 135 
HIS C   OXT  sing N N 136 
HIS CB  CG   sing N N 137 
HIS CB  HB2  sing N N 138 
HIS CB  HB3  sing N N 139 
HIS CG  ND1  sing Y N 140 
HIS CG  CD2  doub Y N 141 
HIS ND1 CE1  doub Y N 142 
HIS ND1 HD1  sing N N 143 
HIS CD2 NE2  sing Y N 144 
HIS CD2 HD2  sing N N 145 
HIS CE1 NE2  sing Y N 146 
HIS CE1 HE1  sing N N 147 
HIS NE2 HE2  sing N N 148 
HIS OXT HXT  sing N N 149 
HOH O   H1   sing N N 150 
HOH O   H2   sing N N 151 
ILE N   CA   sing N N 152 
ILE N   H    sing N N 153 
ILE N   H2   sing N N 154 
ILE CA  C    sing N N 155 
ILE CA  CB   sing N N 156 
ILE CA  HA   sing N N 157 
ILE C   O    doub N N 158 
ILE C   OXT  sing N N 159 
ILE CB  CG1  sing N N 160 
ILE CB  CG2  sing N N 161 
ILE CB  HB   sing N N 162 
ILE CG1 CD1  sing N N 163 
ILE CG1 HG12 sing N N 164 
ILE CG1 HG13 sing N N 165 
ILE CG2 HG21 sing N N 166 
ILE CG2 HG22 sing N N 167 
ILE CG2 HG23 sing N N 168 
ILE CD1 HD11 sing N N 169 
ILE CD1 HD12 sing N N 170 
ILE CD1 HD13 sing N N 171 
ILE OXT HXT  sing N N 172 
LEU N   CA   sing N N 173 
LEU N   H    sing N N 174 
LEU N   H2   sing N N 175 
LEU CA  C    sing N N 176 
LEU CA  CB   sing N N 177 
LEU CA  HA   sing N N 178 
LEU C   O    doub N N 179 
LEU C   OXT  sing N N 180 
LEU CB  CG   sing N N 181 
LEU CB  HB2  sing N N 182 
LEU CB  HB3  sing N N 183 
LEU CG  CD1  sing N N 184 
LEU CG  CD2  sing N N 185 
LEU CG  HG   sing N N 186 
LEU CD1 HD11 sing N N 187 
LEU CD1 HD12 sing N N 188 
LEU CD1 HD13 sing N N 189 
LEU CD2 HD21 sing N N 190 
LEU CD2 HD22 sing N N 191 
LEU CD2 HD23 sing N N 192 
LEU OXT HXT  sing N N 193 
LYS N   CA   sing N N 194 
LYS N   H    sing N N 195 
LYS N   H2   sing N N 196 
LYS CA  C    sing N N 197 
LYS CA  CB   sing N N 198 
LYS CA  HA   sing N N 199 
LYS C   O    doub N N 200 
LYS C   OXT  sing N N 201 
LYS CB  CG   sing N N 202 
LYS CB  HB2  sing N N 203 
LYS CB  HB3  sing N N 204 
LYS CG  CD   sing N N 205 
LYS CG  HG2  sing N N 206 
LYS CG  HG3  sing N N 207 
LYS CD  CE   sing N N 208 
LYS CD  HD2  sing N N 209 
LYS CD  HD3  sing N N 210 
LYS CE  NZ   sing N N 211 
LYS CE  HE2  sing N N 212 
LYS CE  HE3  sing N N 213 
LYS NZ  HZ1  sing N N 214 
LYS NZ  HZ2  sing N N 215 
LYS NZ  HZ3  sing N N 216 
LYS OXT HXT  sing N N 217 
PHE N   CA   sing N N 218 
PHE N   H    sing N N 219 
PHE N   H2   sing N N 220 
PHE CA  C    sing N N 221 
PHE CA  CB   sing N N 222 
PHE CA  HA   sing N N 223 
PHE C   O    doub N N 224 
PHE C   OXT  sing N N 225 
PHE CB  CG   sing N N 226 
PHE CB  HB2  sing N N 227 
PHE CB  HB3  sing N N 228 
PHE CG  CD1  doub Y N 229 
PHE CG  CD2  sing Y N 230 
PHE CD1 CE1  sing Y N 231 
PHE CD1 HD1  sing N N 232 
PHE CD2 CE2  doub Y N 233 
PHE CD2 HD2  sing N N 234 
PHE CE1 CZ   doub Y N 235 
PHE CE1 HE1  sing N N 236 
PHE CE2 CZ   sing Y N 237 
PHE CE2 HE2  sing N N 238 
PHE CZ  HZ   sing N N 239 
PHE OXT HXT  sing N N 240 
PRO N   CA   sing N N 241 
PRO N   CD   sing N N 242 
PRO N   H    sing N N 243 
PRO CA  C    sing N N 244 
PRO CA  CB   sing N N 245 
PRO CA  HA   sing N N 246 
PRO C   O    doub N N 247 
PRO C   OXT  sing N N 248 
PRO CB  CG   sing N N 249 
PRO CB  HB2  sing N N 250 
PRO CB  HB3  sing N N 251 
PRO CG  CD   sing N N 252 
PRO CG  HG2  sing N N 253 
PRO CG  HG3  sing N N 254 
PRO CD  HD2  sing N N 255 
PRO CD  HD3  sing N N 256 
PRO OXT HXT  sing N N 257 
SER N   CA   sing N N 258 
SER N   H    sing N N 259 
SER N   H2   sing N N 260 
SER CA  C    sing N N 261 
SER CA  CB   sing N N 262 
SER CA  HA   sing N N 263 
SER C   O    doub N N 264 
SER C   OXT  sing N N 265 
SER CB  OG   sing N N 266 
SER CB  HB2  sing N N 267 
SER CB  HB3  sing N N 268 
SER OG  HG   sing N N 269 
SER OXT HXT  sing N N 270 
THR N   CA   sing N N 271 
THR N   H    sing N N 272 
THR N   H2   sing N N 273 
THR CA  C    sing N N 274 
THR CA  CB   sing N N 275 
THR CA  HA   sing N N 276 
THR C   O    doub N N 277 
THR C   OXT  sing N N 278 
THR CB  OG1  sing N N 279 
THR CB  CG2  sing N N 280 
THR CB  HB   sing N N 281 
THR OG1 HG1  sing N N 282 
THR CG2 HG21 sing N N 283 
THR CG2 HG22 sing N N 284 
THR CG2 HG23 sing N N 285 
THR OXT HXT  sing N N 286 
TRP N   CA   sing N N 287 
TRP N   H    sing N N 288 
TRP N   H2   sing N N 289 
TRP CA  C    sing N N 290 
TRP CA  CB   sing N N 291 
TRP CA  HA   sing N N 292 
TRP C   O    doub N N 293 
TRP C   OXT  sing N N 294 
TRP CB  CG   sing N N 295 
TRP CB  HB2  sing N N 296 
TRP CB  HB3  sing N N 297 
TRP CG  CD1  doub Y N 298 
TRP CG  CD2  sing Y N 299 
TRP CD1 NE1  sing Y N 300 
TRP CD1 HD1  sing N N 301 
TRP CD2 CE2  doub Y N 302 
TRP CD2 CE3  sing Y N 303 
TRP NE1 CE2  sing Y N 304 
TRP NE1 HE1  sing N N 305 
TRP CE2 CZ2  sing Y N 306 
TRP CE3 CZ3  doub Y N 307 
TRP CE3 HE3  sing N N 308 
TRP CZ2 CH2  doub Y N 309 
TRP CZ2 HZ2  sing N N 310 
TRP CZ3 CH2  sing Y N 311 
TRP CZ3 HZ3  sing N N 312 
TRP CH2 HH2  sing N N 313 
TRP OXT HXT  sing N N 314 
TYR N   CA   sing N N 315 
TYR N   H    sing N N 316 
TYR N   H2   sing N N 317 
TYR CA  C    sing N N 318 
TYR CA  CB   sing N N 319 
TYR CA  HA   sing N N 320 
TYR C   O    doub N N 321 
TYR C   OXT  sing N N 322 
TYR CB  CG   sing N N 323 
TYR CB  HB2  sing N N 324 
TYR CB  HB3  sing N N 325 
TYR CG  CD1  doub Y N 326 
TYR CG  CD2  sing Y N 327 
TYR CD1 CE1  sing Y N 328 
TYR CD1 HD1  sing N N 329 
TYR CD2 CE2  doub Y N 330 
TYR CD2 HD2  sing N N 331 
TYR CE1 CZ   doub Y N 332 
TYR CE1 HE1  sing N N 333 
TYR CE2 CZ   sing Y N 334 
TYR CE2 HE2  sing N N 335 
TYR CZ  OH   sing N N 336 
TYR OH  HH   sing N N 337 
TYR OXT HXT  sing N N 338 
VAL N   CA   sing N N 339 
VAL N   H    sing N N 340 
VAL N   H2   sing N N 341 
VAL CA  C    sing N N 342 
VAL CA  CB   sing N N 343 
VAL CA  HA   sing N N 344 
VAL C   O    doub N N 345 
VAL C   OXT  sing N N 346 
VAL CB  CG1  sing N N 347 
VAL CB  CG2  sing N N 348 
VAL CB  HB   sing N N 349 
VAL CG1 HG11 sing N N 350 
VAL CG1 HG12 sing N N 351 
VAL CG1 HG13 sing N N 352 
VAL CG2 HG21 sing N N 353 
VAL CG2 HG22 sing N N 354 
VAL CG2 HG23 sing N N 355 
VAL OXT HXT  sing N N 356 
# 
_atom_sites.entry_id                    1AM2 
_atom_sites.fract_transf_matrix[1][1]   -0.00338949 
_atom_sites.fract_transf_matrix[1][2]   0.00870322 
_atom_sites.fract_transf_matrix[1][3]   0.01850699 
_atom_sites.fract_transf_matrix[2][1]   -0.01540937 
_atom_sites.fract_transf_matrix[2][2]   0.01366553 
_atom_sites.fract_transf_matrix[2][3]   0.00236196 
_atom_sites.fract_transf_matrix[3][1]   -0.00469030 
_atom_sites.fract_transf_matrix[3][2]   -0.00559514 
_atom_sites.fract_transf_matrix[3][3]   0.00177219 
_atom_sites.fract_transf_vector[1]      0.111400 
_atom_sites.fract_transf_vector[2]      0.660378 
_atom_sites.fract_transf_vector[3]      0.222215 
# 
loop_
_atom_type.symbol 
C 
N 
O 
S 
# 
loop_
_atom_site.group_PDB 
_atom_site.id 
_atom_site.type_symbol 
_atom_site.label_atom_id 
_atom_site.label_alt_id 
_atom_site.label_comp_id 
_atom_site.label_asym_id 
_atom_site.label_entity_id 
_atom_site.label_seq_id 
_atom_site.pdbx_PDB_ins_code 
_atom_site.Cartn_x 
_atom_site.Cartn_y 
_atom_site.Cartn_z 
_atom_site.occupancy 
_atom_site.B_iso_or_equiv 
_atom_site.pdbx_formal_charge 
_atom_site.auth_seq_id 
_atom_site.auth_comp_id 
_atom_site.auth_asym_id 
_atom_site.auth_atom_id 
_atom_site.pdbx_PDB_model_num 
ATOM   1    N N   . ALA A 1 1   ? 9.097   2.394   3.126   1.00 22.21  ? 0   ALA A N   1 
ATOM   2    C CA  . ALA A 1 1   ? 9.384   3.157   4.384   1.00 22.72  ? 0   ALA A CA  1 
ATOM   3    C C   . ALA A 1 1   ? 9.342   4.616   3.973   1.00 23.83  ? 0   ALA A C   1 
ATOM   4    O O   . ALA A 1 1   ? 9.922   4.928   2.939   1.00 25.97  ? 0   ALA A O   1 
ATOM   5    C CB  . ALA A 1 1   ? 10.781  2.791   4.855   1.00 21.33  ? 0   ALA A CB  1 
ATOM   6    N N   . SER A 1 2   ? 8.737   5.535   4.730   1.00 20.03  ? 1   SER A N   1 
ATOM   7    C CA  . SER A 1 2   ? 8.076   5.303   5.991   1.00 18.64  ? 1   SER A CA  1 
ATOM   8    C C   . SER A 1 2   ? 6.775   6.068   6.017   1.00 18.57  ? 1   SER A C   1 
ATOM   9    O O   . SER A 1 2   ? 6.568   7.015   5.262   1.00 18.23  ? 1   SER A O   1 
ATOM   10   C CB  . SER A 1 2   ? 8.923   5.876   7.121   1.00 15.83  ? 1   SER A CB  1 
ATOM   11   O OG  . SER A 1 2   ? 10.171  5.227   7.213   1.00 21.34  ? 1   SER A OG  1 
ATOM   12   N N   . ILE A 1 3   ? 5.942   5.695   6.969   1.00 18.53  ? 2   ILE A N   1 
ATOM   13   C CA  . ILE A 1 3   ? 4.678   6.303   7.144   1.00 17.17  ? 2   ILE A CA  1 
ATOM   14   C C   . ILE A 1 3   ? 4.451   6.768   8.560   1.00 18.08  ? 2   ILE A C   1 
ATOM   15   O O   . ILE A 1 3   ? 5.009   6.277   9.544   1.00 21.02  ? 2   ILE A O   1 
ATOM   16   C CB  . ILE A 1 3   ? 3.542   5.387   6.756   1.00 18.46  ? 2   ILE A CB  1 
ATOM   17   C CG1 . ILE A 1 3   ? 3.573   4.130   7.584   1.00 19.51  ? 2   ILE A CG1 1 
ATOM   18   C CG2 . ILE A 1 3   ? 3.621   5.069   5.291   1.00 22.71  ? 2   ILE A CG2 1 
ATOM   19   C CD1 . ILE A 1 3   ? 2.454   3.220   7.261   1.00 24.15  ? 2   ILE A CD1 1 
ATOM   20   N N   . THR A 1 4   ? 3.491   7.651   8.615   1.00 17.16  ? 3   THR A N   1 
ATOM   21   C CA  . THR A 1 4   ? 3.004   8.339   9.751   1.00 18.89  ? 3   THR A CA  1 
ATOM   22   C C   . THR A 1 4   ? 2.382   7.398   10.804  1.00 21.13  ? 3   THR A C   1 
ATOM   23   O O   . THR A 1 4   ? 1.722   6.393   10.474  1.00 19.21  ? 3   THR A O   1 
ATOM   24   C CB  . THR A 1 4   ? 2.134   9.408   9.125   1.00 23.66  ? 3   THR A CB  1 
ATOM   25   O OG1 . THR A 1 4   ? 2.801   10.676  9.180   1.00 28.76  ? 3   THR A OG1 1 
ATOM   26   C CG2 . THR A 1 4   ? 0.788   9.415   9.574   1.00 20.36  ? 3   THR A CG2 1 
ATOM   27   N N   . GLY A 1 5   ? 2.608   7.751   12.078  1.00 21.49  ? 4   GLY A N   1 
ATOM   28   C CA  . GLY A 1 5   ? 2.184   6.954   13.211  1.00 20.06  ? 4   GLY A CA  1 
ATOM   29   C C   . GLY A 1 5   ? 0.719   6.641   13.317  1.00 23.79  ? 4   GLY A C   1 
ATOM   30   O O   . GLY A 1 5   ? 0.344   5.750   14.049  1.00 28.58  ? 4   GLY A O   1 
ATOM   31   N N   . ASP A 1 6   ? -0.121  7.336   12.573  1.00 26.91  ? 5   ASP A N   1 
ATOM   32   C CA  . ASP A 1 6   ? -1.565  7.094   12.606  1.00 26.92  ? 5   ASP A CA  1 
ATOM   33   C C   . ASP A 1 6   ? -2.070  6.023   11.623  1.00 26.06  ? 5   ASP A C   1 
ATOM   34   O O   . ASP A 1 6   ? -3.221  5.587   11.722  1.00 25.84  ? 5   ASP A O   1 
ATOM   35   C CB  . ASP A 1 6   ? -2.313  8.399   12.346  1.00 32.75  ? 5   ASP A CB  1 
ATOM   36   C CG  . ASP A 1 6   ? -1.667  9.231   11.247  1.00 37.44  ? 5   ASP A CG  1 
ATOM   37   O OD1 . ASP A 1 6   ? -1.975  8.991   10.046  1.00 41.06  ? 5   ASP A OD1 1 
ATOM   38   O OD2 . ASP A 1 6   ? -0.847  10.130  11.603  1.00 44.54  ? 5   ASP A OD2 1 
ATOM   39   N N   . ALA A 1 7   ? -1.224  5.619   10.680  1.00 20.46  ? 6   ALA A N   1 
ATOM   40   C CA  . ALA A 1 7   ? -1.604  4.629   9.710   1.00 19.14  ? 6   ALA A CA  1 
ATOM   41   C C   . ALA A 1 7   ? -2.077  3.362   10.390  1.00 20.50  ? 6   ALA A C   1 
ATOM   42   O O   . ALA A 1 7   ? -1.433  2.867   11.305  1.00 24.01  ? 6   ALA A O   1 
ATOM   43   C CB  . ALA A 1 7   ? -0.425  4.332   8.830   1.00 19.21  ? 6   ALA A CB  1 
ATOM   44   N N   . LEU A 1 8   ? -3.188  2.808   9.953   1.00 17.24  ? 7   LEU A N   1 
ATOM   45   C CA  . LEU A 1 8   ? -3.641  1.587   10.563  1.00 17.36  ? 7   LEU A CA  1 
ATOM   46   C C   . LEU A 1 8   ? -3.058  0.416   9.821   1.00 16.97  ? 7   LEU A C   1 
ATOM   47   O O   . LEU A 1 8   ? -3.238  0.334   8.601   1.00 20.27  ? 7   LEU A O   1 
ATOM   48   C CB  . LEU A 1 8   ? -5.149  1.501   10.496  1.00 18.99  ? 7   LEU A CB  1 
ATOM   49   C CG  . LEU A 1 8   ? -5.895  2.489   11.369  1.00 22.37  ? 7   LEU A CG  1 
ATOM   50   C CD1 . LEU A 1 8   ? -7.343  2.380   10.980  1.00 25.50  ? 7   LEU A CD1 1 
ATOM   51   C CD2 . LEU A 1 8   ? -5.739  2.155   12.798  1.00 16.94  ? 7   LEU A CD2 1 
ATOM   52   N N   . VAL A 1 9   ? -2.360  -0.474  10.532  1.00 14.73  ? 8   VAL A N   1 
ATOM   53   C CA  . VAL A 1 9   ? -1.762  -1.655  9.914   1.00 17.95  ? 8   VAL A CA  1 
ATOM   54   C C   . VAL A 1 9   ? -2.800  -2.769  9.991   1.00 20.39  ? 8   VAL A C   1 
ATOM   55   O O   . VAL A 1 9   ? -3.251  -3.131  11.075  1.00 23.94  ? 8   VAL A O   1 
ATOM   56   C CB  . VAL A 1 9   ? -0.483  -2.092  10.665  1.00 16.40  ? 8   VAL A CB  1 
ATOM   57   C CG1 . VAL A 1 9   ? 0.005   -3.429  10.194  1.00 10.60  ? 8   VAL A CG1 1 
ATOM   58   C CG2 . VAL A 1 9   ? 0.606   -1.096  10.410  1.00 20.66  ? 8   VAL A CG2 1 
ATOM   59   N N   . ALA A 1 10  ? -3.196  -3.309  8.849   1.00 20.45  ? 9   ALA A N   1 
ATOM   60   C CA  . ALA A 1 10  ? -4.173  -4.393  8.824   1.00 21.16  ? 9   ALA A CA  1 
ATOM   61   C C   . ALA A 1 10  ? -3.621  -5.712  9.402   1.00 22.52  ? 9   ALA A C   1 
ATOM   62   O O   . ALA A 1 10  ? -2.570  -6.215  8.986   1.00 22.54  ? 9   ALA A O   1 
ATOM   63   C CB  . ALA A 1 10  ? -4.700  -4.602  7.404   1.00 18.59  ? 9   ALA A CB  1 
ATOM   64   N N   . LEU A 1 11  ? -4.364  -6.284  10.338  1.00 22.67  ? 10  LEU A N   1 
ATOM   65   C CA  . LEU A 1 11  ? -3.979  -7.528  10.980  1.00 22.54  ? 10  LEU A CA  1 
ATOM   66   C C   . LEU A 1 11  ? -5.068  -8.498  10.642  1.00 23.30  ? 10  LEU A C   1 
ATOM   67   O O   . LEU A 1 11  ? -6.104  -8.105  10.098  1.00 21.45  ? 10  LEU A O   1 
ATOM   68   C CB  . LEU A 1 11  ? -3.992  -7.365  12.498  1.00 21.42  ? 10  LEU A CB  1 
ATOM   69   C CG  . LEU A 1 11  ? -3.168  -6.250  13.105  1.00 22.61  ? 10  LEU A CG  1 
ATOM   70   C CD1 . LEU A 1 11  ? -3.488  -6.219  14.553  1.00 18.63  ? 10  LEU A CD1 1 
ATOM   71   C CD2 . LEU A 1 11  ? -1.692  -6.458  12.865  1.00 21.37  ? 10  LEU A CD2 1 
ATOM   72   N N   . PRO A 1 12  ? -4.841  -9.793  10.909  1.00 28.05  ? 11  PRO A N   1 
ATOM   73   C CA  . PRO A 1 12  ? -5.858  -10.822 10.625  1.00 30.86  ? 11  PRO A CA  1 
ATOM   74   C C   . PRO A 1 12  ? -7.125  -10.701 11.509  1.00 33.35  ? 11  PRO A C   1 
ATOM   75   O O   . PRO A 1 12  ? -7.121  -10.041 12.567  1.00 35.48  ? 11  PRO A O   1 
ATOM   76   C CB  . PRO A 1 12  ? -5.104  -12.119 10.887  1.00 26.41  ? 11  PRO A CB  1 
ATOM   77   C CG  . PRO A 1 12  ? -3.700  -11.775 10.470  1.00 25.35  ? 11  PRO A CG  1 
ATOM   78   C CD  . PRO A 1 12  ? -3.524  -10.420 11.122  1.00 28.03  ? 11  PRO A CD  1 
ATOM   79   N N   . GLU A 1 13  ? -8.216  -11.290 11.025  1.00 37.14  ? 12  GLU A N   1 
ATOM   80   C CA  . GLU A 1 13  ? -9.491  -11.293 11.734  1.00 39.44  ? 12  GLU A CA  1 
ATOM   81   C C   . GLU A 1 13  ? -10.165 -9.939  11.776  1.00 39.77  ? 12  GLU A C   1 
ATOM   82   O O   . GLU A 1 13  ? -10.865 -9.638  12.735  1.00 42.15  ? 12  GLU A O   1 
ATOM   83   C CB  . GLU A 1 13  ? -9.327  -11.823 13.166  1.00 45.43  ? 12  GLU A CB  1 
ATOM   84   C CG  . GLU A 1 13  ? -9.906  -13.210 13.430  1.00 55.80  ? 12  GLU A CG  1 
ATOM   85   C CD  . GLU A 1 13  ? -8.947  -14.366 13.130  1.00 61.63  ? 12  GLU A CD  1 
ATOM   86   O OE1 . GLU A 1 13  ? -8.782  -14.742 11.942  1.00 65.16  ? 12  GLU A OE1 1 
ATOM   87   O OE2 . GLU A 1 13  ? -8.378  -14.925 14.099  1.00 65.79  ? 12  GLU A OE2 1 
ATOM   88   N N   . GLY A 1 14  ? -9.938  -9.108  10.764  1.00 40.97  ? 13  GLY A N   1 
ATOM   89   C CA  . GLY A 1 14  ? -10.586 -7.803  10.719  1.00 40.88  ? 13  GLY A CA  1 
ATOM   90   C C   . GLY A 1 14  ? -10.012 -6.791  11.678  1.00 41.26  ? 13  GLY A C   1 
ATOM   91   O O   . GLY A 1 14  ? -10.432 -5.641  11.688  1.00 41.23  ? 13  GLY A O   1 
ATOM   92   N N   . GLU A 1 15  ? -9.010  -7.216  12.436  1.00 42.71  ? 14  GLU A N   1 
ATOM   93   C CA  . GLU A 1 15  ? -8.310  -6.397  13.431  1.00 44.42  ? 14  GLU A CA  1 
ATOM   94   C C   . GLU A 1 15  ? -7.278  -5.456  12.774  1.00 42.30  ? 14  GLU A C   1 
ATOM   95   O O   . GLU A 1 15  ? -6.815  -5.721  11.658  1.00 41.58  ? 14  GLU A O   1 
ATOM   96   C CB  . GLU A 1 15  ? -7.577  -7.359  14.379  1.00 51.20  ? 14  GLU A CB  1 
ATOM   97   C CG  . GLU A 1 15  ? -7.411  -6.884  15.801  1.00 62.76  ? 14  GLU A CG  1 
ATOM   98   C CD  . GLU A 1 15  ? -8.726  -6.857  16.573  1.00 70.07  ? 14  GLU A CD  1 
ATOM   99   O OE1 . GLU A 1 15  ? -9.527  -5.911  16.377  1.00 73.34  ? 14  GLU A OE1 1 
ATOM   100  O OE2 . GLU A 1 15  ? -8.955  -7.778  17.391  1.00 75.48  ? 14  GLU A OE2 1 
ATOM   101  N N   . SER A 1 16  ? -6.895  -4.375  13.458  1.00 38.11  ? 15  SER A N   1 
ATOM   102  C CA  . SER A 1 16  ? -5.882  -3.463  12.912  1.00 34.78  ? 15  SER A CA  1 
ATOM   103  C C   . SER A 1 16  ? -5.279  -2.641  14.038  1.00 32.03  ? 15  SER A C   1 
ATOM   104  O O   . SER A 1 16  ? -5.910  -2.473  15.065  1.00 32.34  ? 15  SER A O   1 
ATOM   105  C CB  . SER A 1 16  ? -6.469  -2.559  11.830  1.00 34.53  ? 15  SER A CB  1 
ATOM   106  O OG  . SER A 1 16  ? -7.394  -1.663  12.384  1.00 42.30  ? 15  SER A OG  1 
ATOM   107  N N   . VAL A 1 17  ? -4.068  -2.124  13.848  1.00 28.42  ? 16  VAL A N   1 
ATOM   108  C CA  . VAL A 1 17  ? -3.391  -1.371  14.896  1.00 23.71  ? 16  VAL A CA  1 
ATOM   109  C C   . VAL A 1 17  ? -2.623  -0.214  14.285  1.00 22.97  ? 16  VAL A C   1 
ATOM   110  O O   . VAL A 1 17  ? -2.052  -0.373  13.219  1.00 24.23  ? 16  VAL A O   1 
ATOM   111  C CB  . VAL A 1 17  ? -2.400  -2.329  15.684  1.00 24.14  ? 16  VAL A CB  1 
ATOM   112  C CG1 . VAL A 1 17  ? -1.319  -2.891  14.746  1.00 21.12  ? 16  VAL A CG1 1 
ATOM   113  C CG2 . VAL A 1 17  ? -1.740  -1.603  16.884  1.00 24.54  ? 16  VAL A CG2 1 
ATOM   114  N N   . ARG A 1 18  ? -2.643  0.957   14.925  1.00 22.19  ? 17  ARG A N   1 
ATOM   115  C CA  . ARG A 1 18  ? -1.888  2.104   14.422  1.00 20.78  ? 17  ARG A CA  1 
ATOM   116  C C   . ARG A 1 18  ? -0.425  1.724   14.503  1.00 21.52  ? 17  ARG A C   1 
ATOM   117  O O   . ARG A 1 18  ? 0.001   1.135   15.472  1.00 19.21  ? 17  ARG A O   1 
ATOM   118  C CB  . ARG A 1 18  ? -2.128  3.334   15.273  1.00 21.10  ? 17  ARG A CB  1 
ATOM   119  C CG  . ARG A 1 18  ? -3.578  3.805   15.288  1.00 29.79  ? 17  ARG A CG  1 
ATOM   120  C CD  . ARG A 1 18  ? -3.722  5.140   16.008  1.00 34.64  ? 17  ARG A CD  1 
ATOM   121  N NE  . ARG A 1 18  ? -2.873  5.183   17.202  1.00 47.30  ? 17  ARG A NE  1 
ATOM   122  C CZ  . ARG A 1 18  ? -1.926  6.107   17.463  1.00 51.78  ? 17  ARG A CZ  1 
ATOM   123  N NH1 . ARG A 1 18  ? -1.682  7.115   16.617  1.00 53.97  ? 17  ARG A NH1 1 
ATOM   124  N NH2 . ARG A 1 18  ? -1.152  5.993   18.552  1.00 53.91  ? 17  ARG A NH2 1 
ATOM   125  N N   . ILE A 1 19  ? 0.363   2.040   13.487  1.00 22.03  ? 18  ILE A N   1 
ATOM   126  C CA  . ILE A 1 19  ? 1.770   1.684   13.534  1.00 20.13  ? 18  ILE A CA  1 
ATOM   127  C C   . ILE A 1 19  ? 2.555   2.247   14.776  1.00 21.76  ? 18  ILE A C   1 
ATOM   128  O O   . ILE A 1 19  ? 3.516   1.643   15.252  1.00 21.02  ? 18  ILE A O   1 
ATOM   129  C CB  . ILE A 1 19  ? 2.441   2.036   12.191  1.00 19.18  ? 18  ILE A CB  1 
ATOM   130  C CG1 . ILE A 1 19  ? 3.877   1.510   12.153  1.00 22.24  ? 18  ILE A CG1 1 
ATOM   131  C CG2 . ILE A 1 19  ? 2.423   3.526   11.951  1.00 14.57  ? 18  ILE A CG2 1 
ATOM   132  C CD1 . ILE A 1 19  ? 4.394   1.229   10.728  1.00 20.08  ? 18  ILE A CD1 1 
ATOM   133  N N   . ALA A 1 20  ? 2.130   3.366   15.341  1.00 22.99  ? 19  ALA A N   1 
ATOM   134  C CA  . ALA A 1 20  ? 2.832   3.938   16.507  1.00 24.77  ? 19  ALA A CA  1 
ATOM   135  C C   . ALA A 1 20  ? 2.598   3.131   17.795  1.00 26.83  ? 19  ALA A C   1 
ATOM   136  O O   . ALA A 1 20  ? 3.314   3.305   18.802  1.00 26.73  ? 19  ALA A O   1 
ATOM   137  C CB  . ALA A 1 20  ? 2.416   5.415   16.717  1.00 18.12  ? 19  ALA A CB  1 
ATOM   138  N N   . ASP A 1 21  ? 1.612   2.239   17.742  1.00 26.44  ? 20  ASP A N   1 
ATOM   139  C CA  . ASP A 1 21  ? 1.246   1.403   18.878  1.00 28.66  ? 20  ASP A CA  1 
ATOM   140  C C   . ASP A 1 21  ? 1.756   -0.047  18.874  1.00 29.17  ? 20  ASP A C   1 
ATOM   141  O O   . ASP A 1 21  ? 1.458   -0.844  19.782  1.00 31.84  ? 20  ASP A O   1 
ATOM   142  C CB  . ASP A 1 21  ? -0.270  1.380   19.010  1.00 30.23  ? 20  ASP A CB  1 
ATOM   143  C CG  . ASP A 1 21  ? -0.849  2.744   19.173  1.00 29.46  ? 20  ASP A CG  1 
ATOM   144  O OD1 . ASP A 1 21  ? -0.107  3.708   19.455  1.00 30.47  ? 20  ASP A OD1 1 
ATOM   145  O OD2 . ASP A 1 21  ? -2.069  2.830   19.015  1.00 31.65  ? 20  ASP A OD2 1 
ATOM   146  N N   . ILE A 1 22  ? 2.477   -0.419  17.835  1.00 27.92  ? 21  ILE A N   1 
ATOM   147  C CA  . ILE A 1 22  ? 3.004   -1.766  17.765  1.00 25.44  ? 21  ILE A CA  1 
ATOM   148  C C   . ILE A 1 22  ? 4.080   -1.906  18.862  1.00 28.30  ? 21  ILE A C   1 
ATOM   149  O O   . ILE A 1 22  ? 4.180   -2.952  19.486  1.00 31.52  ? 21  ILE A O   1 
ATOM   150  C CB  . ILE A 1 22  ? 3.482   -2.070  16.320  1.00 21.93  ? 21  ILE A CB  1 
ATOM   151  C CG1 . ILE A 1 22  ? 2.245   -2.175  15.411  1.00 16.21  ? 21  ILE A CG1 1 
ATOM   152  C CG2 . ILE A 1 22  ? 4.404   -3.302  16.277  1.00 18.68  ? 21  ILE A CG2 1 
ATOM   153  C CD1 . ILE A 1 22  ? 2.537   -2.359  13.979  1.00 17.90  ? 21  ILE A CD1 1 
ATOM   154  N N   . VAL A 1 23  ? 4.917   -0.880  19.042  1.00 28.33  ? 22  VAL A N   1 
ATOM   155  C CA  . VAL A 1 23  ? 5.924   -0.842  20.127  1.00 28.20  ? 22  VAL A CA  1 
ATOM   156  C C   . VAL A 1 23  ? 5.546   0.492   20.788  1.00 27.91  ? 22  VAL A C   1 
ATOM   157  O O   . VAL A 1 23  ? 6.040   1.570   20.433  1.00 27.04  ? 22  VAL A O   1 
ATOM   158  C CB  . VAL A 1 23  ? 7.445   -0.816  19.660  1.00 27.22  ? 22  VAL A CB  1 
ATOM   159  C CG1 . VAL A 1 23  ? 8.346   -0.599  20.850  1.00 22.19  ? 22  VAL A CG1 1 
ATOM   160  C CG2 . VAL A 1 23  ? 7.849   -2.117  18.978  1.00 24.33  ? 22  VAL A CG2 1 
ATOM   161  N N   . PRO A 1 24  ? 4.592   0.444   21.717  1.00 28.71  ? 23  PRO A N   1 
ATOM   162  C CA  . PRO A 1 24  ? 4.190   1.690   22.363  1.00 28.86  ? 23  PRO A CA  1 
ATOM   163  C C   . PRO A 1 24  ? 5.385   2.433   22.924  1.00 27.72  ? 23  PRO A C   1 
ATOM   164  O O   . PRO A 1 24  ? 6.293   1.845   23.494  1.00 30.46  ? 23  PRO A O   1 
ATOM   165  C CB  . PRO A 1 24  ? 3.257   1.192   23.458  1.00 29.08  ? 23  PRO A CB  1 
ATOM   166  C CG  . PRO A 1 24  ? 2.706   -0.098  22.871  1.00 25.63  ? 23  PRO A CG  1 
ATOM   167  C CD  . PRO A 1 24  ? 3.948   -0.714  22.365  1.00 25.50  ? 23  PRO A CD  1 
ATOM   168  N N   . GLY A 1 25  ? 5.440   3.721   22.699  1.00 28.12  ? 24  GLY A N   1 
ATOM   169  C CA  . GLY A 1 25  ? 6.580   4.444   23.236  1.00 31.27  ? 24  GLY A CA  1 
ATOM   170  C C   . GLY A 1 25  ? 7.962   4.184   22.640  1.00 33.17  ? 24  GLY A C   1 
ATOM   171  O O   . GLY A 1 25  ? 8.958   4.535   23.255  1.00 37.02  ? 24  GLY A O   1 
ATOM   172  N N   . ALA A 1 26  ? 8.023   3.565   21.461  1.00 34.83  ? 25  ALA A N   1 
ATOM   173  C CA  . ALA A 1 26  ? 9.268   3.299   20.733  1.00 31.09  ? 25  ALA A CA  1 
ATOM   174  C C   . ALA A 1 26  ? 10.075  4.573   20.634  1.00 29.25  ? 25  ALA A C   1 
ATOM   175  O O   . ALA A 1 26  ? 9.512   5.648   20.376  1.00 28.18  ? 25  ALA A O   1 
ATOM   176  C CB  . ALA A 1 26  ? 8.958   2.817   19.300  1.00 29.23  ? 25  ALA A CB  1 
ATOM   177  N N   . ARG A 1 27  ? 11.387  4.445   20.851  1.00 28.50  ? 26  ARG A N   1 
ATOM   178  C CA  . ARG A 1 27  ? 12.297  5.578   20.747  1.00 25.61  ? 26  ARG A CA  1 
ATOM   179  C C   . ARG A 1 27  ? 12.454  5.933   19.294  1.00 23.80  ? 26  ARG A C   1 
ATOM   180  O O   . ARG A 1 27  ? 12.374  5.098   18.395  1.00 24.19  ? 26  ARG A O   1 
ATOM   181  C CB  . ARG A 1 27  ? 13.709  5.258   21.271  1.00 26.55  ? 26  ARG A CB  1 
ATOM   182  C CG  . ARG A 1 27  ? 13.824  5.012   22.734  1.00 28.86  ? 26  ARG A CG  1 
ATOM   183  C CD  . ARG A 1 27  ? 15.274  4.678   23.155  1.00 30.62  ? 26  ARG A CD  1 
ATOM   184  N NE  . ARG A 1 27  ? 15.379  4.638   24.622  1.00 33.80  ? 26  ARG A NE  1 
ATOM   185  C CZ  . ARG A 1 27  ? 15.648  3.546   25.336  1.00 35.67  ? 26  ARG A CZ  1 
ATOM   186  N NH1 . ARG A 1 27  ? 15.853  2.386   24.699  1.00 37.88  ? 26  ARG A NH1 1 
ATOM   187  N NH2 . ARG A 1 27  ? 15.706  3.607   26.675  1.00 32.15  ? 26  ARG A NH2 1 
ATOM   188  N N   . PRO A 1 28  ? 12.678  7.204   19.047  1.00 24.49  ? 27  PRO A N   1 
ATOM   189  C CA  . PRO A 1 28  ? 12.883  7.791   17.726  1.00 24.04  ? 27  PRO A CA  1 
ATOM   190  C C   . PRO A 1 28  ? 14.226  7.256   17.245  1.00 21.57  ? 27  PRO A C   1 
ATOM   191  O O   . PRO A 1 28  ? 15.159  7.212   18.019  1.00 24.31  ? 27  PRO A O   1 
ATOM   192  C CB  . PRO A 1 28  ? 12.948  9.270   18.049  1.00 26.39  ? 27  PRO A CB  1 
ATOM   193  C CG  . PRO A 1 28  ? 12.101  9.381   19.323  1.00 24.89  ? 27  PRO A CG  1 
ATOM   194  C CD  . PRO A 1 28  ? 12.565  8.237   20.087  1.00 23.35  ? 27  PRO A CD  1 
ATOM   195  N N   . ASN A 1 29  ? 14.333  6.840   15.993  1.00 18.15  ? 28  ASN A N   1 
ATOM   196  C CA  . ASN A 1 29  ? 15.576  6.253   15.474  1.00 17.66  ? 28  ASN A CA  1 
ATOM   197  C C   . ASN A 1 29  ? 15.924  5.004   16.243  1.00 16.35  ? 28  ASN A C   1 
ATOM   198  O O   . ASN A 1 29  ? 17.067  4.823   16.651  1.00 16.65  ? 28  ASN A O   1 
ATOM   199  C CB  . ASN A 1 29  ? 16.767  7.191   15.531  1.00 19.84  ? 28  ASN A CB  1 
ATOM   200  C CG  . ASN A 1 29  ? 16.414  8.583   15.186  1.00 27.51  ? 28  ASN A CG  1 
ATOM   201  O OD1 . ASN A 1 29  ? 15.860  8.880   14.109  1.00 29.64  ? 28  ASN A OD1 1 
ATOM   202  N ND2 . ASN A 1 29  ? 16.654  9.469   16.133  1.00 32.26  ? 28  ASN A ND2 1 
ATOM   203  N N   . SER A 1 30  ? 14.974  4.088   16.351  1.00 15.18  ? 29  SER A N   1 
ATOM   204  C CA  . SER A 1 30  ? 15.215  2.856   17.080  1.00 14.46  ? 29  SER A CA  1 
ATOM   205  C C   . SER A 1 30  ? 14.873  1.722   16.189  1.00 16.94  ? 29  SER A C   1 
ATOM   206  O O   . SER A 1 30  ? 14.069  1.878   15.302  1.00 18.03  ? 29  SER A O   1 
ATOM   207  C CB  . SER A 1 30  ? 14.341  2.790   18.311  1.00 16.67  ? 29  SER A CB  1 
ATOM   208  O OG  . SER A 1 30  ? 12.982  2.787   17.962  1.00 19.25  ? 29  SER A OG  1 
ATOM   209  N N   . ASP A 1 31  ? 15.597  0.621   16.321  1.00 17.89  ? 30  ASP A N   1 
ATOM   210  C CA  . ASP A 1 31  ? 15.337  -0.591  15.556  1.00 15.85  ? 30  ASP A CA  1 
ATOM   211  C C   . ASP A 1 31  ? 14.742  -1.544  16.636  1.00 19.04  ? 30  ASP A C   1 
ATOM   212  O O   . ASP A 1 31  ? 15.417  -1.884  17.597  1.00 18.84  ? 30  ASP A O   1 
ATOM   213  C CB  . ASP A 1 31  ? 16.653  -1.120  15.010  1.00 16.10  ? 30  ASP A CB  1 
ATOM   214  C CG  . ASP A 1 31  ? 16.519  -2.485  14.357  1.00 16.48  ? 30  ASP A CG  1 
ATOM   215  O OD1 . ASP A 1 31  ? 15.572  -3.262  14.591  1.00 18.91  ? 30  ASP A OD1 1 
ATOM   216  O OD2 . ASP A 1 31  ? 17.418  -2.805  13.597  1.00 22.30  ? 30  ASP A OD2 1 
ATOM   217  N N   . ASN A 1 32  ? 13.489  -1.978  16.485  1.00 20.67  ? 31  ASN A N   1 
ATOM   218  C CA  . ASN A 1 32  ? 12.846  -2.797  17.506  1.00 18.24  ? 31  ASN A CA  1 
ATOM   219  C C   . ASN A 1 32  ? 12.381  -4.104  16.997  1.00 18.53  ? 31  ASN A C   1 
ATOM   220  O O   . ASN A 1 32  ? 11.627  -4.123  16.060  1.00 19.34  ? 31  ASN A O   1 
ATOM   221  C CB  . ASN A 1 32  ? 11.609  -2.061  18.048  1.00 18.95  ? 31  ASN A CB  1 
ATOM   222  C CG  . ASN A 1 32  ? 11.902  -0.594  18.472  1.00 20.16  ? 31  ASN A CG  1 
ATOM   223  O OD1 . ASN A 1 32  ? 12.290  -0.314  19.614  1.00 20.13  ? 31  ASN A OD1 1 
ATOM   224  N ND2 . ASN A 1 32  ? 11.648  0.335   17.564  1.00 19.81  ? 31  ASN A ND2 1 
ATOM   225  N N   . ALA A 1 33  ? 12.777  -5.209  17.625  1.00 20.87  ? 32  ALA A N   1 
ATOM   226  C CA  . ALA A 1 33  ? 12.309  -6.537  17.208  1.00 18.29  ? 32  ALA A CA  1 
ATOM   227  C C   . ALA A 1 33  ? 10.882  -6.761  17.653  1.00 18.98  ? 32  ALA A C   1 
ATOM   228  O O   . ALA A 1 33  ? 10.512  -6.360  18.729  1.00 21.63  ? 32  ALA A O   1 
ATOM   229  C CB  . ALA A 1 33  ? 13.180  -7.607  17.760  1.00 17.43  ? 32  ALA A CB  1 
ATOM   230  N N   . ILE A 1 34  ? 10.055  -7.329  16.780  1.00 22.69  ? 33  ILE A N   1 
ATOM   231  C CA  . ILE A 1 34  ? 8.645   -7.628  17.071  1.00 23.04  ? 33  ILE A CA  1 
ATOM   232  C C   . ILE A 1 34  ? 8.326   -8.991  16.466  1.00 23.24  ? 33  ILE A C   1 
ATOM   233  O O   . ILE A 1 34  ? 9.130   -9.542  15.734  1.00 23.77  ? 33  ILE A O   1 
ATOM   234  C CB  . ILE A 1 34  ? 7.620   -6.590  16.419  1.00 22.76  ? 33  ILE A CB  1 
ATOM   235  C CG1 . ILE A 1 34  ? 7.688   -6.589  14.889  1.00 18.11  ? 33  ILE A CG1 1 
ATOM   236  C CG2 . ILE A 1 34  ? 7.827   -5.207  16.976  1.00 25.93  ? 33  ILE A CG2 1 
ATOM   237  C CD1 . ILE A 1 34  ? 6.600   -5.779  14.225  1.00 16.84  ? 33  ILE A CD1 1 
ATOM   238  N N   . ASP A 1 35  ? 7.163   -9.535  16.794  1.00 28.30  ? 34  ASP A N   1 
ATOM   239  C CA  . ASP A 1 35  ? 6.694   -10.805 16.226  1.00 34.16  ? 34  ASP A CA  1 
ATOM   240  C C   . ASP A 1 35  ? 5.185   -10.574 16.043  1.00 34.13  ? 34  ASP A C   1 
ATOM   241  O O   . ASP A 1 35  ? 4.383   -10.851 16.930  1.00 39.18  ? 34  ASP A O   1 
ATOM   242  C CB  . ASP A 1 35  ? 6.987   -11.979 17.163  1.00 40.35  ? 34  ASP A CB  1 
ATOM   243  C CG  . ASP A 1 35  ? 6.789   -13.330 16.479  1.00 48.17  ? 34  ASP A CG  1 
ATOM   244  O OD1 . ASP A 1 35  ? 7.697   -13.801 15.755  1.00 53.02  ? 34  ASP A OD1 1 
ATOM   245  O OD2 . ASP A 1 35  ? 5.702   -13.921 16.639  1.00 57.69  ? 34  ASP A OD2 1 
ATOM   246  N N   . LEU A 1 36  ? 4.825   -9.995  14.902  1.00 31.83  ? 35  LEU A N   1 
ATOM   247  C CA  . LEU A 1 36  ? 3.464   -9.624  14.616  1.00 25.71  ? 35  LEU A CA  1 
ATOM   248  C C   . LEU A 1 36  ? 3.009   -10.257 13.339  1.00 27.58  ? 35  LEU A C   1 
ATOM   249  O O   . LEU A 1 36  ? 3.758   -10.340 12.374  1.00 29.65  ? 35  LEU A O   1 
ATOM   250  C CB  . LEU A 1 36  ? 3.428   -8.137  14.398  1.00 24.58  ? 35  LEU A CB  1 
ATOM   251  C CG  . LEU A 1 36  ? 2.313   -7.309  14.978  1.00 25.05  ? 35  LEU A CG  1 
ATOM   252  C CD1 . LEU A 1 36  ? 2.119   -6.030  14.175  1.00 24.12  ? 35  LEU A CD1 1 
ATOM   253  C CD2 . LEU A 1 36  ? 1.077   -8.118  14.984  1.00 28.87  ? 35  LEU A CD2 1 
ATOM   254  N N   . LYS A 1 37  ? 1.770   -10.710 13.330  1.00 27.81  ? 36  LYS A N   1 
ATOM   255  C CA  . LYS A 1 37  ? 1.191   -11.288 12.132  1.00 26.35  ? 36  LYS A CA  1 
ATOM   256  C C   . LYS A 1 37  ? 0.459   -10.085 11.482  1.00 22.85  ? 36  LYS A C   1 
ATOM   257  O O   . LYS A 1 37  ? -0.355  -9.393  12.097  1.00 21.16  ? 36  LYS A O   1 
ATOM   258  C CB  . LYS A 1 37  ? 0.238   -12.427 12.526  1.00 34.14  ? 36  LYS A CB  1 
ATOM   259  C CG  . LYS A 1 37  ? 0.234   -13.661 11.621  1.00 40.91  ? 36  LYS A CG  1 
ATOM   260  C CD  . LYS A 1 37  ? 1.581   -14.357 11.623  1.00 49.92  ? 36  LYS A CD  1 
ATOM   261  C CE  . LYS A 1 37  ? 2.041   -14.664 13.040  1.00 57.00  ? 36  LYS A CE  1 
ATOM   262  N NZ  . LYS A 1 37  ? 3.523   -14.914 13.086  1.00 63.25  ? 36  LYS A NZ  1 
ATOM   263  N N   . VAL A 1 38  ? 0.667   -9.899  10.202  1.00 20.67  ? 37  VAL A N   1 
ATOM   264  C CA  . VAL A 1 38  ? 0.119   -8.745  9.540   1.00 19.82  ? 37  VAL A CA  1 
ATOM   265  C C   . VAL A 1 38  ? -0.393  -9.189  8.172   1.00 17.59  ? 37  VAL A C   1 
ATOM   266  O O   . VAL A 1 38  ? -0.005  -10.232 7.689   1.00 20.27  ? 37  VAL A O   1 
ATOM   267  C CB  . VAL A 1 38  ? 1.342   -7.732  9.477   1.00 21.07  ? 37  VAL A CB  1 
ATOM   268  C CG1 . VAL A 1 38  ? 1.835   -7.473  8.080   1.00 20.21  ? 37  VAL A CG1 1 
ATOM   269  C CG2 . VAL A 1 38  ? 1.119   -6.552  10.314  1.00 18.69  ? 37  VAL A CG2 1 
ATOM   270  N N   . LEU A 1 39  ? -1.334  -8.475  7.587   1.00 17.12  ? 38  LEU A N   1 
ATOM   271  C CA  . LEU A 1 39  ? -1.799  -8.869  6.272   1.00 16.22  ? 38  LEU A CA  1 
ATOM   272  C C   . LEU A 1 39  ? -0.821  -8.435  5.207   1.00 16.61  ? 38  LEU A C   1 
ATOM   273  O O   . LEU A 1 39  ? -0.296  -7.342  5.287   1.00 16.81  ? 38  LEU A O   1 
ATOM   274  C CB  . LEU A 1 39  ? -3.120  -8.219  5.958   1.00 14.11  ? 38  LEU A CB  1 
ATOM   275  C CG  . LEU A 1 39  ? -4.192  -8.710  6.870   1.00 17.14  ? 38  LEU A CG  1 
ATOM   276  C CD1 . LEU A 1 39  ? -5.525  -8.265  6.292   1.00 18.29  ? 38  LEU A CD1 1 
ATOM   277  C CD2 . LEU A 1 39  ? -4.100  -10.200 7.009   1.00 14.84  ? 38  LEU A CD2 1 
ATOM   278  N N   . ASP A 1 40  ? -0.686  -9.242  4.161   1.00 15.96  ? 39  ASP A N   1 
ATOM   279  C CA  . ASP A 1 40  ? 0.190   -8.960  3.060   1.00 16.28  ? 39  ASP A CA  1 
ATOM   280  C C   . ASP A 1 40  ? -0.598  -8.352  1.896   1.00 19.50  ? 39  ASP A C   1 
ATOM   281  O O   . ASP A 1 40  ? -1.770  -7.997  2.036   1.00 20.04  ? 39  ASP A O   1 
ATOM   282  C CB  . ASP A 1 40  ? 0.978   -10.218 2.641   1.00 20.59  ? 39  ASP A CB  1 
ATOM   283  C CG  . ASP A 1 40  ? 0.166   -11.235 1.793   1.00 19.80  ? 39  ASP A CG  1 
ATOM   284  O OD1 . ASP A 1 40  ? -1.072  -11.169 1.664   1.00 23.53  ? 39  ASP A OD1 1 
ATOM   285  O OD2 . ASP A 1 40  ? 0.797   -12.148 1.230   1.00 21.72  ? 39  ASP A OD2 1 
ATOM   286  N N   . ARG A 1 41  ? 0.033   -8.278  0.739   1.00 20.69  ? 40  ARG A N   1 
ATOM   287  C CA  . ARG A 1 41  ? -0.560  -7.693  -0.447  1.00 21.78  ? 40  ARG A CA  1 
ATOM   288  C C   . ARG A 1 41  ? -1.931  -8.265  -0.802  1.00 20.99  ? 40  ARG A C   1 
ATOM   289  O O   . ARG A 1 41  ? -2.764  -7.543  -1.322  1.00 21.02  ? 40  ARG A O   1 
ATOM   290  C CB  . ARG A 1 41  ? 0.410   -7.861  -1.617  1.00 21.79  ? 40  ARG A CB  1 
ATOM   291  C CG  . ARG A 1 41  ? -0.174  -7.553  -2.922  1.00 24.57  ? 40  ARG A CG  1 
ATOM   292  C CD  . ARG A 1 41  ? 0.595   -8.232  -3.986  1.00 24.43  ? 40  ARG A CD  1 
ATOM   293  N NE  . ARG A 1 41  ? 1.857   -7.553  -4.188  1.00 24.32  ? 40  ARG A NE  1 
ATOM   294  C CZ  . ARG A 1 41  ? 2.296   -7.150  -5.375  1.00 26.99  ? 40  ARG A CZ  1 
ATOM   295  N NH1 . ARG A 1 41  ? 1.572   -7.352  -6.468  1.00 25.19  ? 40  ARG A NH1 1 
ATOM   296  N NH2 . ARG A 1 41  ? 3.476   -6.548  -5.468  1.00 29.89  ? 40  ARG A NH2 1 
ATOM   297  N N   . HIS A 1 42  ? -2.152  -9.557  -0.556  1.00 21.08  ? 41  HIS A N   1 
ATOM   298  C CA  . HIS A 1 42  ? -3.450  -10.209 -0.844  1.00 19.88  ? 41  HIS A CA  1 
ATOM   299  C C   . HIS A 1 42  ? -4.410  -10.373 0.317   1.00 20.35  ? 41  HIS A C   1 
ATOM   300  O O   . HIS A 1 42  ? -5.424  -11.021 0.127   1.00 22.71  ? 41  HIS A O   1 
ATOM   301  C CB  . HIS A 1 42  ? -3.245  -11.592 -1.380  1.00 16.16  ? 41  HIS A CB  1 
ATOM   302  C CG  . HIS A 1 42  ? -2.476  -11.603 -2.642  1.00 18.04  ? 41  HIS A CG  1 
ATOM   303  N ND1 . HIS A 1 42  ? -2.959  -11.031 -3.797  1.00 20.02  ? 41  HIS A ND1 1 
ATOM   304  C CD2 . HIS A 1 42  ? -1.238  -12.047 -2.927  1.00 16.12  ? 41  HIS A CD2 1 
ATOM   305  C CE1 . HIS A 1 42  ? -2.046  -11.119 -4.738  1.00 17.09  ? 41  HIS A CE1 1 
ATOM   306  N NE2 . HIS A 1 42  ? -0.997  -11.737 -4.233  1.00 19.21  ? 41  HIS A NE2 1 
ATOM   307  N N   . GLY A 1 43  ? -4.110  -9.789  1.482   1.00 19.16  ? 42  GLY A N   1 
ATOM   308  C CA  . GLY A 1 43  ? -4.955  -9.939  2.641   1.00 17.63  ? 42  GLY A CA  1 
ATOM   309  C C   . GLY A 1 43  ? -4.646  -11.225 3.398   1.00 19.37  ? 42  GLY A C   1 
ATOM   310  O O   . GLY A 1 43  ? -5.411  -11.655 4.239   1.00 21.38  ? 42  GLY A O   1 
ATOM   311  N N   . ASN A 1 44  ? -3.517  -11.843 3.094   1.00 18.38  ? 43  ASN A N   1 
ATOM   312  C CA  . ASN A 1 44  ? -3.096  -13.077 3.749   1.00 21.22  ? 43  ASN A CA  1 
ATOM   313  C C   . ASN A 1 44  ? -2.081  -12.760 4.914   1.00 23.02  ? 43  ASN A C   1 
ATOM   314  O O   . ASN A 1 44  ? -1.241  -11.883 4.759   1.00 24.85  ? 43  ASN A O   1 
ATOM   315  C CB  . ASN A 1 44  ? -2.490  -13.984 2.662   1.00 19.86  ? 43  ASN A CB  1 
ATOM   316  C CG  . ASN A 1 44  ? -3.537  -14.501 1.666   1.00 20.98  ? 43  ASN A CG  1 
ATOM   317  O OD1 . ASN A 1 44  ? -4.661  -14.768 2.058   1.00 18.58  ? 43  ASN A OD1 1 
ATOM   318  N ND2 . ASN A 1 44  ? -3.170  -14.631 0.375   1.00 18.39  ? 43  ASN A ND2 1 
ATOM   319  N N   . PRO A 1 45  ? -2.162  -13.446 6.086   1.00 23.91  ? 44  PRO A N   1 
ATOM   320  C CA  . PRO A 1 45  ? -1.272  -13.220 7.243   1.00 22.75  ? 44  PRO A CA  1 
ATOM   321  C C   . PRO A 1 45  ? 0.170   -13.550 6.983   1.00 26.88  ? 44  PRO A C   1 
ATOM   322  O O   . PRO A 1 45  ? 0.525   -14.656 6.588   1.00 28.17  ? 44  PRO A O   1 
ATOM   323  C CB  . PRO A 1 45  ? -1.867  -14.091 8.324   1.00 24.81  ? 44  PRO A CB  1 
ATOM   324  C CG  . PRO A 1 45  ? -2.462  -15.221 7.534   1.00 25.67  ? 44  PRO A CG  1 
ATOM   325  C CD  . PRO A 1 45  ? -3.123  -14.517 6.388   1.00 24.54  ? 44  PRO A CD  1 
ATOM   326  N N   . VAL A 1 46  ? 1.019   -12.593 7.302   1.00 26.20  ? 45  VAL A N   1 
ATOM   327  C CA  . VAL A 1 46  ? 2.417   -12.710 7.005   1.00 23.73  ? 45  VAL A CA  1 
ATOM   328  C C   . VAL A 1 46  ? 3.130   -12.192 8.273   1.00 23.39  ? 45  VAL A C   1 
ATOM   329  O O   . VAL A 1 46  ? 2.505   -11.566 9.131   1.00 19.71  ? 45  VAL A O   1 
ATOM   330  C CB  . VAL A 1 46  ? 2.645   -11.877 5.687   1.00 25.21  ? 45  VAL A CB  1 
ATOM   331  C CG1 . VAL A 1 46  ? 2.906   -10.402 5.963   1.00 21.88  ? 45  VAL A CG1 1 
ATOM   332  C CG2 . VAL A 1 46  ? 3.631   -12.503 4.809   1.00 24.79  ? 45  VAL A CG2 1 
ATOM   333  N N   . LEU A 1 47  ? 4.399   -12.525 8.433   1.00 24.40  ? 46  LEU A N   1 
ATOM   334  C CA  . LEU A 1 47  ? 5.150   -12.121 9.618   1.00 25.30  ? 46  LEU A CA  1 
ATOM   335  C C   . LEU A 1 47  ? 5.970   -10.836 9.457   1.00 23.82  ? 46  LEU A C   1 
ATOM   336  O O   . LEU A 1 47  ? 6.755   -10.703 8.525   1.00 22.39  ? 46  LEU A O   1 
ATOM   337  C CB  . LEU A 1 47  ? 6.087   -13.255 10.056  1.00 27.19  ? 46  LEU A CB  1 
ATOM   338  C CG  . LEU A 1 47  ? 6.846   -12.848 11.323  1.00 32.78  ? 46  LEU A CG  1 
ATOM   339  C CD1 . LEU A 1 47  ? 5.889   -12.796 12.535  1.00 32.55  ? 46  LEU A CD1 1 
ATOM   340  C CD2 . LEU A 1 47  ? 8.044   -13.733 11.560  1.00 31.73  ? 46  LEU A CD2 1 
ATOM   341  N N   . ALA A 1 48  ? 5.782   -9.902  10.383  1.00 23.31  ? 47  ALA A N   1 
ATOM   342  C CA  . ALA A 1 48  ? 6.521   -8.653  10.403  1.00 21.01  ? 47  ALA A CA  1 
ATOM   343  C C   . ALA A 1 48  ? 7.488   -8.840  11.581  1.00 22.60  ? 47  ALA A C   1 
ATOM   344  O O   . ALA A 1 48  ? 7.062   -9.136  12.695  1.00 21.32  ? 47  ALA A O   1 
ATOM   345  C CB  . ALA A 1 48  ? 5.582   -7.496  10.653  1.00 20.27  ? 47  ALA A CB  1 
ATOM   346  N N   . ASP A 1 49  ? 8.786   -8.687  11.341  1.00 24.38  ? 48  ASP A N   1 
ATOM   347  C CA  . ASP A 1 49  ? 9.754   -8.878  12.413  1.00 25.99  ? 48  ASP A CA  1 
ATOM   348  C C   . ASP A 1 49  ? 10.538  -7.659  12.944  1.00 23.67  ? 48  ASP A C   1 
ATOM   349  O O   . ASP A 1 49  ? 11.333  -7.810  13.871  1.00 22.37  ? 48  ASP A O   1 
ATOM   350  C CB  . ASP A 1 49  ? 10.681  -10.077 12.108  1.00 23.91  ? 48  ASP A CB  1 
ATOM   351  C CG  . ASP A 1 49  ? 11.601  -9.828  10.963  1.00 22.63  ? 48  ASP A CG  1 
ATOM   352  O OD1 . ASP A 1 49  ? 11.264  -9.054  10.089  1.00 25.57  ? 48  ASP A OD1 1 
ATOM   353  O OD2 . ASP A 1 49  ? 12.682  -10.434 10.906  1.00 34.10  ? 48  ASP A OD2 1 
ATOM   354  N N   . ARG A 1 50  ? 10.360  -6.467  12.362  1.00 23.89  ? 49  ARG A N   1 
ATOM   355  C CA  . ARG A 1 50  ? 11.036  -5.268  12.878  1.00 20.39  ? 49  ARG A CA  1 
ATOM   356  C C   . ARG A 1 50  ? 10.096  -4.061  12.757  1.00 19.23  ? 49  ARG A C   1 
ATOM   357  O O   . ARG A 1 50  ? 9.229   -4.044  11.900  1.00 17.05  ? 49  ARG A O   1 
ATOM   358  C CB  . ARG A 1 50  ? 12.464  -5.039  12.239  1.00 23.87  ? 49  ARG A CB  1 
ATOM   359  C CG  . ARG A 1 50  ? 13.759  -5.794  12.949  1.00 25.22  ? 49  ARG A CG  1 
ATOM   360  C CD  . ARG A 1 50  ? 15.267  -5.330  12.419  1.00 38.36  ? 49  ARG A CD  1 
ATOM   361  N NE  . ARG A 1 50  ? 16.387  -6.331  12.544  1.00 37.56  ? 49  ARG A NE  1 
ATOM   362  C CZ  . ARG A 1 50  ? 17.685  -6.235  12.124  1.00 29.73  ? 49  ARG A CZ  1 
ATOM   363  N NH1 . ARG A 1 50  ? 18.210  -5.193  11.541  1.00 18.74  ? 49  ARG A NH1 1 
ATOM   364  N NH2 . ARG A 1 50  ? 18.425  -7.327  12.076  1.00 31.05  ? 49  ARG A NH2 1 
ATOM   365  N N   . LEU A 1 51  ? 10.093  -3.201  13.780  1.00 20.14  ? 50  LEU A N   1 
ATOM   366  C CA  . LEU A 1 51  ? 9.339   -1.931  13.796  1.00 18.39  ? 50  LEU A CA  1 
ATOM   367  C C   . LEU A 1 51  ? 10.442  -0.875  13.847  1.00 16.08  ? 50  LEU A C   1 
ATOM   368  O O   . LEU A 1 51  ? 11.252  -0.912  14.773  1.00 15.24  ? 50  LEU A O   1 
ATOM   369  C CB  . LEU A 1 51  ? 8.404   -1.768  15.044  1.00 17.96  ? 50  LEU A CB  1 
ATOM   370  C CG  . LEU A 1 51  ? 7.489   -0.533  15.344  1.00 16.27  ? 50  LEU A CG  1 
ATOM   371  C CD1 . LEU A 1 51  ? 8.281   0.613   15.910  1.00 17.44  ? 50  LEU A CD1 1 
ATOM   372  C CD2 . LEU A 1 51  ? 6.733   -0.026  14.143  1.00 12.34  ? 50  LEU A CD2 1 
ATOM   373  N N   . PHE A 1 52  ? 10.553  -0.035  12.815  1.00 17.04  ? 51  PHE A N   1 
ATOM   374  C CA  . PHE A 1 52  ? 11.564  1.041   12.793  1.00 16.45  ? 51  PHE A CA  1 
ATOM   375  C C   . PHE A 1 52  ? 10.870  2.388   12.985  1.00 18.02  ? 51  PHE A C   1 
ATOM   376  O O   . PHE A 1 52  ? 9.851   2.664   12.374  1.00 17.69  ? 51  PHE A O   1 
ATOM   377  C CB  . PHE A 1 52  ? 12.329  1.111   11.471  1.00 13.56  ? 51  PHE A CB  1 
ATOM   378  C CG  . PHE A 1 52  ? 12.964  -0.191  11.060  1.00 18.43  ? 51  PHE A CG  1 
ATOM   379  C CD1 . PHE A 1 52  ? 14.088  -0.656  11.676  1.00 17.53  ? 51  PHE A CD1 1 
ATOM   380  C CD2 . PHE A 1 52  ? 12.457  -0.933  10.020  1.00 17.11  ? 51  PHE A CD2 1 
ATOM   381  C CE1 . PHE A 1 52  ? 14.688  -1.852  11.253  1.00 15.94  ? 51  PHE A CE1 1 
ATOM   382  C CE2 . PHE A 1 52  ? 13.073  -2.119  9.614   1.00 14.21  ? 51  PHE A CE2 1 
ATOM   383  C CZ  . PHE A 1 52  ? 14.173  -2.559  10.238  1.00 14.97  ? 51  PHE A CZ  1 
ATOM   384  N N   . HIS A 1 53  ? 11.383  3.186   13.915  1.00 19.51  ? 52  HIS A N   1 
ATOM   385  C CA  . HIS A 1 53  ? 10.876  4.527   14.169  1.00 18.14  ? 52  HIS A CA  1 
ATOM   386  C C   . HIS A 1 53  ? 12.021  5.327   13.555  1.00 18.08  ? 52  HIS A C   1 
ATOM   387  O O   . HIS A 1 53  ? 13.073  5.389   14.141  1.00 19.72  ? 52  HIS A O   1 
ATOM   388  C CB  . HIS A 1 53  ? 10.799  4.812   15.654  1.00 15.14  ? 52  HIS A CB  1 
ATOM   389  C CG  . HIS A 1 53  ? 10.413  6.213   15.940  1.00 17.50  ? 52  HIS A CG  1 
ATOM   390  N ND1 . HIS A 1 53  ? 11.047  7.281   15.346  1.00 21.85  ? 52  HIS A ND1 1 
ATOM   391  C CD2 . HIS A 1 53  ? 9.397   6.732   16.665  1.00 16.47  ? 52  HIS A CD2 1 
ATOM   392  C CE1 . HIS A 1 53  ? 10.429  8.397   15.681  1.00 18.33  ? 52  HIS A CE1 1 
ATOM   393  N NE2 . HIS A 1 53  ? 9.427   8.093   16.479  1.00 18.05  ? 52  HIS A NE2 1 
ATOM   394  N N   . SER A 1 54  ? 11.841  5.895   12.374  1.00 19.94  ? 53  SER A N   1 
ATOM   395  C CA  . SER A 1 54  ? 12.925  6.591   11.707  1.00 25.42  ? 53  SER A CA  1 
ATOM   396  C C   . SER A 1 54  ? 13.117  8.085   12.001  1.00 28.26  ? 53  SER A C   1 
ATOM   397  O O   . SER A 1 54  ? 13.756  8.798   11.222  1.00 32.69  ? 53  SER A O   1 
ATOM   398  C CB  . SER A 1 54  ? 12.798  6.374   10.188  1.00 29.93  ? 53  SER A CB  1 
ATOM   399  O OG  . SER A 1 54  ? 12.199  5.122   9.862   1.00 37.31  ? 53  SER A OG  1 
ATOM   400  N N   . GLY A 1 55  ? 12.611  8.575   13.119  1.00 28.96  ? 54  GLY A N   1 
ATOM   401  C CA  . GLY A 1 55  ? 12.781  9.983   13.403  1.00 26.84  ? 54  GLY A CA  1 
ATOM   402  C C   . GLY A 1 55  ? 11.717  10.772  12.672  1.00 27.87  ? 54  GLY A C   1 
ATOM   403  O O   . GLY A 1 55  ? 10.734  10.200  12.241  1.00 28.42  ? 54  GLY A O   1 
ATOM   404  N N   . GLU A 1 56  ? 11.880  12.087  12.580  1.00 30.48  ? 55  GLU A N   1 
ATOM   405  C CA  . GLU A 1 56  ? 10.908  12.946  11.918  1.00 33.38  ? 55  GLU A CA  1 
ATOM   406  C C   . GLU A 1 56  ? 11.405  13.360  10.556  1.00 32.15  ? 55  GLU A C   1 
ATOM   407  O O   . GLU A 1 56  ? 12.584  13.684  10.367  1.00 31.52  ? 55  GLU A O   1 
ATOM   408  C CB  . GLU A 1 56  ? 10.623  14.175  12.752  1.00 38.99  ? 55  GLU A CB  1 
ATOM   409  C CG  . GLU A 1 56  ? 9.877   13.889  14.046  1.00 52.20  ? 55  GLU A CG  1 
ATOM   410  C CD  . GLU A 1 56  ? 9.522   15.175  14.824  1.00 60.69  ? 55  GLU A CD  1 
ATOM   411  O OE1 . GLU A 1 56  ? 10.472  15.898  15.252  1.00 64.64  ? 55  GLU A OE1 1 
ATOM   412  O OE2 . GLU A 1 56  ? 8.299   15.457  15.002  1.00 63.85  ? 55  GLU A OE2 1 
ATOM   413  N N   . HIS A 1 57  ? 10.502  13.306  9.587   1.00 31.06  ? 56  HIS A N   1 
ATOM   414  C CA  . HIS A 1 57  ? 10.833  13.635  8.215   1.00 28.40  ? 56  HIS A CA  1 
ATOM   415  C C   . HIS A 1 57  ? 9.632   14.254  7.581   1.00 26.90  ? 56  HIS A C   1 
ATOM   416  O O   . HIS A 1 57  ? 8.524   14.127  8.087   1.00 28.31  ? 56  HIS A O   1 
ATOM   417  C CB  . HIS A 1 57  ? 11.167  12.366  7.431   1.00 29.01  ? 56  HIS A CB  1 
ATOM   418  C CG  . HIS A 1 57  ? 12.357  11.653  7.952   1.00 30.54  ? 56  HIS A CG  1 
ATOM   419  N ND1 . HIS A 1 57  ? 13.636  12.126  7.770   1.00 38.27  ? 56  HIS A ND1 1 
ATOM   420  C CD2 . HIS A 1 57  ? 12.467  10.576  8.762   1.00 34.88  ? 56  HIS A CD2 1 
ATOM   421  C CE1 . HIS A 1 57  ? 14.482  11.380  8.458   1.00 36.91  ? 56  HIS A CE1 1 
ATOM   422  N NE2 . HIS A 1 57  ? 13.798  10.433  9.069   1.00 33.13  ? 56  HIS A NE2 1 
ATOM   423  N N   . PRO A 1 58  ? 9.842   14.971  6.471   1.00 28.33  ? 57  PRO A N   1 
ATOM   424  C CA  . PRO A 1 58  ? 8.783   15.634  5.704   1.00 25.72  ? 57  PRO A CA  1 
ATOM   425  C C   . PRO A 1 58  ? 7.887   14.477  5.264   1.00 25.53  ? 57  PRO A C   1 
ATOM   426  O O   . PRO A 1 58  ? 8.385   13.437  4.792   1.00 23.59  ? 57  PRO A O   1 
ATOM   427  C CB  . PRO A 1 58  ? 9.528   16.185  4.499   1.00 23.92  ? 57  PRO A CB  1 
ATOM   428  C CG  . PRO A 1 58  ? 10.909  16.335  4.983   1.00 27.32  ? 57  PRO A CG  1 
ATOM   429  C CD  . PRO A 1 58  ? 11.148  15.140  5.816   1.00 27.55  ? 57  PRO A CD  1 
ATOM   430  N N   . VAL A 1 59  ? 6.593   14.745  5.236   1.00 24.90  ? 58  VAL A N   1 
ATOM   431  C CA  . VAL A 1 59  ? 5.615   13.740  4.954   1.00 25.81  ? 58  VAL A CA  1 
ATOM   432  C C   . VAL A 1 59  ? 4.566   14.418  4.026   1.00 28.31  ? 58  VAL A C   1 
ATOM   433  O O   . VAL A 1 59  ? 4.512   15.669  3.966   1.00 24.90  ? 58  VAL A O   1 
ATOM   434  C CB  . VAL A 1 59  ? 5.130   13.315  6.364   1.00 27.00  ? 58  VAL A CB  1 
ATOM   435  C CG1 . VAL A 1 59  ? 3.778   13.835  6.683   1.00 31.33  ? 58  VAL A CG1 1 
ATOM   436  C CG2 . VAL A 1 59  ? 5.332   11.852  6.604   1.00 26.93  ? 58  VAL A CG2 1 
ATOM   437  N N   . TYR A 1 60  ? 3.885   13.594  3.200   1.00 27.11  ? 59  TYR A N   1 
ATOM   438  C CA  . TYR A 1 60  ? 2.841   13.988  2.216   1.00 23.37  ? 59  TYR A CA  1 
ATOM   439  C C   . TYR A 1 60  ? 1.609   13.092  2.329   1.00 25.12  ? 59  TYR A C   1 
ATOM   440  O O   . TYR A 1 60  ? 1.698   11.870  2.466   1.00 26.92  ? 59  TYR A O   1 
ATOM   441  C CB  . TYR A 1 60  ? 3.365   13.901  0.789   1.00 22.53  ? 59  TYR A CB  1 
ATOM   442  C CG  . TYR A 1 60  ? 4.715   14.502  0.683   1.00 26.48  ? 59  TYR A CG  1 
ATOM   443  C CD1 . TYR A 1 60  ? 5.829   13.798  1.104   1.00 31.45  ? 59  TYR A CD1 1 
ATOM   444  C CD2 . TYR A 1 60  ? 4.879   15.815  0.277   1.00 34.55  ? 59  TYR A CD2 1 
ATOM   445  C CE1 . TYR A 1 60  ? 7.081   14.376  1.139   1.00 38.18  ? 59  TYR A CE1 1 
ATOM   446  C CE2 . TYR A 1 60  ? 6.138   16.428  0.300   1.00 39.52  ? 59  TYR A CE2 1 
ATOM   447  C CZ  . TYR A 1 60  ? 7.242   15.701  0.734   1.00 43.42  ? 59  TYR A CZ  1 
ATOM   448  O OH  . TYR A 1 60  ? 8.515   16.276  0.757   1.00 49.54  ? 59  TYR A OH  1 
ATOM   449  N N   . ALA A 1 61  ? 0.445   13.705  2.231   1.00 25.41  ? 60  ALA A N   1 
ATOM   450  C CA  . ALA A 1 61  ? -0.808  13.011  2.354   1.00 20.80  ? 60  ALA A CA  1 
ATOM   451  C C   . ALA A 1 61  ? -1.368  12.618  1.009   1.00 22.60  ? 60  ALA A C   1 
ATOM   452  O O   . ALA A 1 61  ? -1.618  13.490  0.174   1.00 23.89  ? 60  ALA A O   1 
ATOM   453  C CB  . ALA A 1 61  ? -1.772  13.919  3.066   1.00 20.13  ? 60  ALA A CB  1 
ATOM   454  N N   . VAL A 1 62  ? -1.556  11.319  0.776   1.00 20.34  ? 61  VAL A N   1 
ATOM   455  C CA  . VAL A 1 62  ? -2.132  10.871  -0.469  1.00 17.10  ? 61  VAL A CA  1 
ATOM   456  C C   . VAL A 1 62  ? -3.568  10.625  -0.170  1.00 21.10  ? 61  VAL A C   1 
ATOM   457  O O   . VAL A 1 62  ? -3.872  9.900   0.748   1.00 24.65  ? 61  VAL A O   1 
ATOM   458  C CB  . VAL A 1 62  ? -1.590  9.562   -0.906  1.00 19.32  ? 61  VAL A CB  1 
ATOM   459  C CG1 . VAL A 1 62  ? -2.306  9.117   -2.173  1.00 19.24  ? 61  VAL A CG1 1 
ATOM   460  C CG2 . VAL A 1 62  ? -0.102  9.660   -1.098  1.00 19.01  ? 61  VAL A CG2 1 
ATOM   461  N N   . ARG A 1 63  ? -4.456  11.292  -0.893  1.00 26.63  ? 62  ARG A N   1 
ATOM   462  C CA  . ARG A 1 63  ? -5.909  11.171  -0.718  1.00 27.71  ? 62  ARG A CA  1 
ATOM   463  C C   . ARG A 1 63  ? -6.551  10.613  -1.958  1.00 25.96  ? 62  ARG A C   1 
ATOM   464  O O   . ARG A 1 63  ? -6.247  11.006  -3.079  1.00 27.37  ? 62  ARG A O   1 
ATOM   465  C CB  . ARG A 1 63  ? -6.530  12.523  -0.418  1.00 30.61  ? 62  ARG A CB  1 
ATOM   466  C CG  . ARG A 1 63  ? -5.886  13.162  0.740   1.00 36.70  ? 62  ARG A CG  1 
ATOM   467  C CD  . ARG A 1 63  ? -5.357  14.550  0.428   1.00 41.05  ? 62  ARG A CD  1 
ATOM   468  N NE  . ARG A 1 63  ? -4.939  15.140  1.689   1.00 43.17  ? 62  ARG A NE  1 
ATOM   469  C CZ  . ARG A 1 63  ? -5.648  15.101  2.817   1.00 41.28  ? 62  ARG A CZ  1 
ATOM   470  N NH1 . ARG A 1 63  ? -6.851  14.526  2.864   1.00 42.65  ? 62  ARG A NH1 1 
ATOM   471  N NH2 . ARG A 1 63  ? -5.085  15.505  3.949   1.00 44.73  ? 62  ARG A NH2 1 
ATOM   472  N N   . THR A 1 64  ? -7.530  9.777   -1.725  1.00 25.79  ? 63  THR A N   1 
ATOM   473  C CA  . THR A 1 64  ? -8.240  9.071   -2.761  1.00 26.54  ? 63  THR A CA  1 
ATOM   474  C C   . THR A 1 64  ? -9.609  9.706   -3.006  1.00 30.14  ? 63  THR A C   1 
ATOM   475  O O   . THR A 1 64  ? -10.198 10.353  -2.130  1.00 31.64  ? 63  THR A O   1 
ATOM   476  C CB  . THR A 1 64  ? -8.303  7.634   -2.309  1.00 24.19  ? 63  THR A CB  1 
ATOM   477  O OG1 . THR A 1 64  ? -7.554  6.822   -3.195  1.00 31.14  ? 63  THR A OG1 1 
ATOM   478  C CG2 . THR A 1 64  ? -9.628  7.157   -2.111  1.00 17.49  ? 63  THR A CG2 1 
ATOM   479  N N   . VAL A 1 65  ? -10.107 9.544   -4.218  1.00 31.80  ? 64  VAL A N   1 
ATOM   480  C CA  . VAL A 1 65  ? -11.387 10.113  -4.611  1.00 33.11  ? 64  VAL A CA  1 
ATOM   481  C C   . VAL A 1 65  ? -12.529 9.675   -3.669  1.00 33.99  ? 64  VAL A C   1 
ATOM   482  O O   . VAL A 1 65  ? -13.529 10.373  -3.531  1.00 34.74  ? 64  VAL A O   1 
ATOM   483  C CB  . VAL A 1 65  ? -11.639 9.723   -6.069  1.00 34.37  ? 64  VAL A CB  1 
ATOM   484  C CG1 . VAL A 1 65  ? -13.045 9.168   -6.290  1.00 38.39  ? 64  VAL A CG1 1 
ATOM   485  C CG2 . VAL A 1 65  ? -11.292 10.901  -6.958  1.00 36.25  ? 64  VAL A CG2 1 
ATOM   486  N N   . GLU A 1 66  ? -12.341 8.514   -3.029  1.00 33.94  ? 65  GLU A N   1 
ATOM   487  C CA  . GLU A 1 66  ? -13.289 7.907   -2.104  1.00 27.88  ? 65  GLU A CA  1 
ATOM   488  C C   . GLU A 1 66  ? -13.081 8.449   -0.706  1.00 28.15  ? 65  GLU A C   1 
ATOM   489  O O   . GLU A 1 66  ? -13.876 8.164   0.169   1.00 29.79  ? 65  GLU A O   1 
ATOM   490  C CB  . GLU A 1 66  ? -13.087 6.391   -2.048  1.00 26.12  ? 65  GLU A CB  1 
ATOM   491  C CG  . GLU A 1 66  ? -13.325 5.672   -3.341  1.00 27.33  ? 65  GLU A CG  1 
ATOM   492  C CD  . GLU A 1 66  ? -12.139 5.618   -4.302  1.00 27.15  ? 65  GLU A CD  1 
ATOM   493  O OE1 . GLU A 1 66  ? -11.091 6.220   -4.083  1.00 29.61  ? 65  GLU A OE1 1 
ATOM   494  O OE2 . GLU A 1 66  ? -12.265 4.958   -5.338  1.00 31.12  ? 65  GLU A OE2 1 
ATOM   495  N N   . GLY A 1 67  ? -11.990 9.184   -0.498  1.00 27.64  ? 66  GLY A N   1 
ATOM   496  C CA  . GLY A 1 67  ? -11.666 9.733   0.806   1.00 25.81  ? 66  GLY A CA  1 
ATOM   497  C C   . GLY A 1 67  ? -10.560 8.990   1.563   1.00 27.65  ? 66  GLY A C   1 
ATOM   498  O O   . GLY A 1 67  ? -10.200 9.404   2.660   1.00 28.71  ? 66  GLY A O   1 
ATOM   499  N N   . LEU A 1 68  ? -10.045 7.880   1.029   1.00 27.33  ? 67  LEU A N   1 
ATOM   500  C CA  . LEU A 1 68  ? -8.966  7.129   1.699   1.00 25.08  ? 67  LEU A CA  1 
ATOM   501  C C   . LEU A 1 68  ? -7.760  8.027   1.729   1.00 24.53  ? 67  LEU A C   1 
ATOM   502  O O   . LEU A 1 68  ? -7.588  8.833   0.825   1.00 27.66  ? 67  LEU A O   1 
ATOM   503  C CB  . LEU A 1 68  ? -8.627  5.876   0.894   1.00 22.10  ? 67  LEU A CB  1 
ATOM   504  C CG  . LEU A 1 68  ? -9.837  4.998   0.666   1.00 22.94  ? 67  LEU A CG  1 
ATOM   505  C CD1 . LEU A 1 68  ? -9.581  3.880   -0.278  1.00 24.97  ? 67  LEU A CD1 1 
ATOM   506  C CD2 . LEU A 1 68  ? -10.193 4.442   1.993   1.00 29.42  ? 67  LEU A CD2 1 
ATOM   507  N N   . ARG A 1 69  ? -6.882  7.867   2.704   1.00 23.20  ? 68  ARG A N   1 
ATOM   508  C CA  . ARG A 1 69  ? -5.709  8.728   2.754   1.00 24.50  ? 68  ARG A CA  1 
ATOM   509  C C   . ARG A 1 69  ? -4.587  7.984   3.452   1.00 23.69  ? 68  ARG A C   1 
ATOM   510  O O   . ARG A 1 69  ? -4.861  7.130   4.283   1.00 24.19  ? 68  ARG A O   1 
ATOM   511  C CB  . ARG A 1 69  ? -6.050  9.992   3.568   1.00 25.12  ? 68  ARG A CB  1 
ATOM   512  C CG  . ARG A 1 69  ? -4.886  10.922  4.007   1.00 31.77  ? 68  ARG A CG  1 
ATOM   513  C CD  . ARG A 1 69  ? -5.184  11.586  5.398   1.00 45.06  ? 68  ARG A CD  1 
ATOM   514  N NE  . ARG A 1 69  ? -6.635  11.531  5.739   1.00 60.55  ? 68  ARG A NE  1 
ATOM   515  C CZ  . ARG A 1 69  ? -7.450  12.580  6.018   1.00 64.88  ? 68  ARG A CZ  1 
ATOM   516  N NH1 . ARG A 1 69  ? -6.980  13.829  6.039   1.00 67.75  ? 68  ARG A NH1 1 
ATOM   517  N NH2 . ARG A 1 69  ? -8.781  12.406  6.122   1.00 64.29  ? 68  ARG A NH2 1 
ATOM   518  N N   . VAL A 1 70  ? -3.341  8.218   3.066   1.00 18.55  ? 69  VAL A N   1 
ATOM   519  C CA  . VAL A 1 70  ? -2.224  7.651   3.795   1.00 18.94  ? 69  VAL A CA  1 
ATOM   520  C C   . VAL A 1 70  ? -1.168  8.723   3.706   1.00 21.87  ? 69  VAL A C   1 
ATOM   521  O O   . VAL A 1 70  ? -1.086  9.447   2.705   1.00 22.28  ? 69  VAL A O   1 
ATOM   522  C CB  . VAL A 1 70  ? -1.713  6.257   3.290   1.00 19.60  ? 69  VAL A CB  1 
ATOM   523  C CG1 . VAL A 1 70  ? -1.064  6.361   1.917   1.00 16.57  ? 69  VAL A CG1 1 
ATOM   524  C CG2 . VAL A 1 70  ? -0.752  5.648   4.357   1.00 17.98  ? 69  VAL A CG2 1 
ATOM   525  N N   . THR A 1 71  ? -0.417  8.890   4.790   1.00 21.89  ? 70  THR A N   1 
ATOM   526  C CA  . THR A 1 71  ? 0.610   9.923   4.835   1.00 20.01  ? 70  THR A CA  1 
ATOM   527  C C   . THR A 1 71  ? 1.975   9.308   5.054   1.00 20.89  ? 70  THR A C   1 
ATOM   528  O O   . THR A 1 71  ? 2.167   8.588   6.008   1.00 25.88  ? 70  THR A O   1 
ATOM   529  C CB  . THR A 1 71  ? 0.290   10.841  5.988   1.00 21.80  ? 70  THR A CB  1 
ATOM   530  O OG1 . THR A 1 71  ? -1.119  11.164  5.957   1.00 23.58  ? 70  THR A OG1 1 
ATOM   531  C CG2 . THR A 1 71  ? 1.132   12.090  5.914   1.00 19.41  ? 70  THR A CG2 1 
ATOM   532  N N   . GLY A 1 72  ? 2.927   9.570   4.179   1.00 20.94  ? 71  GLY A N   1 
ATOM   533  C CA  . GLY A 1 72  ? 4.231   8.968   4.345   1.00 17.70  ? 71  GLY A CA  1 
ATOM   534  C C   . GLY A 1 72  ? 5.261   9.832   3.687   1.00 17.97  ? 71  GLY A C   1 
ATOM   535  O O   . GLY A 1 72  ? 4.950   10.869  3.112   1.00 18.33  ? 71  GLY A O   1 
ATOM   536  N N   . THR A 1 73  ? 6.496   9.386   3.717   1.00 17.32  ? 72  THR A N   1 
ATOM   537  C CA  . THR A 1 73  ? 7.562   10.164  3.158   1.00 19.01  ? 72  THR A CA  1 
ATOM   538  C C   . THR A 1 73  ? 7.630   10.128  1.611   1.00 22.10  ? 72  THR A C   1 
ATOM   539  O O   . THR A 1 73  ? 7.006   9.260   0.961   1.00 26.26  ? 72  THR A O   1 
ATOM   540  C CB  . THR A 1 73  ? 8.829   9.694   3.794   1.00 20.96  ? 72  THR A CB  1 
ATOM   541  O OG1 . THR A 1 73  ? 8.944   8.292   3.571   1.00 22.00  ? 72  THR A OG1 1 
ATOM   542  C CG2 . THR A 1 73  ? 8.745   9.908   5.302   1.00 20.88  ? 72  THR A CG2 1 
ATOM   543  N N   . ALA A 1 74  ? 8.370   11.064  1.028   1.00 17.61  ? 73  ALA A N   1 
ATOM   544  C CA  . ALA A 1 74  ? 8.507   11.162  -0.414  1.00 16.77  ? 73  ALA A CA  1 
ATOM   545  C C   . ALA A 1 74  ? 8.919   9.890   -1.136  1.00 18.95  ? 73  ALA A C   1 
ATOM   546  O O   . ALA A 1 74  ? 8.501   9.640   -2.264  1.00 18.89  ? 73  ALA A O   1 
ATOM   547  C CB  . ALA A 1 74  ? 9.494   12.220  -0.728  1.00 16.17  ? 73  ALA A CB  1 
ATOM   548  N N   . ASN A 1 75  ? 9.863   9.162   -0.561  1.00 19.20  ? 74  ASN A N   1 
ATOM   549  C CA  . ASN A 1 75  ? 10.322  7.922   -1.156  1.00 17.49  ? 74  ASN A CA  1 
ATOM   550  C C   . ASN A 1 75  ? 9.558   6.670   -0.636  1.00 19.52  ? 74  ASN A C   1 
ATOM   551  O O   . ASN A 1 75  ? 10.035  5.559   -0.764  1.00 20.92  ? 74  ASN A O   1 
ATOM   552  C CB  . ASN A 1 75  ? 11.793  7.756   -0.890  1.00 22.99  ? 74  ASN A CB  1 
ATOM   553  C CG  . ASN A 1 75  ? 12.118  7.687   0.609   1.00 31.75  ? 74  ASN A CG  1 
ATOM   554  O OD1 . ASN A 1 75  ? 13.142  7.104   1.002   1.00 39.91  ? 74  ASN A OD1 1 
ATOM   555  N ND2 . ASN A 1 75  ? 11.253  8.249   1.455   1.00 29.81  ? 74  ASN A ND2 1 
ATOM   556  N N   . HIS A 1 76  ? 8.378   6.830   -0.046  1.00 19.33  ? 75  HIS A N   1 
ATOM   557  C CA  . HIS A 1 76  ? 7.665   5.658   0.414   1.00 16.25  ? 75  HIS A CA  1 
ATOM   558  C C   . HIS A 1 76  ? 6.902   5.102   -0.762  1.00 16.68  ? 75  HIS A C   1 
ATOM   559  O O   . HIS A 1 76  ? 6.184   5.838   -1.412  1.00 19.03  ? 75  HIS A O   1 
ATOM   560  C CB  . HIS A 1 76  ? 6.664   6.019   1.456   1.00 14.58  ? 75  HIS A CB  1 
ATOM   561  C CG  . HIS A 1 76  ? 5.924   4.819   1.958   1.00 17.66  ? 75  HIS A CG  1 
ATOM   562  N ND1 . HIS A 1 76  ? 6.567   3.746   2.536   1.00 19.15  ? 75  HIS A ND1 1 
ATOM   563  C CD2 . HIS A 1 76  ? 4.610   4.508   1.937   1.00 16.39  ? 75  HIS A CD2 1 
ATOM   564  C CE1 . HIS A 1 76  ? 5.685   2.820   2.846   1.00 17.94  ? 75  HIS A CE1 1 
ATOM   565  N NE2 . HIS A 1 76  ? 4.485   3.261   2.490   1.00 20.12  ? 75  HIS A NE2 1 
ATOM   566  N N   . PRO A 1 77  ? 7.056   3.808   -1.066  1.00 17.82  ? 76  PRO A N   1 
ATOM   567  C CA  . PRO A 1 77  ? 6.367   3.122   -2.180  1.00 16.82  ? 76  PRO A CA  1 
ATOM   568  C C   . PRO A 1 77  ? 4.958   2.571   -1.864  1.00 17.23  ? 76  PRO A C   1 
ATOM   569  O O   . PRO A 1 77  ? 4.773   1.880   -0.869  1.00 16.88  ? 76  PRO A O   1 
ATOM   570  C CB  . PRO A 1 77  ? 7.314   1.956   -2.503  1.00 18.44  ? 76  PRO A CB  1 
ATOM   571  C CG  . PRO A 1 77  ? 8.600   2.290   -1.774  1.00 19.50  ? 76  PRO A CG  1 
ATOM   572  C CD  . PRO A 1 77  ? 8.169   2.989   -0.553  1.00 14.37  ? 76  PRO A CD  1 
ATOM   573  N N   . LEU A 1 78  ? 3.994   2.862   -2.728  1.00 18.71  ? 77  LEU A N   1 
ATOM   574  C CA  . LEU A 1 78  ? 2.606   2.422   -2.600  1.00 16.38  ? 77  LEU A CA  1 
ATOM   575  C C   . LEU A 1 78  ? 2.369   1.677   -3.904  1.00 17.01  ? 77  LEU A C   1 
ATOM   576  O O   . LEU A 1 78  ? 2.874   2.134   -4.922  1.00 16.07  ? 77  LEU A O   1 
ATOM   577  C CB  . LEU A 1 78  ? 1.641   3.623   -2.537  1.00 15.45  ? 77  LEU A CB  1 
ATOM   578  C CG  . LEU A 1 78  ? 1.602   4.481   -1.268  1.00 13.72  ? 77  LEU A CG  1 
ATOM   579  C CD1 . LEU A 1 78  ? 0.522   5.536   -1.427  1.00 12.29  ? 77  LEU A CD1 1 
ATOM   580  C CD2 . LEU A 1 78  ? 1.229   3.594   -0.099  1.00 12.54  ? 77  LEU A CD2 1 
ATOM   581  N N   . LEU A 1 79  ? 1.632   0.559   -3.888  1.00 15.08  ? 78  LEU A N   1 
ATOM   582  C CA  . LEU A 1 79  ? 1.390   -0.215  -5.113  1.00 14.71  ? 78  LEU A CA  1 
ATOM   583  C C   . LEU A 1 79  ? 0.300   0.471   -5.881  1.00 17.42  ? 78  LEU A C   1 
ATOM   584  O O   . LEU A 1 79  ? -0.752  0.808   -5.322  1.00 17.32  ? 78  LEU A O   1 
ATOM   585  C CB  . LEU A 1 79  ? 0.982   -1.653  -4.791  1.00 11.45  ? 78  LEU A CB  1 
ATOM   586  C CG  . LEU A 1 79  ? 1.061   -2.627  -5.963  1.00 11.72  ? 78  LEU A CG  1 
ATOM   587  C CD1 . LEU A 1 79  ? 2.483   -2.849  -6.327  1.00 10.38  ? 78  LEU A CD1 1 
ATOM   588  C CD2 . LEU A 1 79  ? 0.448   -3.920  -5.534  1.00 12.30  ? 78  LEU A CD2 1 
ATOM   589  N N   . CYS A 1 80  ? 0.584   0.733   -7.156  1.00 20.64  ? 79  CYS A N   1 
ATOM   590  C CA  . CYS A 1 80  ? -0.340  1.448   -8.039  1.00 19.38  ? 79  CYS A CA  1 
ATOM   591  C C   . CYS A 1 80  ? -0.602  0.604   -9.253  1.00 21.89  ? 79  CYS A C   1 
ATOM   592  O O   . CYS A 1 80  ? 0.136   -0.365  -9.494  1.00 18.94  ? 79  CYS A O   1 
ATOM   593  C CB  . CYS A 1 80  ? 0.295   2.776   -8.475  1.00 18.62  ? 79  CYS A CB  1 
ATOM   594  S SG  . CYS A 1 80  ? 0.389   3.958   -7.131  1.00 20.58  ? 79  CYS A SG  1 
ATOM   595  N N   . LEU A 1 81  ? -1.725  0.887   -9.928  1.00 23.65  ? 80  LEU A N   1 
ATOM   596  C CA  . LEU A 1 81  ? -2.094  0.188   -11.166 1.00 21.96  ? 80  LEU A CA  1 
ATOM   597  C C   . LEU A 1 81  ? -1.593  1.118   -12.279 1.00 21.24  ? 80  LEU A C   1 
ATOM   598  O O   . LEU A 1 81  ? -2.152  2.183   -12.482 1.00 19.15  ? 80  LEU A O   1 
ATOM   599  C CB  . LEU A 1 81  ? -3.611  -0.009  -11.286 1.00 20.08  ? 80  LEU A CB  1 
ATOM   600  C CG  . LEU A 1 81  ? -4.091  -0.642  -12.614 1.00 21.37  ? 80  LEU A CG  1 
ATOM   601  C CD1 . LEU A 1 81  ? -3.654  -2.093  -12.694 1.00 24.64  ? 80  LEU A CD1 1 
ATOM   602  C CD2 . LEU A 1 81  ? -5.571  -0.536  -12.745 1.00 18.81  ? 80  LEU A CD2 1 
ATOM   603  N N   . VAL A 1 82  ? -0.534  0.718   -12.968 1.00 17.75  ? 81  VAL A N   1 
ATOM   604  C CA  . VAL A 1 82  ? 0.062   1.542   -13.994 1.00 20.03  ? 81  VAL A CA  1 
ATOM   605  C C   . VAL A 1 82  ? -0.130  0.967   -15.399 1.00 24.27  ? 81  VAL A C   1 
ATOM   606  O O   . VAL A 1 82  ? -0.101  -0.254  -15.587 1.00 25.51  ? 81  VAL A O   1 
ATOM   607  C CB  . VAL A 1 82  ? 1.583   1.728   -13.649 1.00 22.37  ? 81  VAL A CB  1 
ATOM   608  C CG1 . VAL A 1 82  ? 2.378   2.479   -14.747 1.00 15.22  ? 81  VAL A CG1 1 
ATOM   609  C CG2 . VAL A 1 82  ? 1.690   2.452   -12.308 1.00 22.44  ? 81  VAL A CG2 1 
ATOM   610  N N   . ASP A 1 83  ? -0.366  1.830   -16.387 1.00 25.76  ? 82  ASP A N   1 
ATOM   611  C CA  . ASP A 1 83  ? -0.521  1.372   -17.766 1.00 26.89  ? 82  ASP A CA  1 
ATOM   612  C C   . ASP A 1 83  ? 0.890   1.307   -18.372 1.00 28.09  ? 82  ASP A C   1 
ATOM   613  O O   . ASP A 1 83  ? 1.548   2.341   -18.527 1.00 28.06  ? 82  ASP A O   1 
ATOM   614  C CB  . ASP A 1 83  ? -1.391  2.363   -18.544 1.00 33.71  ? 82  ASP A CB  1 
ATOM   615  C CG  . ASP A 1 83  ? -1.826  1.841   -19.915 1.00 39.07  ? 82  ASP A CG  1 
ATOM   616  O OD1 . ASP A 1 83  ? -0.955  1.410   -20.686 1.00 43.57  ? 82  ASP A OD1 1 
ATOM   617  O OD2 . ASP A 1 83  ? -3.040  1.870   -20.239 1.00 44.64  ? 82  ASP A OD2 1 
ATOM   618  N N   . VAL A 1 84  ? 1.403   0.094   -18.579 1.00 27.42  ? 83  VAL A N   1 
ATOM   619  C CA  . VAL A 1 84  ? 2.722   -0.089  -19.197 1.00 29.49  ? 83  VAL A CA  1 
ATOM   620  C C   . VAL A 1 84  ? 2.523   -0.614  -20.631 1.00 30.22  ? 83  VAL A C   1 
ATOM   621  O O   . VAL A 1 84  ? 2.258   -1.797  -20.834 1.00 33.36  ? 83  VAL A O   1 
ATOM   622  C CB  . VAL A 1 84  ? 3.633   -1.087  -18.407 1.00 27.73  ? 83  VAL A CB  1 
ATOM   623  C CG1 . VAL A 1 84  ? 4.906   -1.390  -19.193 1.00 23.08  ? 83  VAL A CG1 1 
ATOM   624  C CG2 . VAL A 1 84  ? 3.983   -0.531  -17.030 1.00 22.80  ? 83  VAL A CG2 1 
ATOM   625  N N   . ALA A 1 85  ? 2.530   0.291   -21.605 1.00 31.28  ? 84  ALA A N   1 
ATOM   626  C CA  . ALA A 1 85  ? 2.370   -0.069  -23.029 1.00 32.16  ? 84  ALA A CA  1 
ATOM   627  C C   . ALA A 1 85  ? 1.115   -0.862  -23.298 1.00 31.97  ? 84  ALA A C   1 
ATOM   628  O O   . ALA A 1 85  ? 1.134   -1.848  -24.057 1.00 35.02  ? 84  ALA A O   1 
ATOM   629  C CB  . ALA A 1 85  ? 3.595   -0.860  -23.544 1.00 31.78  ? 84  ALA A CB  1 
ATOM   630  N N   . GLY A 1 86  ? 0.034   -0.470  -22.641 1.00 29.97  ? 85  GLY A N   1 
ATOM   631  C CA  . GLY A 1 86  ? -1.214  -1.162  -22.855 1.00 26.70  ? 85  GLY A CA  1 
ATOM   632  C C   . GLY A 1 86  ? -1.528  -2.264  -21.874 1.00 28.03  ? 85  GLY A C   1 
ATOM   633  O O   . GLY A 1 86  ? -2.640  -2.817  -21.914 1.00 29.87  ? 85  GLY A O   1 
ATOM   634  N N   . VAL A 1 87  ? -0.559  -2.673  -21.064 1.00 26.42  ? 86  VAL A N   1 
ATOM   635  C CA  . VAL A 1 87  ? -0.879  -3.681  -20.095 1.00 25.77  ? 86  VAL A CA  1 
ATOM   636  C C   . VAL A 1 87  ? -0.977  -3.095  -18.675 1.00 27.77  ? 86  VAL A C   1 
ATOM   637  O O   . VAL A 1 87  ? -0.121  -2.308  -18.253 1.00 24.36  ? 86  VAL A O   1 
ATOM   638  C CB  . VAL A 1 87  ? -0.070  -4.998  -20.284 1.00 28.12  ? 86  VAL A CB  1 
ATOM   639  C CG1 . VAL A 1 87  ? 1.067   -4.839  -21.230 1.00 30.47  ? 86  VAL A CG1 1 
ATOM   640  C CG2 . VAL A 1 87  ? 0.361   -5.560  -19.005 1.00 26.79  ? 86  VAL A CG2 1 
ATOM   641  N N   . PRO A 1 88  ? -2.158  -3.280  -18.019 1.00 28.31  ? 87  PRO A N   1 
ATOM   642  C CA  . PRO A 1 88  ? -2.316  -2.749  -16.661 1.00 23.30  ? 87  PRO A CA  1 
ATOM   643  C C   . PRO A 1 88  ? -1.381  -3.586  -15.783 1.00 23.00  ? 87  PRO A C   1 
ATOM   644  O O   . PRO A 1 88  ? -1.481  -4.801  -15.709 1.00 24.27  ? 87  PRO A O   1 
ATOM   645  C CB  . PRO A 1 88  ? -3.794  -3.018  -16.355 1.00 24.32  ? 87  PRO A CB  1 
ATOM   646  C CG  . PRO A 1 88  ? -4.452  -3.270  -17.740 1.00 23.97  ? 87  PRO A CG  1 
ATOM   647  C CD  . PRO A 1 88  ? -3.372  -4.031  -18.438 1.00 25.30  ? 87  PRO A CD  1 
ATOM   648  N N   . THR A 1 89  ? -0.393  -2.935  -15.220 1.00 21.12  ? 88  THR A N   1 
ATOM   649  C CA  . THR A 1 89  ? 0.598   -3.590  -14.404 1.00 20.90  ? 88  THR A CA  1 
ATOM   650  C C   . THR A 1 89  ? 0.589   -3.032  -12.982 1.00 20.97  ? 88  THR A C   1 
ATOM   651  O O   . THR A 1 89  ? 0.445   -1.823  -12.796 1.00 22.60  ? 88  THR A O   1 
ATOM   652  C CB  . THR A 1 89  ? 1.967   -3.307  -15.025 1.00 20.00  ? 88  THR A CB  1 
ATOM   653  O OG1 . THR A 1 89  ? 1.939   -3.721  -16.390 1.00 23.56  ? 88  THR A OG1 1 
ATOM   654  C CG2 . THR A 1 89  ? 3.057   -4.075  -14.341 1.00 20.93  ? 88  THR A CG2 1 
ATOM   655  N N   . LEU A 1 90  ? 0.691   -3.920  -11.991 1.00 20.28  ? 89  LEU A N   1 
ATOM   656  C CA  . LEU A 1 90  ? 0.764   -3.538  -10.563 1.00 20.46  ? 89  LEU A CA  1 
ATOM   657  C C   . LEU A 1 90  ? 2.254   -3.197  -10.305 1.00 18.17  ? 89  LEU A C   1 
ATOM   658  O O   . LEU A 1 90  ? 3.116   -4.065  -10.407 1.00 19.13  ? 89  LEU A O   1 
ATOM   659  C CB  . LEU A 1 90  ? 0.306   -4.697  -9.641  1.00 16.58  ? 89  LEU A CB  1 
ATOM   660  C CG  . LEU A 1 90  ? -1.145  -5.155  -9.826  1.00 14.38  ? 89  LEU A CG  1 
ATOM   661  C CD1 . LEU A 1 90  ? -1.481  -6.278  -8.922  1.00 16.76  ? 89  LEU A CD1 1 
ATOM   662  C CD2 . LEU A 1 90  ? -2.080  -4.040  -9.598  1.00 10.26  ? 89  LEU A CD2 1 
ATOM   663  N N   . LEU A 1 91  ? 2.548   -1.940  -9.985  1.00 17.30  ? 90  LEU A N   1 
ATOM   664  C CA  . LEU A 1 91  ? 3.928   -1.479  -9.775  1.00 15.94  ? 90  LEU A CA  1 
ATOM   665  C C   . LEU A 1 91  ? 4.090   -0.530  -8.602  1.00 17.13  ? 90  LEU A C   1 
ATOM   666  O O   . LEU A 1 91  ? 3.202   0.247   -8.297  1.00 21.14  ? 90  LEU A O   1 
ATOM   667  C CB  . LEU A 1 91  ? 4.433   -0.731  -11.016 1.00 17.94  ? 90  LEU A CB  1 
ATOM   668  C CG  . LEU A 1 91  ? 4.495   -1.386  -12.390 1.00 15.11  ? 90  LEU A CG  1 
ATOM   669  C CD1 . LEU A 1 91  ? 4.846   -0.354  -13.407 1.00 19.21  ? 90  LEU A CD1 1 
ATOM   670  C CD2 . LEU A 1 91  ? 5.510   -2.472  -12.440 1.00 14.17  ? 90  LEU A CD2 1 
ATOM   671  N N   . TRP A 1 92  ? 5.224   -0.593  -7.926  1.00 16.71  ? 91  TRP A N   1 
ATOM   672  C CA  . TRP A 1 92  ? 5.469   0.317   -6.829  1.00 16.13  ? 91  TRP A CA  1 
ATOM   673  C C   . TRP A 1 92  ? 5.787   1.700   -7.380  1.00 18.49  ? 91  TRP A C   1 
ATOM   674  O O   . TRP A 1 92  ? 6.631   1.814   -8.279  1.00 22.57  ? 91  TRP A O   1 
ATOM   675  C CB  . TRP A 1 92  ? 6.693   -0.145  -6.039  1.00 14.37  ? 91  TRP A CB  1 
ATOM   676  C CG  . TRP A 1 92  ? 6.531   -1.468  -5.416  1.00 14.69  ? 91  TRP A CG  1 
ATOM   677  C CD1 . TRP A 1 92  ? 7.205   -2.596  -5.727  1.00 15.93  ? 91  TRP A CD1 1 
ATOM   678  C CD2 . TRP A 1 92  ? 5.675   -1.799  -4.308  1.00 15.57  ? 91  TRP A CD2 1 
ATOM   679  N NE1 . TRP A 1 92  ? 6.837   -3.616  -4.882  1.00 16.96  ? 91  TRP A NE1 1 
ATOM   680  C CE2 . TRP A 1 92  ? 5.896   -3.146  -3.999  1.00 16.16  ? 91  TRP A CE2 1 
ATOM   681  C CE3 . TRP A 1 92  ? 4.740   -1.076  -3.541  1.00 14.14  ? 91  TRP A CE3 1 
ATOM   682  C CZ2 . TRP A 1 92  ? 5.227   -3.794  -2.954  1.00 15.35  ? 91  TRP A CZ2 1 
ATOM   683  C CZ3 . TRP A 1 92  ? 4.086   -1.713  -2.515  1.00 11.96  ? 91  TRP A CZ3 1 
ATOM   684  C CH2 . TRP A 1 92  ? 4.330   -3.062  -2.226  1.00 9.96   ? 91  TRP A CH2 1 
ATOM   685  N N   . LYS A 1 93  ? 5.142   2.740   -6.859  1.00 17.08  ? 92  LYS A N   1 
ATOM   686  C CA  . LYS A 1 93  ? 5.432   4.130   -7.250  1.00 19.24  ? 92  LYS A CA  1 
ATOM   687  C C   . LYS A 1 93  ? 5.732   4.810   -5.930  1.00 18.48  ? 92  LYS A C   1 
ATOM   688  O O   . LYS A 1 93  ? 5.055   4.539   -4.949  1.00 18.52  ? 92  LYS A O   1 
ATOM   689  C CB  . LYS A 1 93  ? 4.221   4.859   -7.871  1.00 18.62  ? 92  LYS A CB  1 
ATOM   690  C CG  . LYS A 1 93  ? 3.890   4.493   -9.291  1.00 23.76  ? 92  LYS A CG  1 
ATOM   691  C CD  . LYS A 1 93  ? 2.852   5.433   -9.925  1.00 25.19  ? 92  LYS A CD  1 
ATOM   692  C CE  . LYS A 1 93  ? 3.443   6.828   -10.076 1.00 27.63  ? 92  LYS A CE  1 
ATOM   693  N NZ  . LYS A 1 93  ? 2.732   7.694   -11.052 1.00 27.09  ? 92  LYS A NZ  1 
ATOM   694  N N   . LEU A 1 94  ? 6.691   5.726   -5.901  1.00 20.55  ? 93  LEU A N   1 
ATOM   695  C CA  . LEU A 1 94  ? 6.995   6.434   -4.649  1.00 19.37  ? 93  LEU A CA  1 
ATOM   696  C C   . LEU A 1 94  ? 5.984   7.528   -4.459  1.00 19.69  ? 93  LEU A C   1 
ATOM   697  O O   . LEU A 1 94  ? 5.481   8.068   -5.450  1.00 21.91  ? 93  LEU A O   1 
ATOM   698  C CB  . LEU A 1 94  ? 8.355   7.068   -4.714  1.00 14.21  ? 93  LEU A CB  1 
ATOM   699  C CG  . LEU A 1 94  ? 9.390   6.048   -5.134  1.00 16.54  ? 93  LEU A CG  1 
ATOM   700  C CD1 . LEU A 1 94  ? 10.722  6.775   -5.174  1.00 20.09  ? 93  LEU A CD1 1 
ATOM   701  C CD2 . LEU A 1 94  ? 9.441   4.903   -4.139  1.00 14.81  ? 93  LEU A CD2 1 
ATOM   702  N N   . ILE A 1 95  ? 5.725   7.914   -3.208  1.00 20.12  ? 94  ILE A N   1 
ATOM   703  C CA  . ILE A 1 95  ? 4.760   8.981   -2.931  1.00 21.21  ? 94  ILE A CA  1 
ATOM   704  C C   . ILE A 1 95  ? 5.127   10.223  -3.734  1.00 24.27  ? 94  ILE A C   1 
ATOM   705  O O   . ILE A 1 95  ? 4.285   10.905  -4.291  1.00 26.07  ? 94  ILE A O   1 
ATOM   706  C CB  . ILE A 1 95  ? 4.677   9.247   -1.430  1.00 20.39  ? 94  ILE A CB  1 
ATOM   707  C CG1 . ILE A 1 95  ? 3.850   8.127   -0.816  1.00 19.28  ? 94  ILE A CG1 1 
ATOM   708  C CG2 . ILE A 1 95  ? 4.024   10.580  -1.155  1.00 22.84  ? 94  ILE A CG2 1 
ATOM   709  C CD1 . ILE A 1 95  ? 3.494   8.321   0.582   1.00 24.98  ? 94  ILE A CD1 1 
ATOM   710  N N   . ASP A 1 96  ? 6.420   10.424  -3.868  1.00 27.47  ? 95  ASP A N   1 
ATOM   711  C CA  . ASP A 1 96  ? 7.047   11.497  -4.628  1.00 31.51  ? 95  ASP A CA  1 
ATOM   712  C C   . ASP A 1 96  ? 6.419   11.615  -6.039  1.00 32.64  ? 95  ASP A C   1 
ATOM   713  O O   . ASP A 1 96  ? 6.241   12.717  -6.573  1.00 32.11  ? 95  ASP A O   1 
ATOM   714  C CB  . ASP A 1 96  ? 8.500   11.038  -4.841  1.00 36.92  ? 95  ASP A CB  1 
ATOM   715  C CG  . ASP A 1 96  ? 9.492   12.143  -4.813  1.00 46.96  ? 95  ASP A CG  1 
ATOM   716  O OD1 . ASP A 1 96  ? 9.099   13.326  -4.639  1.00 53.57  ? 95  ASP A OD1 1 
ATOM   717  O OD2 . ASP A 1 96  ? 10.703  11.806  -4.960  1.00 57.76  ? 95  ASP A OD2 1 
ATOM   718  N N   . GLU A 1 97  ? 6.159   10.455  -6.657  1.00 31.84  ? 96  GLU A N   1 
ATOM   719  C CA  . GLU A 1 97  ? 5.671   10.377  -8.019  1.00 26.87  ? 96  GLU A CA  1 
ATOM   720  C C   . GLU A 1 97  ? 4.202   10.195  -8.249  1.00 27.92  ? 96  GLU A C   1 
ATOM   721  O O   . GLU A 1 97  ? 3.750   10.170  -9.395  1.00 29.57  ? 96  GLU A O   1 
ATOM   722  C CB  . GLU A 1 97  ? 6.415   9.280   -8.746  1.00 28.95  ? 96  GLU A CB  1 
ATOM   723  C CG  . GLU A 1 97  ? 7.895   9.468   -8.829  1.00 31.25  ? 96  GLU A CG  1 
ATOM   724  C CD  . GLU A 1 97  ? 8.302   10.773  -9.485  1.00 38.16  ? 96  GLU A CD  1 
ATOM   725  O OE1 . GLU A 1 97  ? 7.606   11.269  -10.404 1.00 42.76  ? 96  GLU A OE1 1 
ATOM   726  O OE2 . GLU A 1 97  ? 9.344   11.322  -9.080  1.00 43.86  ? 96  GLU A OE2 1 
ATOM   727  N N   . ILE A 1 98  ? 3.429   10.075  -7.189  1.00 25.73  ? 97  ILE A N   1 
ATOM   728  C CA  . ILE A 1 98  ? 2.005   9.879   -7.377  1.00 22.38  ? 97  ILE A CA  1 
ATOM   729  C C   . ILE A 1 98  ? 1.284   11.170  -7.721  1.00 21.96  ? 97  ILE A C   1 
ATOM   730  O O   . ILE A 1 98  ? 1.498   12.207  -7.125  1.00 22.91  ? 97  ILE A O   1 
ATOM   731  C CB  . ILE A 1 98  ? 1.393   9.175   -6.137  1.00 21.57  ? 97  ILE A CB  1 
ATOM   732  C CG1 . ILE A 1 98  ? 1.946   7.733   -6.069  1.00 19.53  ? 97  ILE A CG1 1 
ATOM   733  C CG2 . ILE A 1 98  ? -0.150  9.236   -6.188  1.00 16.91  ? 97  ILE A CG2 1 
ATOM   734  C CD1 . ILE A 1 98  ? 1.733   6.984   -4.743  1.00 17.84  ? 97  ILE A CD1 1 
ATOM   735  N N   . LYS A 1 99  ? 0.407   11.108  -8.694  1.00 24.91  ? 98  LYS A N   1 
ATOM   736  C CA  . LYS A 1 99  ? -0.323  12.300  -9.076  1.00 27.52  ? 98  LYS A CA  1 
ATOM   737  C C   . LYS A 1 99  ? -1.784  11.979  -9.086  1.00 27.05  ? 98  LYS A C   1 
ATOM   738  O O   . LYS A 1 99  ? -2.166  10.823  -9.184  1.00 28.19  ? 98  LYS A O   1 
ATOM   739  C CB  . LYS A 1 99  ? 0.036   12.709  -10.492 1.00 31.89  ? 98  LYS A CB  1 
ATOM   740  C CG  . LYS A 1 99  ? 1.497   12.700  -10.796 1.00 40.04  ? 98  LYS A CG  1 
ATOM   741  C CD  . LYS A 1 99  ? 1.679   12.449  -12.307 1.00 49.40  ? 98  LYS A CD  1 
ATOM   742  C CE  . LYS A 1 99  ? 1.221   11.035  -12.772 1.00 49.65  ? 98  LYS A CE  1 
ATOM   743  N NZ  . LYS A 1 99  ? 2.256   10.012  -12.373 1.00 52.54  ? 98  LYS A NZ  1 
ATOM   744  N N   . PRO A 1 100 ? -2.632  13.005  -9.020  1.00 28.65  ? 99  PRO A N   1 
ATOM   745  C CA  . PRO A 1 100 ? -4.078  12.774  -9.039  1.00 27.72  ? 99  PRO A CA  1 
ATOM   746  C C   . PRO A 1 100 ? -4.376  12.000  -10.326 1.00 25.10  ? 99  PRO A C   1 
ATOM   747  O O   . PRO A 1 100 ? -3.714  12.218  -11.330 1.00 22.90  ? 99  PRO A O   1 
ATOM   748  C CB  . PRO A 1 100 ? -4.636  14.184  -9.124  1.00 29.10  ? 99  PRO A CB  1 
ATOM   749  C CG  . PRO A 1 100 ? -3.591  14.993  -8.414  1.00 30.56  ? 99  PRO A CG  1 
ATOM   750  C CD  . PRO A 1 100 ? -2.320  14.442  -8.945  1.00 27.09  ? 99  PRO A CD  1 
ATOM   751  N N   . GLY A 1 101 ? -5.313  11.063  -10.281 1.00 22.13  ? 100 GLY A N   1 
ATOM   752  C CA  . GLY A 1 101 ? -5.604  10.301  -11.468 1.00 22.08  ? 100 GLY A CA  1 
ATOM   753  C C   . GLY A 1 101 ? -4.937  8.955   -11.478 1.00 22.95  ? 100 GLY A C   1 
ATOM   754  O O   . GLY A 1 101 ? -5.405  8.068   -12.201 1.00 24.88  ? 100 GLY A O   1 
ATOM   755  N N   . ASP A 1 102 ? -3.828  8.818   -10.740 1.00 23.23  ? 101 ASP A N   1 
ATOM   756  C CA  . ASP A 1 102 ? -3.121  7.526   -10.611 1.00 21.46  ? 101 ASP A CA  1 
ATOM   757  C C   . ASP A 1 102 ? -4.088  6.612   -9.882  1.00 20.66  ? 101 ASP A C   1 
ATOM   758  O O   . ASP A 1 102 ? -4.982  7.089   -9.206  1.00 21.14  ? 101 ASP A O   1 
ATOM   759  C CB  . ASP A 1 102 ? -1.888  7.640   -9.714  1.00 17.74  ? 101 ASP A CB  1 
ATOM   760  C CG  . ASP A 1 102 ? -0.670  8.107   -10.448 1.00 20.39  ? 101 ASP A CG  1 
ATOM   761  O OD1 . ASP A 1 102 ? -0.764  8.354   -11.653 1.00 23.25  ? 101 ASP A OD1 1 
ATOM   762  O OD2 . ASP A 1 102 ? 0.404   8.196   -9.838  1.00 22.67  ? 101 ASP A OD2 1 
ATOM   763  N N   . TYR A 1 103 ? -3.861  5.308   -9.944  1.00 21.17  ? 102 TYR A N   1 
ATOM   764  C CA  . TYR A 1 103 ? -4.734  4.375   -9.271  1.00 17.90  ? 102 TYR A CA  1 
ATOM   765  C C   . TYR A 1 103 ? -3.902  3.648   -8.286  1.00 17.21  ? 102 TYR A C   1 
ATOM   766  O O   . TYR A 1 103 ? -2.988  2.946   -8.681  1.00 19.71  ? 102 TYR A O   1 
ATOM   767  C CB  . TYR A 1 103 ? -5.285  3.331   -10.243 1.00 21.15  ? 102 TYR A CB  1 
ATOM   768  C CG  . TYR A 1 103 ? -6.482  3.789   -10.995 1.00 19.18  ? 102 TYR A CG  1 
ATOM   769  C CD1 . TYR A 1 103 ? -7.700  3.826   -10.370 1.00 21.62  ? 102 TYR A CD1 1 
ATOM   770  C CD2 . TYR A 1 103 ? -6.379  4.279   -12.291 1.00 22.13  ? 102 TYR A CD2 1 
ATOM   771  C CE1 . TYR A 1 103 ? -8.827  4.361   -11.000 1.00 30.69  ? 102 TYR A CE1 1 
ATOM   772  C CE2 . TYR A 1 103 ? -7.502  4.830   -12.962 1.00 27.51  ? 102 TYR A CE2 1 
ATOM   773  C CZ  . TYR A 1 103 ? -8.723  4.864   -12.300 1.00 31.90  ? 102 TYR A CZ  1 
ATOM   774  O OH  . TYR A 1 103 ? -9.883  5.353   -12.876 1.00 35.14  ? 102 TYR A OH  1 
ATOM   775  N N   . ALA A 1 104 ? -4.201  3.849   -7.015  1.00 16.97  ? 103 ALA A N   1 
ATOM   776  C CA  . ALA A 1 104 ? -3.521  3.157   -5.929  1.00 19.33  ? 103 ALA A CA  1 
ATOM   777  C C   . ALA A 1 104 ? -4.288  1.814   -5.665  1.00 19.65  ? 103 ALA A C   1 
ATOM   778  O O   . ALA A 1 104 ? -5.524  1.782   -5.756  1.00 18.11  ? 103 ALA A O   1 
ATOM   779  C CB  . ALA A 1 104 ? -3.551  4.014   -4.687  1.00 19.04  ? 103 ALA A CB  1 
ATOM   780  N N   . VAL A 1 105 ? -3.572  0.726   -5.355  1.00 17.20  ? 104 VAL A N   1 
ATOM   781  C CA  . VAL A 1 105 ? -4.229  -0.567  -5.089  1.00 17.47  ? 104 VAL A CA  1 
ATOM   782  C C   . VAL A 1 105 ? -4.672  -0.618  -3.627  1.00 19.04  ? 104 VAL A C   1 
ATOM   783  O O   . VAL A 1 105 ? -3.905  -0.253  -2.735  1.00 19.48  ? 104 VAL A O   1 
ATOM   784  C CB  . VAL A 1 105 ? -3.289  -1.760  -5.401  1.00 17.34  ? 104 VAL A CB  1 
ATOM   785  C CG1 . VAL A 1 105 ? -3.961  -3.113  -5.126  1.00 12.29  ? 104 VAL A CG1 1 
ATOM   786  C CG2 . VAL A 1 105 ? -2.849  -1.656  -6.830  1.00 13.17  ? 104 VAL A CG2 1 
ATOM   787  N N   . ILE A 1 106 ? -5.942  -0.921  -3.412  1.00 17.38  ? 105 ILE A N   1 
ATOM   788  C CA  . ILE A 1 106 ? -6.510  -1.022  -2.085  1.00 16.98  ? 105 ILE A CA  1 
ATOM   789  C C   . ILE A 1 106 ? -6.805  -2.511  -1.813  1.00 18.44  ? 105 ILE A C   1 
ATOM   790  O O   . ILE A 1 106 ? -7.261  -3.235  -2.703  1.00 18.58  ? 105 ILE A O   1 
ATOM   791  C CB  . ILE A 1 106 ? -7.814  -0.186  -2.004  1.00 16.16  ? 105 ILE A CB  1 
ATOM   792  C CG1 . ILE A 1 106 ? -7.528  1.276   -2.374  1.00 17.24  ? 105 ILE A CG1 1 
ATOM   793  C CG2 . ILE A 1 106 ? -8.424  -0.234  -0.606  1.00 13.61  ? 105 ILE A CG2 1 
ATOM   794  C CD1 . ILE A 1 106 ? -6.598  2.025   -1.445  1.00 15.48  ? 105 ILE A CD1 1 
ATOM   795  N N   . GLN A 1 107 ? -6.453  -2.975  -0.616  1.00 18.81  ? 106 GLN A N   1 
ATOM   796  C CA  . GLN A 1 107 ? -6.672  -4.340  -0.173  1.00 17.92  ? 106 GLN A CA  1 
ATOM   797  C C   . GLN A 1 107 ? -7.940  -4.243  0.680   1.00 19.09  ? 106 GLN A C   1 
ATOM   798  O O   . GLN A 1 107 ? -7.930  -3.688  1.754   1.00 20.31  ? 106 GLN A O   1 
ATOM   799  C CB  . GLN A 1 107 ? -5.483  -4.793  0.674   1.00 18.15  ? 106 GLN A CB  1 
ATOM   800  C CG  . GLN A 1 107 ? -5.713  -6.052  1.423   1.00 17.93  ? 106 GLN A CG  1 
ATOM   801  C CD  . GLN A 1 107 ? -6.310  -7.069  0.529   1.00 19.99  ? 106 GLN A CD  1 
ATOM   802  O OE1 . GLN A 1 107 ? -5.733  -7.421  -0.478  1.00 27.40  ? 106 GLN A OE1 1 
ATOM   803  N NE2 . GLN A 1 107 ? -7.506  -7.502  0.843   1.00 19.56  ? 106 GLN A NE2 1 
ATOM   804  N N   . ARG A 1 108 ? -9.038  -4.772  0.171   1.00 23.48  ? 107 ARG A N   1 
ATOM   805  C CA  . ARG A 1 108 ? -10.345 -4.729  0.828   1.00 26.15  ? 107 ARG A CA  1 
ATOM   806  C C   . ARG A 1 108 ? -10.474 -5.400  2.181   1.00 28.47  ? 107 ARG A C   1 
ATOM   807  O O   . ARG A 1 108 ? -11.417 -5.101  2.939   1.00 28.15  ? 107 ARG A O   1 
ATOM   808  C CB  . ARG A 1 108 ? -11.385 -5.328  -0.090  1.00 24.35  ? 107 ARG A CB  1 
ATOM   809  C CG  . ARG A 1 108 ? -11.629 -4.501  -1.287  1.00 31.37  ? 107 ARG A CG  1 
ATOM   810  C CD  . ARG A 1 108 ? -12.949 -4.857  -1.886  1.00 37.90  ? 107 ARG A CD  1 
ATOM   811  N NE  . ARG A 1 108 ? -12.759 -5.584  -3.121  1.00 47.73  ? 107 ARG A NE  1 
ATOM   812  C CZ  . ARG A 1 108 ? -13.294 -5.213  -4.281  1.00 57.07  ? 107 ARG A CZ  1 
ATOM   813  N NH1 . ARG A 1 108 ? -14.064 -4.116  -4.337  1.00 57.80  ? 107 ARG A NH1 1 
ATOM   814  N NH2 . ARG A 1 108 ? -13.031 -5.914  -5.395  1.00 61.02  ? 107 ARG A NH2 1 
ATOM   815  N N   . SER A 1 109 ? -9.583  -6.355  2.454   1.00 26.72  ? 108 SER A N   1 
ATOM   816  C CA  . SER A 1 109 ? -9.620  -7.063  3.714   1.00 23.25  ? 108 SER A CA  1 
ATOM   817  C C   . SER A 1 109 ? -9.260  -6.184  4.872   1.00 25.50  ? 108 SER A C   1 
ATOM   818  O O   . SER A 1 109 ? -9.459  -6.568  6.023   1.00 28.30  ? 108 SER A O   1 
ATOM   819  C CB  . SER A 1 109 ? -8.736  -8.290  3.648   1.00 23.04  ? 108 SER A CB  1 
ATOM   820  O OG  . SER A 1 109 ? -9.180  -9.133  2.598   1.00 28.19  ? 108 SER A OG  1 
ATOM   821  N N   . ALA A 1 110 ? -8.673  -5.030  4.567   1.00 26.64  ? 109 ALA A N   1 
ATOM   822  C CA  . ALA A 1 110 ? -8.302  -4.043  5.570   1.00 30.71  ? 109 ALA A CA  1 
ATOM   823  C C   . ALA A 1 110 ? -9.529  -3.379  6.177   1.00 37.63  ? 109 ALA A C   1 
ATOM   824  O O   . ALA A 1 110 ? -9.390  -2.515  7.037   1.00 42.65  ? 109 ALA A O   1 
ATOM   825  C CB  . ALA A 1 110 ? -7.446  -2.980  4.956   1.00 29.33  ? 109 ALA A CB  1 
ATOM   826  N N   . PHE A 1 111 ? -10.718 -3.720  5.687   1.00 41.88  ? 110 PHE A N   1 
ATOM   827  C CA  . PHE A 1 111 ? -11.962 -3.149  6.181   1.00 47.16  ? 110 PHE A CA  1 
ATOM   828  C C   . PHE A 1 111 ? -12.877 -4.299  6.633   1.00 56.40  ? 110 PHE A C   1 
ATOM   829  O O   . PHE A 1 111 ? -12.858 -5.384  6.020   1.00 59.23  ? 110 PHE A O   1 
ATOM   830  C CB  . PHE A 1 111 ? -12.605 -2.328  5.057   1.00 42.97  ? 110 PHE A CB  1 
ATOM   831  C CG  . PHE A 1 111 ? -11.705 -1.258  4.499   1.00 40.23  ? 110 PHE A CG  1 
ATOM   832  C CD1 . PHE A 1 111 ? -11.380 -0.140  5.250   1.00 43.29  ? 110 PHE A CD1 1 
ATOM   833  C CD2 . PHE A 1 111 ? -11.104 -1.413  3.272   1.00 41.14  ? 110 PHE A CD2 1 
ATOM   834  C CE1 . PHE A 1 111 ? -10.452 0.813   4.788   1.00 42.12  ? 110 PHE A CE1 1 
ATOM   835  C CE2 . PHE A 1 111 ? -10.173 -0.467  2.797   1.00 43.44  ? 110 PHE A CE2 1 
ATOM   836  C CZ  . PHE A 1 111 ? -9.846  0.647   3.563   1.00 42.05  ? 110 PHE A CZ  1 
ATOM   837  N N   . SER A 1 112 ? -13.631 -4.101  7.723   1.00 66.19  ? 111 SER A N   1 
ATOM   838  C CA  . SER A 1 112 ? -14.554 -5.156  8.228   1.00 74.56  ? 111 SER A CA  1 
ATOM   839  C C   . SER A 1 112 ? -15.965 -4.686  8.739   1.00 79.18  ? 111 SER A C   1 
ATOM   840  O O   . SER A 1 112 ? -16.231 -4.753  9.974   1.00 81.19  ? 111 SER A O   1 
ATOM   841  C CB  . SER A 1 112 ? -13.848 -6.034  9.288   1.00 72.77  ? 111 SER A CB  1 
ATOM   842  O OG  . SER A 1 112 ? -14.611 -7.196  9.581   1.00 66.13  ? 111 SER A OG  1 
ATOM   843  N N   . THR A 1 131 ? -13.881 2.782   -8.804  1.00 88.16  ? 130 THR A N   1 
ATOM   844  C CA  . THR A 1 131 ? -14.930 1.956   -8.158  1.00 88.51  ? 130 THR A CA  1 
ATOM   845  C C   . THR A 1 131 ? -15.214 0.722   -9.016  1.00 87.45  ? 130 THR A C   1 
ATOM   846  O O   . THR A 1 131 ? -14.807 -0.392  -8.682  1.00 87.28  ? 130 THR A O   1 
ATOM   847  C CB  . THR A 1 131 ? -16.264 2.777   -7.922  1.00 89.87  ? 130 THR A CB  1 
ATOM   848  O OG1 . THR A 1 131 ? -15.958 4.158   -7.667  1.00 90.14  ? 130 THR A OG1 1 
ATOM   849  C CG2 . THR A 1 131 ? -17.045 2.230   -6.715  1.00 89.49  ? 130 THR A CG2 1 
ATOM   850  N N   . VAL A 1 132 ? -15.833 0.952   -10.169 1.00 86.97  ? 131 VAL A N   1 
ATOM   851  C CA  . VAL A 1 132 ? -16.221 -0.117  -11.083 1.00 85.49  ? 131 VAL A CA  1 
ATOM   852  C C   . VAL A 1 132 ? -15.109 -0.624  -12.009 1.00 83.06  ? 131 VAL A C   1 
ATOM   853  O O   . VAL A 1 132 ? -14.617 0.111   -12.884 1.00 84.61  ? 131 VAL A O   1 
ATOM   854  C CB  . VAL A 1 132 ? -17.427 0.323   -11.963 1.00 88.07  ? 131 VAL A CB  1 
ATOM   855  C CG1 . VAL A 1 132 ? -18.104 -0.901  -12.597 1.00 89.55  ? 131 VAL A CG1 1 
ATOM   856  C CG2 . VAL A 1 132 ? -18.427 1.161   -11.144 1.00 89.50  ? 131 VAL A CG2 1 
ATOM   857  N N   . GLY A 1 133 ? -14.699 -1.870  -11.775 1.00 77.98  ? 132 GLY A N   1 
ATOM   858  C CA  . GLY A 1 133 ? -13.685 -2.517  -12.597 1.00 70.83  ? 132 GLY A CA  1 
ATOM   859  C C   . GLY A 1 133 ? -12.202 -2.150  -12.558 1.00 64.98  ? 132 GLY A C   1 
ATOM   860  O O   . GLY A 1 133 ? -11.790 -1.080  -12.091 1.00 66.69  ? 132 GLY A O   1 
ATOM   861  N N   . VAL A 1 134 ? -11.402 -3.094  -13.065 1.00 57.42  ? 133 VAL A N   1 
ATOM   862  C CA  . VAL A 1 134 ? -9.961  -2.962  -13.176 1.00 48.00  ? 133 VAL A CA  1 
ATOM   863  C C   . VAL A 1 134 ? -9.803  -1.944  -14.279 1.00 45.51  ? 133 VAL A C   1 
ATOM   864  O O   . VAL A 1 134 ? -10.249 -2.161  -15.402 1.00 45.47  ? 133 VAL A O   1 
ATOM   865  C CB  . VAL A 1 134 ? -9.271  -4.293  -13.644 1.00 45.03  ? 133 VAL A CB  1 
ATOM   866  C CG1 . VAL A 1 134 ? -7.746  -4.159  -13.620 1.00 43.35  ? 133 VAL A CG1 1 
ATOM   867  C CG2 . VAL A 1 134 ? -9.703  -5.466  -12.786 1.00 45.77  ? 133 VAL A CG2 1 
ATOM   868  N N   . PRO A 1 135 ? -9.299  -0.768  -13.947 1.00 42.78  ? 134 PRO A N   1 
ATOM   869  C CA  . PRO A 1 135 ? -9.141  0.200   -15.016 1.00 43.66  ? 134 PRO A CA  1 
ATOM   870  C C   . PRO A 1 135 ? -8.209  -0.312  -16.166 1.00 45.35  ? 134 PRO A C   1 
ATOM   871  O O   . PRO A 1 135 ? -7.073  -0.789  -15.925 1.00 44.69  ? 134 PRO A O   1 
ATOM   872  C CB  . PRO A 1 135 ? -8.568  1.398   -14.262 1.00 41.59  ? 134 PRO A CB  1 
ATOM   873  C CG  . PRO A 1 135 ? -9.263  1.288   -12.945 1.00 39.51  ? 134 PRO A CG  1 
ATOM   874  C CD  . PRO A 1 135 ? -9.118  -0.139  -12.630 1.00 40.71  ? 134 PRO A CD  1 
ATOM   875  N N   . GLY A 1 136 ? -8.741  -0.275  -17.400 1.00 46.25  ? 135 GLY A N   1 
ATOM   876  C CA  . GLY A 1 136 ? -8.009  -0.679  -18.605 1.00 43.24  ? 135 GLY A CA  1 
ATOM   877  C C   . GLY A 1 136 ? -7.848  -2.156  -18.939 1.00 42.71  ? 135 GLY A C   1 
ATOM   878  O O   . GLY A 1 136 ? -7.147  -2.475  -19.891 1.00 43.25  ? 135 GLY A O   1 
ATOM   879  N N   . LEU A 1 137 ? -8.529  -3.044  -18.213 1.00 42.39  ? 136 LEU A N   1 
ATOM   880  C CA  . LEU A 1 137 ? -8.409  -4.489  -18.400 1.00 42.21  ? 136 LEU A CA  1 
ATOM   881  C C   . LEU A 1 137 ? -9.152  -4.964  -19.619 1.00 47.16  ? 136 LEU A C   1 
ATOM   882  O O   . LEU A 1 137 ? -8.666  -5.847  -20.331 1.00 47.93  ? 136 LEU A O   1 
ATOM   883  C CB  . LEU A 1 137 ? -8.928  -5.241  -17.170 1.00 38.53  ? 136 LEU A CB  1 
ATOM   884  C CG  . LEU A 1 137 ? -8.791  -6.762  -17.167 1.00 36.51  ? 136 LEU A CG  1 
ATOM   885  C CD1 . LEU A 1 137 ? -7.352  -7.117  -17.180 1.00 35.51  ? 136 LEU A CD1 1 
ATOM   886  C CD2 . LEU A 1 137 ? -9.430  -7.336  -15.946 1.00 36.41  ? 136 LEU A CD2 1 
ATOM   887  N N   . VAL A 1 138 ? -10.335 -4.388  -19.853 1.00 49.35  ? 137 VAL A N   1 
ATOM   888  C CA  . VAL A 1 138 ? -11.173 -4.758  -21.001 1.00 50.27  ? 137 VAL A CA  1 
ATOM   889  C C   . VAL A 1 138 ? -10.471 -4.529  -22.325 1.00 48.72  ? 137 VAL A C   1 
ATOM   890  O O   . VAL A 1 138 ? -10.343 -5.462  -23.120 1.00 45.69  ? 137 VAL A O   1 
ATOM   891  C CB  . VAL A 1 138 ? -12.531 -4.018  -20.983 1.00 52.80  ? 137 VAL A CB  1 
ATOM   892  C CG1 . VAL A 1 138 ? -13.106 -3.906  -22.404 1.00 53.50  ? 137 VAL A CG1 1 
ATOM   893  C CG2 . VAL A 1 138 ? -13.527 -4.776  -20.076 1.00 52.49  ? 137 VAL A CG2 1 
ATOM   894  N N   . ARG A 1 139 ? -10.007 -3.296  -22.540 1.00 50.06  ? 138 ARG A N   1 
ATOM   895  C CA  . ARG A 1 139 ? -9.294  -2.956  -23.766 1.00 53.59  ? 138 ARG A CA  1 
ATOM   896  C C   . ARG A 1 139 ? -8.062  -3.843  -23.879 1.00 51.07  ? 138 ARG A C   1 
ATOM   897  O O   . ARG A 1 139 ? -7.674  -4.244  -24.978 1.00 52.27  ? 138 ARG A O   1 
ATOM   898  C CB  . ARG A 1 139 ? -8.845  -1.488  -23.785 1.00 60.63  ? 138 ARG A CB  1 
ATOM   899  C CG  . ARG A 1 139 ? -9.944  -0.447  -23.586 1.00 72.22  ? 138 ARG A CG  1 
ATOM   900  C CD  . ARG A 1 139 ? -9.408  1.004   -23.812 1.00 81.59  ? 138 ARG A CD  1 
ATOM   901  N NE  . ARG A 1 139 ? -8.269  1.377   -22.951 1.00 89.62  ? 138 ARG A NE  1 
ATOM   902  C CZ  . ARG A 1 139 ? -8.242  2.413   -22.099 1.00 93.30  ? 138 ARG A CZ  1 
ATOM   903  N NH1 . ARG A 1 139 ? -9.299  3.222   -21.968 1.00 93.40  ? 138 ARG A NH1 1 
ATOM   904  N NH2 . ARG A 1 139 ? -7.147  2.639   -21.360 1.00 94.96  ? 138 ARG A NH2 1 
ATOM   905  N N   . PHE A 1 140 ? -7.442  -4.138  -22.739 1.00 47.51  ? 139 PHE A N   1 
ATOM   906  C CA  . PHE A 1 140 ? -6.259  -4.973  -22.724 1.00 44.24  ? 139 PHE A CA  1 
ATOM   907  C C   . PHE A 1 140 ? -6.604  -6.356  -23.192 1.00 44.95  ? 139 PHE A C   1 
ATOM   908  O O   . PHE A 1 140 ? -5.846  -6.939  -23.957 1.00 46.86  ? 139 PHE A O   1 
ATOM   909  C CB  . PHE A 1 140 ? -5.673  -5.070  -21.328 1.00 42.56  ? 139 PHE A CB  1 
ATOM   910  C CG  . PHE A 1 140 ? -4.706  -6.194  -21.165 1.00 39.46  ? 139 PHE A CG  1 
ATOM   911  C CD1 . PHE A 1 140 ? -3.509  -6.205  -21.871 1.00 39.48  ? 139 PHE A CD1 1 
ATOM   912  C CD2 . PHE A 1 140 ? -5.004  -7.257  -20.334 1.00 36.77  ? 139 PHE A CD2 1 
ATOM   913  C CE1 . PHE A 1 140 ? -2.618  -7.267  -21.755 1.00 40.53  ? 139 PHE A CE1 1 
ATOM   914  C CE2 . PHE A 1 140 ? -4.131  -8.314  -20.213 1.00 38.55  ? 139 PHE A CE2 1 
ATOM   915  C CZ  . PHE A 1 140 ? -2.929  -8.326  -20.926 1.00 38.49  ? 139 PHE A CZ  1 
ATOM   916  N N   . LEU A 1 141 ? -7.726  -6.879  -22.705 1.00 45.42  ? 140 LEU A N   1 
ATOM   917  C CA  . LEU A 1 141 ? -8.192  -8.214  -23.037 1.00 46.65  ? 140 LEU A CA  1 
ATOM   918  C C   . LEU A 1 141 ? -8.598  -8.306  -24.475 1.00 50.30  ? 140 LEU A C   1 
ATOM   919  O O   . LEU A 1 141 ? -8.109  -9.167  -25.174 1.00 51.17  ? 140 LEU A O   1 
ATOM   920  C CB  . LEU A 1 141 ? -9.342  -8.643  -22.118 1.00 44.77  ? 140 LEU A CB  1 
ATOM   921  C CG  . LEU A 1 141 ? -8.853  -9.105  -20.727 1.00 44.42  ? 140 LEU A CG  1 
ATOM   922  C CD1 . LEU A 1 141 ? -9.981  -9.196  -19.727 1.00 39.42  ? 140 LEU A CD1 1 
ATOM   923  C CD2 . LEU A 1 141 ? -8.091  -10.428 -20.840 1.00 40.11  ? 140 LEU A CD2 1 
ATOM   924  N N   . GLU A 1 142 ? -9.433  -7.396  -24.953 1.00 54.05  ? 141 GLU A N   1 
ATOM   925  C CA  . GLU A 1 142 ? -9.835  -7.474  -26.346 1.00 60.00  ? 141 GLU A CA  1 
ATOM   926  C C   . GLU A 1 142 ? -8.678  -7.182  -27.305 1.00 63.95  ? 141 GLU A C   1 
ATOM   927  O O   . GLU A 1 142 ? -8.581  -7.784  -28.375 1.00 65.53  ? 141 GLU A O   1 
ATOM   928  C CB  . GLU A 1 142 ? -11.014 -6.571  -26.609 1.00 60.34  ? 141 GLU A CB  1 
ATOM   929  C CG  . GLU A 1 142 ? -10.697 -5.134  -26.427 1.00 68.24  ? 141 GLU A CG  1 
ATOM   930  C CD  . GLU A 1 142 ? -11.919 -4.268  -26.555 1.00 73.04  ? 141 GLU A CD  1 
ATOM   931  O OE1 . GLU A 1 142 ? -13.047 -4.835  -26.525 1.00 75.26  ? 141 GLU A OE1 1 
ATOM   932  O OE2 . GLU A 1 142 ? -11.745 -3.025  -26.679 1.00 75.32  ? 141 GLU A OE2 1 
ATOM   933  N N   . ALA A 1 143 ? -7.785  -6.283  -26.916 1.00 69.72  ? 142 ALA A N   1 
ATOM   934  C CA  . ALA A 1 143 ? -6.626  -5.967  -27.745 1.00 75.36  ? 142 ALA A CA  1 
ATOM   935  C C   . ALA A 1 143 ? -5.620  -7.130  -27.715 1.00 80.08  ? 142 ALA A C   1 
ATOM   936  O O   . ALA A 1 143 ? -5.188  -7.610  -28.762 1.00 82.89  ? 142 ALA A O   1 
ATOM   937  C CB  . ALA A 1 143 ? -5.968  -4.693  -27.259 1.00 75.66  ? 142 ALA A CB  1 
ATOM   938  N N   . HIS A 1 144 ? -5.260  -7.580  -26.511 1.00 83.89  ? 143 HIS A N   1 
ATOM   939  C CA  . HIS A 1 144 ? -4.317  -8.682  -26.317 1.00 86.59  ? 143 HIS A CA  1 
ATOM   940  C C   . HIS A 1 144 ? -4.997  -10.050 -26.176 1.00 89.73  ? 143 HIS A C   1 
ATOM   941  O O   . HIS A 1 144 ? -5.101  -10.782 -27.153 1.00 90.88  ? 143 HIS A O   1 
ATOM   942  C CB  . HIS A 1 144 ? -3.434  -8.432  -25.097 1.00 86.41  ? 143 HIS A CB  1 
ATOM   943  C CG  . HIS A 1 144 ? -2.527  -7.250  -25.232 1.00 87.37  ? 143 HIS A CG  1 
ATOM   944  N ND1 . HIS A 1 144 ? -2.984  -5.950  -25.187 1.00 88.52  ? 143 HIS A ND1 1 
ATOM   945  C CD2 . HIS A 1 144 ? -1.181  -7.168  -25.381 1.00 88.49  ? 143 HIS A CD2 1 
ATOM   946  C CE1 . HIS A 1 144 ? -1.961  -5.117  -25.303 1.00 88.48  ? 143 HIS A CE1 1 
ATOM   947  N NE2 . HIS A 1 144 ? -0.856  -5.833  -25.422 1.00 88.14  ? 143 HIS A NE2 1 
ATOM   948  N N   . HIS A 1 145 ? -5.503  -10.359 -24.980 1.00 93.16  ? 144 HIS A N   1 
ATOM   949  C CA  . HIS A 1 145 ? -6.158  -11.638 -24.650 1.00 97.50  ? 144 HIS A CA  1 
ATOM   950  C C   . HIS A 1 145 ? -5.368  -12.882 -25.006 1.00 99.12  ? 144 HIS A C   1 
ATOM   951  O O   . HIS A 1 145 ? -5.090  -13.700 -24.129 1.00 100.48 ? 144 HIS A O   1 
ATOM   952  C CB  . HIS A 1 145 ? -7.590  -11.766 -25.191 1.00 99.75  ? 144 HIS A CB  1 
ATOM   953  C CG  . HIS A 1 145 ? -7.675  -11.919 -26.674 1.00 102.82 ? 144 HIS A CG  1 
ATOM   954  N ND1 . HIS A 1 145 ? -7.422  -13.112 -27.316 1.00 104.36 ? 144 HIS A ND1 1 
ATOM   955  C CD2 . HIS A 1 145 ? -7.959  -11.021 -27.646 1.00 104.70 ? 144 HIS A CD2 1 
ATOM   956  C CE1 . HIS A 1 145 ? -7.539  -12.940 -28.620 1.00 105.61 ? 144 HIS A CE1 1 
ATOM   957  N NE2 . HIS A 1 145 ? -7.864  -11.680 -28.847 1.00 105.78 ? 144 HIS A NE2 1 
ATOM   958  N N   . ARG A 1 146 ? -5.079  -13.097 -26.284 1.00 100.07 ? 145 ARG A N   1 
ATOM   959  C CA  . ARG A 1 146 ? -4.293  -14.259 -26.617 1.00 101.16 ? 145 ARG A CA  1 
ATOM   960  C C   . ARG A 1 146 ? -2.809  -13.946 -26.575 1.00 101.03 ? 145 ARG A C   1 
ATOM   961  O O   . ARG A 1 146 ? -2.063  -14.076 -27.553 1.00 102.45 ? 145 ARG A O   1 
ATOM   962  C CB  . ARG A 1 146 ? -4.719  -14.963 -27.901 1.00 102.78 ? 145 ARG A CB  1 
ATOM   963  C CG  . ARG A 1 146 ? -4.963  -16.471 -27.663 1.00 106.33 ? 145 ARG A CG  1 
ATOM   964  C CD  . ARG A 1 146 ? -3.765  -17.231 -26.978 1.00 109.36 ? 145 ARG A CD  1 
ATOM   965  N NE  . ARG A 1 146 ? -3.402  -16.730 -25.640 1.00 111.92 ? 145 ARG A NE  1 
ATOM   966  C CZ  . ARG A 1 146 ? -4.019  -17.045 -24.498 1.00 113.46 ? 145 ARG A CZ  1 
ATOM   967  N NH1 . ARG A 1 146 ? -5.045  -17.889 -24.492 1.00 115.21 ? 145 ARG A NH1 1 
ATOM   968  N NH2 . ARG A 1 146 ? -3.650  -16.468 -23.361 1.00 112.59 ? 145 ARG A NH2 1 
ATOM   969  N N   . ASP A 1 147 ? -2.432  -13.461 -25.404 1.00 99.32  ? 146 ASP A N   1 
ATOM   970  C CA  . ASP A 1 147 ? -1.070  -13.150 -25.046 1.00 97.35  ? 146 ASP A CA  1 
ATOM   971  C C   . ASP A 1 147 ? -1.082  -14.277 -24.017 1.00 94.84  ? 146 ASP A C   1 
ATOM   972  O O   . ASP A 1 147 ? -1.962  -14.312 -23.159 1.00 94.78  ? 146 ASP A O   1 
ATOM   973  C CB  . ASP A 1 147 ? -1.021  -11.772 -24.362 1.00 101.00 ? 146 ASP A CB  1 
ATOM   974  C CG  . ASP A 1 147 ? 0.378   -11.125 -24.393 1.00 103.50 ? 146 ASP A CG  1 
ATOM   975  O OD1 . ASP A 1 147 ? 1.006   -11.072 -25.487 1.00 105.17 ? 146 ASP A OD1 1 
ATOM   976  O OD2 . ASP A 1 147 ? 0.823   -10.635 -23.321 1.00 103.62 ? 146 ASP A OD2 1 
ATOM   977  N N   . PRO A 1 148 ? -0.187  -15.268 -24.150 1.00 92.57  ? 147 PRO A N   1 
ATOM   978  C CA  . PRO A 1 148 ? -0.145  -16.397 -23.203 1.00 90.35  ? 147 PRO A CA  1 
ATOM   979  C C   . PRO A 1 148 ? -0.300  -16.066 -21.706 1.00 86.16  ? 147 PRO A C   1 
ATOM   980  O O   . PRO A 1 148 ? -0.860  -16.851 -20.944 1.00 87.14  ? 147 PRO A O   1 
ATOM   981  C CB  . PRO A 1 148 ? 1.198   -17.054 -23.518 1.00 92.13  ? 147 PRO A CB  1 
ATOM   982  C CG  . PRO A 1 148 ? 1.312   -16.829 -25.018 1.00 93.70  ? 147 PRO A CG  1 
ATOM   983  C CD  . PRO A 1 148 ? 0.879   -15.380 -25.163 1.00 92.37  ? 147 PRO A CD  1 
ATOM   984  N N   . ASP A 1 149 ? 0.170   -14.898 -21.288 1.00 80.83  ? 148 ASP A N   1 
ATOM   985  C CA  . ASP A 1 149 ? 0.059   -14.526 -19.896 1.00 75.38  ? 148 ASP A CA  1 
ATOM   986  C C   . ASP A 1 149 ? -1.103  -13.596 -19.677 1.00 69.02  ? 148 ASP A C   1 
ATOM   987  O O   . ASP A 1 149 ? -1.312  -13.131 -18.579 1.00 65.80  ? 148 ASP A O   1 
ATOM   988  C CB  . ASP A 1 149 ? 1.361   -13.881 -19.401 1.00 82.64  ? 148 ASP A CB  1 
ATOM   989  C CG  . ASP A 1 149 ? 2.206   -14.831 -18.506 1.00 88.41  ? 148 ASP A CG  1 
ATOM   990  O OD1 . ASP A 1 149 ? 2.076   -16.082 -18.647 1.00 90.68  ? 148 ASP A OD1 1 
ATOM   991  O OD2 . ASP A 1 149 ? 3.002   -14.318 -17.660 1.00 90.28  ? 148 ASP A OD2 1 
ATOM   992  N N   . ALA A 1 150 ? -1.882  -13.337 -20.712 1.00 65.74  ? 149 ALA A N   1 
ATOM   993  C CA  . ALA A 1 150 ? -3.022  -12.444 -20.563 1.00 65.52  ? 149 ALA A CA  1 
ATOM   994  C C   . ALA A 1 150 ? -4.033  -13.019 -19.564 1.00 65.53  ? 149 ALA A C   1 
ATOM   995  O O   . ALA A 1 150 ? -4.691  -12.280 -18.834 1.00 66.10  ? 149 ALA A O   1 
ATOM   996  C CB  . ALA A 1 150 ? -3.682  -12.160 -21.901 1.00 62.73  ? 149 ALA A CB  1 
ATOM   997  N N   . LYS A 1 151 ? -4.110  -14.341 -19.477 1.00 64.93  ? 150 LYS A N   1 
ATOM   998  C CA  . LYS A 1 151 ? -5.040  -14.946 -18.544 1.00 62.85  ? 150 LYS A CA  1 
ATOM   999  C C   . LYS A 1 151 ? -4.502  -14.899 -17.101 1.00 61.09  ? 150 LYS A C   1 
ATOM   1000 O O   . LYS A 1 151 ? -5.271  -14.679 -16.159 1.00 61.21  ? 150 LYS A O   1 
ATOM   1001 C CB  . LYS A 1 151 ? -5.396  -16.357 -18.992 1.00 64.29  ? 150 LYS A CB  1 
ATOM   1002 C CG  . LYS A 1 151 ? -6.746  -16.802 -18.469 1.00 67.51  ? 150 LYS A CG  1 
ATOM   1003 C CD  . LYS A 1 151 ? -6.618  -17.549 -17.147 1.00 69.41  ? 150 LYS A CD  1 
ATOM   1004 C CE  . LYS A 1 151 ? -6.344  -19.029 -17.378 1.00 71.98  ? 150 LYS A CE  1 
ATOM   1005 N NZ  . LYS A 1 151 ? -5.083  -19.319 -18.135 1.00 73.98  ? 150 LYS A NZ  1 
ATOM   1006 N N   . ALA A 1 152 ? -3.183  -15.067 -16.939 1.00 57.13  ? 151 ALA A N   1 
ATOM   1007 C CA  . ALA A 1 152 ? -2.530  -14.998 -15.624 1.00 52.04  ? 151 ALA A CA  1 
ATOM   1008 C C   . ALA A 1 152 ? -2.612  -13.555 -15.083 1.00 50.15  ? 151 ALA A C   1 
ATOM   1009 O O   . ALA A 1 152 ? -2.777  -13.316 -13.893 1.00 49.47  ? 151 ALA A O   1 
ATOM   1010 C CB  . ALA A 1 152 ? -1.080  -15.428 -15.743 1.00 51.11  ? 151 ALA A CB  1 
ATOM   1011 N N   . ILE A 1 153 ? -2.469  -12.603 -15.990 1.00 46.76  ? 152 ILE A N   1 
ATOM   1012 C CA  . ILE A 1 153 ? -2.543  -11.197 -15.687 1.00 43.20  ? 152 ILE A CA  1 
ATOM   1013 C C   . ILE A 1 153 ? -3.941  -10.885 -15.215 1.00 41.13  ? 152 ILE A C   1 
ATOM   1014 O O   . ILE A 1 153 ? -4.119  -10.332 -14.148 1.00 39.92  ? 152 ILE A O   1 
ATOM   1015 C CB  . ILE A 1 153 ? -2.207  -10.370 -16.952 1.00 44.25  ? 152 ILE A CB  1 
ATOM   1016 C CG1 . ILE A 1 153 ? -0.693  -10.298 -17.127 1.00 43.21  ? 152 ILE A CG1 1 
ATOM   1017 C CG2 . ILE A 1 153 ? -2.831  -8.991  -16.901 1.00 44.53  ? 152 ILE A CG2 1 
ATOM   1018 C CD1 . ILE A 1 153 ? -0.265  -9.580  -18.361 1.00 44.19  ? 152 ILE A CD1 1 
ATOM   1019 N N   . ALA A 1 154 ? -4.931  -11.245 -16.017 1.00 40.75  ? 153 ALA A N   1 
ATOM   1020 C CA  . ALA A 1 154 ? -6.327  -10.994 -15.668 1.00 42.01  ? 153 ALA A CA  1 
ATOM   1021 C C   . ALA A 1 154 ? -6.683  -11.535 -14.302 1.00 42.72  ? 153 ALA A C   1 
ATOM   1022 O O   . ALA A 1 154 ? -7.440  -10.920 -13.573 1.00 40.84  ? 153 ALA A O   1 
ATOM   1023 C CB  . ALA A 1 154 ? -7.247  -11.615 -16.696 1.00 44.42  ? 153 ALA A CB  1 
ATOM   1024 N N   . ASP A 1 155 ? -6.136  -12.697 -13.965 1.00 45.43  ? 154 ASP A N   1 
ATOM   1025 C CA  . ASP A 1 155 ? -6.407  -13.327 -12.675 1.00 45.73  ? 154 ASP A CA  1 
ATOM   1026 C C   . ASP A 1 155 ? -5.992  -12.417 -11.518 1.00 40.71  ? 154 ASP A C   1 
ATOM   1027 O O   . ASP A 1 155 ? -6.830  -12.024 -10.727 1.00 41.59  ? 154 ASP A O   1 
ATOM   1028 C CB  . ASP A 1 155 ? -5.711  -14.710 -12.586 1.00 51.76  ? 154 ASP A CB  1 
ATOM   1029 C CG  . ASP A 1 155 ? -6.451  -15.701 -11.653 1.00 57.14  ? 154 ASP A CG  1 
ATOM   1030 O OD1 . ASP A 1 155 ? -7.571  -16.164 -12.005 1.00 61.15  ? 154 ASP A OD1 1 
ATOM   1031 O OD2 . ASP A 1 155 ? -5.903  -16.032 -10.571 1.00 59.74  ? 154 ASP A OD2 1 
ATOM   1032 N N   . GLU A 1 156 ? -4.725  -12.025 -11.478 1.00 36.66  ? 155 GLU A N   1 
ATOM   1033 C CA  . GLU A 1 156 ? -4.203  -11.173 -10.414 1.00 35.52  ? 155 GLU A CA  1 
ATOM   1034 C C   . GLU A 1 156 ? -4.956  -9.838  -10.259 1.00 33.55  ? 155 GLU A C   1 
ATOM   1035 O O   . GLU A 1 156 ? -5.304  -9.436  -9.134  1.00 33.29  ? 155 GLU A O   1 
ATOM   1036 C CB  . GLU A 1 156 ? -2.701  -10.941 -10.637 1.00 37.17  ? 155 GLU A CB  1 
ATOM   1037 C CG  . GLU A 1 156 ? -2.002  -9.777  -9.858  1.00 48.06  ? 155 GLU A CG  1 
ATOM   1038 C CD  . GLU A 1 156 ? -1.891  -9.992  -8.326  1.00 53.18  ? 155 GLU A CD  1 
ATOM   1039 O OE1 . GLU A 1 156 ? -2.769  -10.727 -7.794  1.00 56.96  ? 155 GLU A OE1 1 
ATOM   1040 O OE2 . GLU A 1 156 ? -0.947  -9.426  -7.666  1.00 49.38  ? 155 GLU A OE2 1 
ATOM   1041 N N   . LEU A 1 157 ? -5.220  -9.159  -11.370 1.00 28.49  ? 156 LEU A N   1 
ATOM   1042 C CA  . LEU A 1 157 ? -5.899  -7.862  -11.332 1.00 27.65  ? 156 LEU A CA  1 
ATOM   1043 C C   . LEU A 1 157 ? -7.328  -7.975  -10.878 1.00 27.48  ? 156 LEU A C   1 
ATOM   1044 O O   . LEU A 1 157 ? -7.916  -7.074  -10.270 1.00 25.30  ? 156 LEU A O   1 
ATOM   1045 C CB  . LEU A 1 157 ? -5.901  -7.236  -12.723 1.00 25.68  ? 156 LEU A CB  1 
ATOM   1046 C CG  . LEU A 1 157 ? -4.520  -6.983  -13.298 1.00 29.30  ? 156 LEU A CG  1 
ATOM   1047 C CD1 . LEU A 1 157 ? -4.660  -6.310  -14.635 1.00 33.23  ? 156 LEU A CD1 1 
ATOM   1048 C CD2 . LEU A 1 157 ? -3.719  -6.118  -12.366 1.00 30.08  ? 156 LEU A CD2 1 
ATOM   1049 N N   . THR A 1 158 ? -7.865  -9.120  -11.217 1.00 27.22  ? 157 THR A N   1 
ATOM   1050 C CA  . THR A 1 158 ? -9.223  -9.473  -10.992 1.00 29.00  ? 157 THR A CA  1 
ATOM   1051 C C   . THR A 1 158 ? -9.576  -10.029 -9.575  1.00 30.08  ? 157 THR A C   1 
ATOM   1052 O O   . THR A 1 158 ? -10.757 -10.133 -9.218  1.00 31.96  ? 157 THR A O   1 
ATOM   1053 C CB  . THR A 1 158 ? -9.549  -10.367 -12.224 1.00 29.75  ? 157 THR A CB  1 
ATOM   1054 O OG1 . THR A 1 158 ? -10.284 -9.607  -13.177 1.00 37.89  ? 157 THR A OG1 1 
ATOM   1055 C CG2 . THR A 1 158 ? -10.133 -11.671 -11.933 1.00 29.28  ? 157 THR A CG2 1 
ATOM   1056 N N   . ASP A 1 159 ? -8.554  -10.349 -8.775  1.00 26.72  ? 158 ASP A N   1 
ATOM   1057 C CA  . ASP A 1 159 ? -8.692  -10.839 -7.406  1.00 23.05  ? 158 ASP A CA  1 
ATOM   1058 C C   . ASP A 1 159 ? -9.772  -9.974  -6.717  1.00 23.37  ? 158 ASP A C   1 
ATOM   1059 O O   . ASP A 1 159 ? -9.704  -8.749  -6.759  1.00 25.32  ? 158 ASP A O   1 
ATOM   1060 C CB  . ASP A 1 159 ? -7.322  -10.693 -6.734  1.00 19.89  ? 158 ASP A CB  1 
ATOM   1061 C CG  . ASP A 1 159 ? -7.308  -11.107 -5.300  1.00 20.07  ? 158 ASP A CG  1 
ATOM   1062 O OD1 . ASP A 1 159 ? -8.363  -11.189 -4.651  1.00 20.45  ? 158 ASP A OD1 1 
ATOM   1063 O OD2 . ASP A 1 159 ? -6.204  -11.343 -4.803  1.00 22.12  ? 158 ASP A OD2 1 
ATOM   1064 N N   . GLY A 1 160 ? -10.778 -10.617 -6.116  1.00 24.28  ? 159 GLY A N   1 
ATOM   1065 C CA  . GLY A 1 160 ? -11.884 -9.915  -5.468  1.00 19.14  ? 159 GLY A CA  1 
ATOM   1066 C C   . GLY A 1 160 ? -11.518 -9.049  -4.282  1.00 22.13  ? 159 GLY A C   1 
ATOM   1067 O O   . GLY A 1 160 ? -12.272 -8.147  -3.887  1.00 20.75  ? 159 GLY A O   1 
ATOM   1068 N N   . ARG A 1 161 ? -10.367 -9.334  -3.690  1.00 18.87  ? 160 ARG A N   1 
ATOM   1069 C CA  . ARG A 1 161 ? -9.886  -8.546  -2.576  1.00 17.96  ? 160 ARG A CA  1 
ATOM   1070 C C   . ARG A 1 161 ? -9.256  -7.190  -2.957  1.00 20.89  ? 160 ARG A C   1 
ATOM   1071 O O   . ARG A 1 161 ? -8.969  -6.400  -2.056  1.00 22.40  ? 160 ARG A O   1 
ATOM   1072 C CB  . ARG A 1 161 ? -8.869  -9.352  -1.818  1.00 16.99  ? 160 ARG A CB  1 
ATOM   1073 C CG  . ARG A 1 161 ? -9.400  -10.657 -1.295  1.00 16.04  ? 160 ARG A CG  1 
ATOM   1074 C CD  . ARG A 1 161 ? -8.383  -11.300 -0.382  1.00 12.66  ? 160 ARG A CD  1 
ATOM   1075 N NE  . ARG A 1 161 ? -8.926  -12.494 0.256   1.00 17.60  ? 160 ARG A NE  1 
ATOM   1076 C CZ  . ARG A 1 161 ? -8.201  -13.366 0.952   1.00 18.39  ? 160 ARG A CZ  1 
ATOM   1077 N NH1 . ARG A 1 161 ? -6.893  -13.178 1.094   1.00 17.97  ? 160 ARG A NH1 1 
ATOM   1078 N NH2 . ARG A 1 161 ? -8.774  -14.425 1.511   1.00 15.55  ? 160 ARG A NH2 1 
ATOM   1079 N N   . PHE A 1 162 ? -9.081  -6.894  -4.255  1.00 21.05  ? 161 PHE A N   1 
ATOM   1080 C CA  . PHE A 1 162 ? -8.454  -5.632  -4.708  1.00 20.04  ? 161 PHE A CA  1 
ATOM   1081 C C   . PHE A 1 162 ? -9.482  -4.589  -5.075  1.00 21.08  ? 161 PHE A C   1 
ATOM   1082 O O   . PHE A 1 162 ? -10.526 -4.899  -5.600  1.00 24.22  ? 161 PHE A O   1 
ATOM   1083 C CB  . PHE A 1 162 ? -7.586  -5.831  -5.967  1.00 14.21  ? 161 PHE A CB  1 
ATOM   1084 C CG  . PHE A 1 162 ? -6.214  -6.350  -5.701  1.00 15.21  ? 161 PHE A CG  1 
ATOM   1085 C CD1 . PHE A 1 162 ? -5.545  -6.037  -4.525  1.00 19.00  ? 161 PHE A CD1 1 
ATOM   1086 C CD2 . PHE A 1 162 ? -5.576  -7.145  -6.636  1.00 15.21  ? 161 PHE A CD2 1 
ATOM   1087 C CE1 . PHE A 1 162 ? -4.246  -6.514  -4.282  1.00 18.90  ? 161 PHE A CE1 1 
ATOM   1088 C CE2 . PHE A 1 162 ? -4.289  -7.624  -6.415  1.00 16.43  ? 161 PHE A CE2 1 
ATOM   1089 C CZ  . PHE A 1 162 ? -3.617  -7.306  -5.225  1.00 17.19  ? 161 PHE A CZ  1 
ATOM   1090 N N   . TYR A 1 163 ? -9.137  -3.335  -4.879  1.00 23.76  ? 162 TYR A N   1 
ATOM   1091 C CA  . TYR A 1 163 ? -10.001 -2.240  -5.262  1.00 22.36  ? 162 TYR A CA  1 
ATOM   1092 C C   . TYR A 1 163 ? -9.023  -1.219  -5.808  1.00 23.64  ? 162 TYR A C   1 
ATOM   1093 O O   . TYR A 1 163 ? -7.909  -1.140  -5.304  1.00 21.71  ? 162 TYR A O   1 
ATOM   1094 C CB  . TYR A 1 163 ? -10.728 -1.648  -4.057  1.00 23.94  ? 162 TYR A CB  1 
ATOM   1095 C CG  . TYR A 1 163 ? -11.512 -0.433  -4.455  1.00 24.75  ? 162 TYR A CG  1 
ATOM   1096 C CD1 . TYR A 1 163 ? -12.640 -0.558  -5.252  1.00 28.12  ? 162 TYR A CD1 1 
ATOM   1097 C CD2 . TYR A 1 163 ? -11.108 0.840   -4.076  1.00 24.67  ? 162 TYR A CD2 1 
ATOM   1098 C CE1 . TYR A 1 163 ? -13.341 0.539   -5.655  1.00 27.69  ? 162 TYR A CE1 1 
ATOM   1099 C CE2 . TYR A 1 163 ? -11.804 1.943   -4.477  1.00 24.57  ? 162 TYR A CE2 1 
ATOM   1100 C CZ  . TYR A 1 163 ? -12.913 1.775   -5.264  1.00 27.85  ? 162 TYR A CZ  1 
ATOM   1101 O OH  . TYR A 1 163 ? -13.616 2.831   -5.681  1.00 28.02  ? 162 TYR A OH  1 
ATOM   1102 N N   . TYR A 1 164 ? -9.394  -0.499  -6.873  1.00 23.17  ? 163 TYR A N   1 
ATOM   1103 C CA  . TYR A 1 164 ? -8.511  0.527   -7.465  1.00 21.40  ? 163 TYR A CA  1 
ATOM   1104 C C   . TYR A 1 164 ? -9.102  1.911   -7.208  1.00 22.05  ? 163 TYR A C   1 
ATOM   1105 O O   . TYR A 1 164 ? -10.164 2.252   -7.750  1.00 24.67  ? 163 TYR A O   1 
ATOM   1106 C CB  . TYR A 1 164 ? -8.284  0.246   -8.953  1.00 19.54  ? 163 TYR A CB  1 
ATOM   1107 C CG  . TYR A 1 164 ? -7.738  -1.150  -9.158  1.00 18.85  ? 163 TYR A CG  1 
ATOM   1108 C CD1 . TYR A 1 164 ? -6.387  -1.402  -9.041  1.00 21.60  ? 163 TYR A CD1 1 
ATOM   1109 C CD2 . TYR A 1 164 ? -8.590  -2.245  -9.380  1.00 20.61  ? 163 TYR A CD2 1 
ATOM   1110 C CE1 . TYR A 1 164 ? -5.892  -2.712  -9.123  1.00 21.37  ? 163 TYR A CE1 1 
ATOM   1111 C CE2 . TYR A 1 164 ? -8.093  -3.554  -9.483  1.00 15.51  ? 163 TYR A CE2 1 
ATOM   1112 C CZ  . TYR A 1 164 ? -6.758  -3.770  -9.348  1.00 18.14  ? 163 TYR A CZ  1 
ATOM   1113 O OH  . TYR A 1 164 ? -6.226  -5.021  -9.424  1.00 17.40  ? 163 TYR A OH  1 
ATOM   1114 N N   . ALA A 1 165 ? -8.463  2.653   -6.291  1.00 21.81  ? 164 ALA A N   1 
ATOM   1115 C CA  . ALA A 1 165 ? -8.894  3.975   -5.866  1.00 19.73  ? 164 ALA A CA  1 
ATOM   1116 C C   . ALA A 1 165 ? -8.192  5.047   -6.652  1.00 20.52  ? 164 ALA A C   1 
ATOM   1117 O O   . ALA A 1 165 ? -6.990  5.033   -6.750  1.00 20.86  ? 164 ALA A O   1 
ATOM   1118 C CB  . ALA A 1 165 ? -8.625  4.154   -4.393  1.00 19.51  ? 164 ALA A CB  1 
ATOM   1119 N N   . LYS A 1 166 ? -8.934  6.023   -7.161  1.00 23.90  ? 165 LYS A N   1 
ATOM   1120 C CA  . LYS A 1 166 ? -8.325  7.073   -7.960  1.00 24.24  ? 165 LYS A CA  1 
ATOM   1121 C C   . LYS A 1 166 ? -7.762  8.154   -7.079  1.00 22.70  ? 165 LYS A C   1 
ATOM   1122 O O   . LYS A 1 166 ? -8.475  8.682   -6.259  1.00 24.41  ? 165 LYS A O   1 
ATOM   1123 C CB  . LYS A 1 166 ? -9.337  7.665   -8.929  1.00 25.61  ? 165 LYS A CB  1 
ATOM   1124 C CG  . LYS A 1 166 ? -8.697  8.497   -10.009 1.00 34.18  ? 165 LYS A CG  1 
ATOM   1125 C CD  . LYS A 1 166 ? -9.733  8.961   -11.026 1.00 44.18  ? 165 LYS A CD  1 
ATOM   1126 C CE  . LYS A 1 166 ? -9.101  9.685   -12.255 1.00 52.66  ? 165 LYS A CE  1 
ATOM   1127 N NZ  . LYS A 1 166 ? -8.301  8.828   -13.249 1.00 57.91  ? 165 LYS A NZ  1 
ATOM   1128 N N   . VAL A 1 167 ? -6.488  8.484   -7.248  1.00 22.12  ? 166 VAL A N   1 
ATOM   1129 C CA  . VAL A 1 167 ? -5.868  9.522   -6.444  1.00 23.82  ? 166 VAL A CA  1 
ATOM   1130 C C   . VAL A 1 167 ? -6.443  10.895  -6.798  1.00 25.23  ? 166 VAL A C   1 
ATOM   1131 O O   . VAL A 1 167 ? -6.561  11.273  -7.964  1.00 21.87  ? 166 VAL A O   1 
ATOM   1132 C CB  . VAL A 1 167 ? -4.327  9.512   -6.587  1.00 23.79  ? 166 VAL A CB  1 
ATOM   1133 C CG1 . VAL A 1 167 ? -3.675  10.574  -5.727  1.00 19.05  ? 166 VAL A CG1 1 
ATOM   1134 C CG2 . VAL A 1 167 ? -3.804  8.141   -6.211  1.00 24.97  ? 166 VAL A CG2 1 
ATOM   1135 N N   . ALA A 1 168 ? -6.826  11.618  -5.757  1.00 28.25  ? 167 ALA A N   1 
ATOM   1136 C CA  . ALA A 1 168 ? -7.400  12.953  -5.875  1.00 31.38  ? 167 ALA A CA  1 
ATOM   1137 C C   . ALA A 1 168 ? -6.356  14.003  -5.621  1.00 31.01  ? 167 ALA A C   1 
ATOM   1138 O O   . ALA A 1 168 ? -6.313  14.994  -6.330  1.00 35.23  ? 167 ALA A O   1 
ATOM   1139 C CB  . ALA A 1 168 ? -8.566  13.137  -4.901  1.00 28.03  ? 167 ALA A CB  1 
ATOM   1140 N N   . SER A 1 169 ? -5.469  13.760  -4.661  1.00 33.17  ? 168 SER A N   1 
ATOM   1141 C CA  . SER A 1 169 ? -4.437  14.738  -4.318  1.00 32.60  ? 168 SER A CA  1 
ATOM   1142 C C   . SER A 1 169 ? -3.308  14.165  -3.494  1.00 29.39  ? 168 SER A C   1 
ATOM   1143 O O   . SER A 1 169 ? -3.513  13.219  -2.780  1.00 27.88  ? 168 SER A O   1 
ATOM   1144 C CB  . SER A 1 169 ? -5.064  15.922  -3.511  1.00 36.89  ? 168 SER A CB  1 
ATOM   1145 O OG  . SER A 1 169 ? -5.782  15.527  -2.323  1.00 37.89  ? 168 SER A OG  1 
ATOM   1146 N N   . VAL A 1 170 ? -2.117  14.728  -3.639  1.00 28.77  ? 169 VAL A N   1 
ATOM   1147 C CA  . VAL A 1 170 ? -0.955  14.363  -2.823  1.00 27.82  ? 169 VAL A CA  1 
ATOM   1148 C C   . VAL A 1 170 ? -0.583  15.741  -2.213  1.00 29.43  ? 169 VAL A C   1 
ATOM   1149 O O   . VAL A 1 170 ? -0.176  16.628  -2.943  1.00 30.56  ? 169 VAL A O   1 
ATOM   1150 C CB  . VAL A 1 170 ? 0.202   13.821  -3.677  1.00 21.08  ? 169 VAL A CB  1 
ATOM   1151 C CG1 . VAL A 1 170 ? 1.392   13.489  -2.821  1.00 20.08  ? 169 VAL A CG1 1 
ATOM   1152 C CG2 . VAL A 1 170 ? -0.238  12.622  -4.377  1.00 22.66  ? 169 VAL A CG2 1 
ATOM   1153 N N   . THR A 1 171 ? -0.803  15.967  -0.921  1.00 28.17  ? 170 THR A N   1 
ATOM   1154 C CA  . THR A 1 171 ? -0.500  17.270  -0.340  1.00 31.38  ? 170 THR A CA  1 
ATOM   1155 C C   . THR A 1 171 ? 0.546   17.251  0.767   1.00 32.55  ? 170 THR A C   1 
ATOM   1156 O O   . THR A 1 171 ? 0.649   16.272  1.489   1.00 33.26  ? 170 THR A O   1 
ATOM   1157 C CB  . THR A 1 171 ? -1.769  17.877  0.212   1.00 33.13  ? 170 THR A CB  1 
ATOM   1158 O OG1 . THR A 1 171 ? -2.472  16.866  0.924   1.00 41.49  ? 170 THR A OG1 1 
ATOM   1159 C CG2 . THR A 1 171 ? -2.667  18.330  -0.912  1.00 38.52  ? 170 THR A CG2 1 
ATOM   1160 N N   . ASP A 1 172 ? 1.343   18.314  0.906   1.00 34.37  ? 171 ASP A N   1 
ATOM   1161 C CA  . ASP A 1 172 ? 2.336   18.316  1.985   1.00 36.12  ? 171 ASP A CA  1 
ATOM   1162 C C   . ASP A 1 172 ? 1.648   18.227  3.334   1.00 30.56  ? 171 ASP A C   1 
ATOM   1163 O O   . ASP A 1 172 ? 0.656   18.870  3.592   1.00 27.58  ? 171 ASP A O   1 
ATOM   1164 C CB  . ASP A 1 172 ? 3.327   19.504  1.936   1.00 45.34  ? 171 ASP A CB  1 
ATOM   1165 C CG  . ASP A 1 172 ? 4.307   19.525  3.167   1.00 53.00  ? 171 ASP A CG  1 
ATOM   1166 O OD1 . ASP A 1 172 ? 5.245   18.658  3.299   1.00 58.22  ? 171 ASP A OD1 1 
ATOM   1167 O OD2 . ASP A 1 172 ? 4.103   20.414  4.028   1.00 55.39  ? 171 ASP A OD2 1 
ATOM   1168 N N   . ALA A 1 173 ? 2.181   17.368  4.176   1.00 29.77  ? 172 ALA A N   1 
ATOM   1169 C CA  . ALA A 1 173 ? 1.606   17.149  5.471   1.00 28.12  ? 172 ALA A CA  1 
ATOM   1170 C C   . ALA A 1 173 ? 2.540   17.531  6.608   1.00 25.17  ? 172 ALA A C   1 
ATOM   1171 O O   . ALA A 1 173 ? 2.322   17.155  7.741   1.00 27.46  ? 172 ALA A O   1 
ATOM   1172 C CB  . ALA A 1 173 ? 1.133   15.665  5.583   1.00 28.34  ? 172 ALA A CB  1 
ATOM   1173 N N   . GLY A 1 174 ? 3.608   18.240  6.311   1.00 24.76  ? 173 GLY A N   1 
ATOM   1174 C CA  . GLY A 1 174 ? 4.483   18.646  7.382   1.00 22.96  ? 173 GLY A CA  1 
ATOM   1175 C C   . GLY A 1 174 ? 5.600   17.692  7.688   1.00 23.73  ? 173 GLY A C   1 
ATOM   1176 O O   . GLY A 1 174 ? 5.966   16.876  6.860   1.00 26.75  ? 173 GLY A O   1 
ATOM   1177 N N   . VAL A 1 175 ? 6.227   17.906  8.833   1.00 25.08  ? 174 VAL A N   1 
ATOM   1178 C CA  . VAL A 1 175 ? 7.315   17.072  9.297   1.00 26.98  ? 174 VAL A CA  1 
ATOM   1179 C C   . VAL A 1 175 ? 6.753   16.281  10.447  1.00 27.20  ? 174 VAL A C   1 
ATOM   1180 O O   . VAL A 1 175 ? 6.119   16.836  11.339  1.00 29.70  ? 174 VAL A O   1 
ATOM   1181 C CB  . VAL A 1 175 ? 8.527   17.878  9.709   1.00 23.32  ? 174 VAL A CB  1 
ATOM   1182 C CG1 . VAL A 1 175 ? 9.597   16.973  10.204  1.00 26.53  ? 174 VAL A CG1 1 
ATOM   1183 C CG2 . VAL A 1 175 ? 9.064   18.585  8.502   1.00 22.89  ? 174 VAL A CG2 1 
ATOM   1184 N N   . GLN A 1 176 ? 6.933   14.971  10.400  1.00 25.96  ? 175 GLN A N   1 
ATOM   1185 C CA  . GLN A 1 176 ? 6.378   14.135  11.429  1.00 24.86  ? 175 GLN A CA  1 
ATOM   1186 C C   . GLN A 1 176 ? 7.200   12.897  11.731  1.00 25.66  ? 175 GLN A C   1 
ATOM   1187 O O   . GLN A 1 176 ? 8.126   12.568  10.985  1.00 24.19  ? 175 GLN A O   1 
ATOM   1188 C CB  . GLN A 1 176 ? 5.011   13.696  10.974  1.00 26.82  ? 175 GLN A CB  1 
ATOM   1189 C CG  . GLN A 1 176 ? 4.035   14.804  10.835  1.00 31.53  ? 175 GLN A CG  1 
ATOM   1190 C CD  . GLN A 1 176 ? 2.637   14.291  10.721  1.00 35.24  ? 175 GLN A CD  1 
ATOM   1191 O OE1 . GLN A 1 176 ? 2.208   13.410  11.488  1.00 40.35  ? 175 GLN A OE1 1 
ATOM   1192 N NE2 . GLN A 1 176 ? 1.907   14.811  9.749   1.00 41.30  ? 175 GLN A NE2 1 
ATOM   1193 N N   . PRO A 1 177 ? 7.014   12.325  12.935  1.00 26.25  ? 176 PRO A N   1 
ATOM   1194 C CA  . PRO A 1 177 ? 7.733   11.104  13.307  1.00 25.97  ? 176 PRO A CA  1 
ATOM   1195 C C   . PRO A 1 177 ? 7.177   10.091  12.305  1.00 25.77  ? 176 PRO A C   1 
ATOM   1196 O O   . PRO A 1 177 ? 5.965   10.056  12.027  1.00 25.29  ? 176 PRO A O   1 
ATOM   1197 C CB  . PRO A 1 177 ? 7.260   10.822  14.730  1.00 25.42  ? 176 PRO A CB  1 
ATOM   1198 C CG  . PRO A 1 177 ? 6.004   11.645  14.880  1.00 30.62  ? 176 PRO A CG  1 
ATOM   1199 C CD  . PRO A 1 177 ? 6.309   12.884  14.095  1.00 27.11  ? 176 PRO A CD  1 
ATOM   1200 N N   . VAL A 1 178 ? 8.052   9.234   11.807  1.00 25.90  ? 177 VAL A N   1 
ATOM   1201 C CA  . VAL A 1 178 ? 7.669   8.343   10.749  1.00 22.06  ? 177 VAL A CA  1 
ATOM   1202 C C   . VAL A 1 178 ? 8.164   6.906   11.038  1.00 22.46  ? 177 VAL A C   1 
ATOM   1203 O O   . VAL A 1 178 ? 9.225   6.734   11.626  1.00 20.46  ? 177 VAL A O   1 
ATOM   1204 C CB  . VAL A 1 178 ? 8.216   9.071   9.504   1.00 19.43  ? 177 VAL A CB  1 
ATOM   1205 C CG1 . VAL A 1 178 ? 9.368   8.429   8.929   1.00 20.76  ? 177 VAL A CG1 1 
ATOM   1206 C CG2 . VAL A 1 178 ? 7.134   9.504   8.594   1.00 16.47  ? 177 VAL A CG2 1 
ATOM   1207 N N   . TYR A 1 179 ? 7.286   5.923   10.787  1.00 21.15  ? 178 TYR A N   1 
ATOM   1208 C CA  . TYR A 1 179 ? 7.515   4.486   11.028  1.00 21.15  ? 178 TYR A CA  1 
ATOM   1209 C C   . TYR A 1 179 ? 7.462   3.543   9.825   1.00 22.13  ? 178 TYR A C   1 
ATOM   1210 O O   . TYR A 1 179 ? 6.884   3.864   8.792   1.00 23.01  ? 178 TYR A O   1 
ATOM   1211 C CB  . TYR A 1 179 ? 6.424   3.945   11.953  1.00 18.09  ? 178 TYR A CB  1 
ATOM   1212 C CG  . TYR A 1 179 ? 6.248   4.714   13.203  1.00 18.07  ? 178 TYR A CG  1 
ATOM   1213 C CD1 . TYR A 1 179 ? 5.646   5.956   13.184  1.00 19.19  ? 178 TYR A CD1 1 
ATOM   1214 C CD2 . TYR A 1 179 ? 6.748   4.238   14.392  1.00 21.12  ? 178 TYR A CD2 1 
ATOM   1215 C CE1 . TYR A 1 179 ? 5.550   6.712   14.295  1.00 22.00  ? 178 TYR A CE1 1 
ATOM   1216 C CE2 . TYR A 1 179 ? 6.672   4.990   15.529  1.00 26.92  ? 178 TYR A CE2 1 
ATOM   1217 C CZ  . TYR A 1 179 ? 6.072   6.232   15.472  1.00 28.16  ? 178 TYR A CZ  1 
ATOM   1218 O OH  . TYR A 1 179 ? 6.042   7.014   16.593  1.00 35.22  ? 178 TYR A OH  1 
ATOM   1219 N N   . SER A 1 180 ? 8.056   2.365   9.984   1.00 20.00  ? 179 SER A N   1 
ATOM   1220 C CA  . SER A 1 180 ? 7.952   1.331   8.984   1.00 18.98  ? 179 SER A CA  1 
ATOM   1221 C C   . SER A 1 180 ? 8.120   -0.013  9.637   1.00 19.42  ? 179 SER A C   1 
ATOM   1222 O O   . SER A 1 180 ? 8.512   -0.106  10.798  1.00 16.63  ? 179 SER A O   1 
ATOM   1223 C CB  . SER A 1 180 ? 8.955   1.442   7.883   1.00 21.65  ? 179 SER A CB  1 
ATOM   1224 O OG  . SER A 1 180 ? 8.365   0.799   6.755   1.00 24.88  ? 179 SER A OG  1 
ATOM   1225 N N   . LEU A 1 181 ? 7.617   -1.025  8.941   1.00 18.88  ? 180 LEU A N   1 
ATOM   1226 C CA  . LEU A 1 181 ? 7.717   -2.409  9.368   1.00 22.70  ? 180 LEU A CA  1 
ATOM   1227 C C   . LEU A 1 181 ? 8.702   -3.182  8.506   1.00 23.53  ? 180 LEU A C   1 
ATOM   1228 O O   . LEU A 1 181 ? 9.121   -2.730  7.441   1.00 23.25  ? 180 LEU A O   1 
ATOM   1229 C CB  . LEU A 1 181 ? 6.367   -3.141  9.199   1.00 18.00  ? 180 LEU A CB  1 
ATOM   1230 C CG  . LEU A 1 181 ? 5.232   -2.826  10.154  1.00 20.05  ? 180 LEU A CG  1 
ATOM   1231 C CD1 . LEU A 1 181 ? 4.157   -3.844  9.922   1.00 17.94  ? 180 LEU A CD1 1 
ATOM   1232 C CD2 . LEU A 1 181 ? 5.729   -2.861  11.590  1.00 13.59  ? 180 LEU A CD2 1 
ATOM   1233 N N   . ARG A 1 182 ? 9.145   -4.319  9.003   1.00 22.45  ? 181 ARG A N   1 
ATOM   1234 C CA  . ARG A 1 182 ? 9.929   -5.122  8.146   1.00 20.68  ? 181 ARG A CA  1 
ATOM   1235 C C   . ARG A 1 182 ? 9.095   -6.390  8.064   1.00 20.44  ? 181 ARG A C   1 
ATOM   1236 O O   . ARG A 1 182 ? 8.717   -6.949  9.078   1.00 20.12  ? 181 ARG A O   1 
ATOM   1237 C CB  . ARG A 1 182 ? 11.288  -5.391  8.707   1.00 22.59  ? 181 ARG A CB  1 
ATOM   1238 C CG  . ARG A 1 182 ? 12.152  -6.014  7.638   1.00 27.76  ? 181 ARG A CG  1 
ATOM   1239 C CD  . ARG A 1 182 ? 12.870  -7.202  8.194   1.00 34.61  ? 181 ARG A CD  1 
ATOM   1240 N NE  . ARG A 1 182 ? 14.267  -6.888  8.481   1.00 39.52  ? 181 ARG A NE  1 
ATOM   1241 C CZ  . ARG A 1 182 ? 15.069  -7.633  9.241   1.00 42.14  ? 181 ARG A CZ  1 
ATOM   1242 N NH1 . ARG A 1 182 ? 14.625  -8.754  9.836   1.00 38.47  ? 181 ARG A NH1 1 
ATOM   1243 N NH2 . ARG A 1 182 ? 16.352  -7.296  9.326   1.00 44.05  ? 181 ARG A NH2 1 
ATOM   1244 N N   . VAL A 1 183 ? 8.685   -6.752  6.863   1.00 23.10  ? 182 VAL A N   1 
ATOM   1245 C CA  . VAL A 1 183 ? 7.920   -7.948  6.676   1.00 23.18  ? 182 VAL A CA  1 
ATOM   1246 C C   . VAL A 1 183 ? 8.757   -8.989  5.966   1.00 27.41  ? 182 VAL A C   1 
ATOM   1247 O O   . VAL A 1 183 ? 9.525   -8.709  5.028   1.00 25.55  ? 182 VAL A O   1 
ATOM   1248 C CB  . VAL A 1 183 ? 6.583   -7.709  5.954   1.00 25.03  ? 182 VAL A CB  1 
ATOM   1249 C CG1 . VAL A 1 183 ? 6.233   -6.235  5.957   1.00 25.26  ? 182 VAL A CG1 1 
ATOM   1250 C CG2 . VAL A 1 183 ? 6.583   -8.303  4.590   1.00 23.20  ? 182 VAL A CG2 1 
ATOM   1251 N N   . ASP A 1 184 ? 8.672   -10.187 6.523   1.00 35.24  ? 183 ASP A N   1 
ATOM   1252 C CA  . ASP A 1 184 ? 9.362   -11.374 6.055   1.00 40.35  ? 183 ASP A CA  1 
ATOM   1253 C C   . ASP A 1 184 ? 8.672   -11.924 4.821   1.00 38.85  ? 183 ASP A C   1 
ATOM   1254 O O   . ASP A 1 184 ? 7.974   -12.945 4.888   1.00 42.05  ? 183 ASP A O   1 
ATOM   1255 C CB  . ASP A 1 184 ? 9.299   -12.401 7.158   1.00 50.61  ? 183 ASP A CB  1 
ATOM   1256 C CG  . ASP A 1 184 ? 10.572  -12.499 7.896   1.00 59.62  ? 183 ASP A CG  1 
ATOM   1257 O OD1 . ASP A 1 184 ? 11.166  -11.426 8.226   1.00 65.37  ? 183 ASP A OD1 1 
ATOM   1258 O OD2 . ASP A 1 184 ? 10.979  -13.669 8.110   1.00 64.42  ? 183 ASP A OD2 1 
ATOM   1259 N N   . THR A 1 185 ? 9.001   -11.343 3.676   1.00 33.99  ? 184 THR A N   1 
ATOM   1260 C CA  . THR A 1 185 ? 8.341   -11.681 2.443   1.00 29.06  ? 184 THR A CA  1 
ATOM   1261 C C   . THR A 1 185 ? 9.177   -11.135 1.291   1.00 28.80  ? 184 THR A C   1 
ATOM   1262 O O   . THR A 1 185 ? 9.807   -10.089 1.392   1.00 29.96  ? 184 THR A O   1 
ATOM   1263 C CB  . THR A 1 185 ? 6.960   -11.031 2.529   1.00 26.84  ? 184 THR A CB  1 
ATOM   1264 O OG1 . THR A 1 185 ? 6.014   -12.021 2.875   1.00 31.63  ? 184 THR A OG1 1 
ATOM   1265 C CG2 . THR A 1 185 ? 6.562   -10.381 1.334   1.00 22.56  ? 184 THR A CG2 1 
ATOM   1266 N N   . ALA A 1 186 ? 9.194   -11.853 0.189   1.00 28.75  ? 185 ALA A N   1 
ATOM   1267 C CA  . ALA A 1 186 ? 9.972   -11.434 -0.958  1.00 30.99  ? 185 ALA A CA  1 
ATOM   1268 C C   . ALA A 1 186 ? 9.384   -10.158 -1.513  1.00 29.17  ? 185 ALA A C   1 
ATOM   1269 O O   . ALA A 1 186 ? 10.057  -9.365  -2.140  1.00 32.66  ? 185 ALA A O   1 
ATOM   1270 C CB  . ALA A 1 186 ? 9.934   -12.524 -2.019  1.00 32.43  ? 185 ALA A CB  1 
ATOM   1271 N N   . ASP A 1 187 ? 8.087   -10.025 -1.327  1.00 28.65  ? 186 ASP A N   1 
ATOM   1272 C CA  . ASP A 1 187 ? 7.312   -8.887  -1.789  1.00 24.79  ? 186 ASP A CA  1 
ATOM   1273 C C   . ASP A 1 187 ? 7.531   -7.656  -0.892  1.00 24.04  ? 186 ASP A C   1 
ATOM   1274 O O   . ASP A 1 187 ? 7.613   -6.534  -1.394  1.00 22.16  ? 186 ASP A O   1 
ATOM   1275 C CB  . ASP A 1 187 ? 5.846   -9.311  -1.781  1.00 24.72  ? 186 ASP A CB  1 
ATOM   1276 C CG  . ASP A 1 187 ? 4.941   -8.311  -2.434  1.00 28.39  ? 186 ASP A CG  1 
ATOM   1277 O OD1 . ASP A 1 187 ? 5.437   -7.517  -3.268  1.00 35.64  ? 186 ASP A OD1 1 
ATOM   1278 O OD2 . ASP A 1 187 ? 3.733   -8.315  -2.117  1.00 28.72  ? 186 ASP A OD2 1 
ATOM   1279 N N   . HIS A 1 188 ? 7.681   -7.892  0.419   1.00 23.89  ? 187 HIS A N   1 
ATOM   1280 C CA  . HIS A 1 188 ? 7.887   -6.832  1.424   1.00 23.16  ? 187 HIS A CA  1 
ATOM   1281 C C   . HIS A 1 188 ? 6.758   -5.841  1.512   1.00 22.75  ? 187 HIS A C   1 
ATOM   1282 O O   . HIS A 1 188 ? 7.005   -4.655  1.667   1.00 24.18  ? 187 HIS A O   1 
ATOM   1283 C CB  . HIS A 1 188 ? 9.165   -6.056  1.103   1.00 25.60  ? 187 HIS A CB  1 
ATOM   1284 C CG  . HIS A 1 188 ? 10.406  -6.859  1.301   1.00 27.67  ? 187 HIS A CG  1 
ATOM   1285 N ND1 . HIS A 1 188 ? 10.737  -7.409  2.519   1.00 30.92  ? 187 HIS A ND1 1 
ATOM   1286 C CD2 . HIS A 1 188 ? 11.289  -7.356  0.412   1.00 27.66  ? 187 HIS A CD2 1 
ATOM   1287 C CE1 . HIS A 1 188 ? 11.756  -8.228  2.367   1.00 31.70  ? 187 HIS A CE1 1 
ATOM   1288 N NE2 . HIS A 1 188 ? 12.106  -8.216  1.096   1.00 29.84  ? 187 HIS A NE2 1 
ATOM   1289 N N   . ALA A 1 189 ? 5.520   -6.305  1.436   1.00 20.90  ? 188 ALA A N   1 
ATOM   1290 C CA  . ALA A 1 189 ? 4.395   -5.386  1.470   1.00 19.06  ? 188 ALA A CA  1 
ATOM   1291 C C   . ALA A 1 189 ? 3.488   -5.620  2.666   1.00 19.19  ? 188 ALA A C   1 
ATOM   1292 O O   . ALA A 1 189 ? 3.345   -6.752  3.160   1.00 18.99  ? 188 ALA A O   1 
ATOM   1293 C CB  . ALA A 1 189 ? 3.582   -5.531  0.190   1.00 15.13  ? 188 ALA A CB  1 
ATOM   1294 N N   . PHE A 1 190 ? 2.858   -4.543  3.102   1.00 18.35  ? 189 PHE A N   1 
ATOM   1295 C CA  . PHE A 1 190 ? 1.922   -4.597  4.198   1.00 16.60  ? 189 PHE A CA  1 
ATOM   1296 C C   . PHE A 1 190 ? 0.850   -3.568  3.887   1.00 15.99  ? 189 PHE A C   1 
ATOM   1297 O O   . PHE A 1 190 ? 0.978   -2.786  2.945   1.00 14.30  ? 189 PHE A O   1 
ATOM   1298 C CB  . PHE A 1 190 ? 2.583   -4.469  5.593   1.00 16.01  ? 189 PHE A CB  1 
ATOM   1299 C CG  . PHE A 1 190 ? 3.321   -3.181  5.835   1.00 17.72  ? 189 PHE A CG  1 
ATOM   1300 C CD1 . PHE A 1 190 ? 4.487   -2.881  5.125   1.00 14.18  ? 189 PHE A CD1 1 
ATOM   1301 C CD2 . PHE A 1 190 ? 2.833   -2.266  6.775   1.00 15.64  ? 189 PHE A CD2 1 
ATOM   1302 C CE1 . PHE A 1 190 ? 5.140   -1.704  5.320   1.00 16.27  ? 189 PHE A CE1 1 
ATOM   1303 C CE2 . PHE A 1 190 ? 3.481   -1.082  6.983   1.00 16.93  ? 189 PHE A CE2 1 
ATOM   1304 C CZ  . PHE A 1 190 ? 4.648   -0.786  6.252   1.00 19.55  ? 189 PHE A CZ  1 
ATOM   1305 N N   . ILE A 1 191 ? -0.251  -3.665  4.603   1.00 14.51  ? 190 ILE A N   1 
ATOM   1306 C CA  . ILE A 1 191 ? -1.421  -2.851  4.379   1.00 13.90  ? 190 ILE A CA  1 
ATOM   1307 C C   . ILE A 1 191 ? -1.452  -1.771  5.427   1.00 18.92  ? 190 ILE A C   1 
ATOM   1308 O O   . ILE A 1 191 ? -1.420  -2.064  6.639   1.00 16.91  ? 190 ILE A O   1 
ATOM   1309 C CB  . ILE A 1 191 ? -2.703  -3.763  4.449   1.00 14.19  ? 190 ILE A CB  1 
ATOM   1310 C CG1 . ILE A 1 191 ? -2.580  -4.943  3.471   1.00 14.62  ? 190 ILE A CG1 1 
ATOM   1311 C CG2 . ILE A 1 191 ? -3.939  -3.006  4.192   1.00 13.61  ? 190 ILE A CG2 1 
ATOM   1312 C CD1 . ILE A 1 191 ? -2.165  -4.582  2.048   1.00 11.61  ? 190 ILE A CD1 1 
ATOM   1313 N N   . THR A 1 192 ? -1.538  -0.519  4.954   1.00 18.98  ? 191 THR A N   1 
ATOM   1314 C CA  . THR A 1 192 ? -1.539  0.659   5.805   1.00 17.46  ? 191 THR A CA  1 
ATOM   1315 C C   . THR A 1 192 ? -2.708  1.510   5.345   1.00 17.96  ? 191 THR A C   1 
ATOM   1316 O O   . THR A 1 192 ? -2.631  2.125   4.300   1.00 21.38  ? 191 THR A O   1 
ATOM   1317 C CB  . THR A 1 192 ? -0.222  1.447   5.628   1.00 17.63  ? 191 THR A CB  1 
ATOM   1318 O OG1 . THR A 1 192 ? 0.000   1.695   4.239   1.00 19.03  ? 191 THR A OG1 1 
ATOM   1319 C CG2 . THR A 1 192 ? 0.909   0.669   6.158   1.00 12.76  ? 191 THR A CG2 1 
ATOM   1320 N N   . ASN A 1 193 ? -3.765  1.577   6.136   1.00 16.37  ? 192 ASN A N   1 
ATOM   1321 C CA  . ASN A 1 193 ? -4.949  2.317   5.747   1.00 16.49  ? 192 ASN A CA  1 
ATOM   1322 C C   . ASN A 1 193 ? -5.604  1.784   4.442   1.00 18.30  ? 192 ASN A C   1 
ATOM   1323 O O   . ASN A 1 193 ? -6.190  2.548   3.659   1.00 19.68  ? 192 ASN A O   1 
ATOM   1324 C CB  . ASN A 1 193 ? -4.653  3.806   5.639   1.00 19.37  ? 192 ASN A CB  1 
ATOM   1325 C CG  . ASN A 1 193 ? -4.537  4.495   7.003   1.00 19.44  ? 192 ASN A CG  1 
ATOM   1326 O OD1 . ASN A 1 193 ? -4.783  3.903   8.051   1.00 21.40  ? 192 ASN A OD1 1 
ATOM   1327 N ND2 . ASN A 1 193 ? -4.158  5.755   6.981   1.00 21.89  ? 192 ASN A ND2 1 
ATOM   1328 N N   . GLY A 1 194 ? -5.574  0.469   4.239   1.00 17.77  ? 193 GLY A N   1 
ATOM   1329 C CA  . GLY A 1 194 ? -6.157  -0.068  3.040   1.00 16.87  ? 193 GLY A CA  1 
ATOM   1330 C C   . GLY A 1 194 ? -5.186  -0.101  1.890   1.00 18.44  ? 193 GLY A C   1 
ATOM   1331 O O   . GLY A 1 194 ? -5.332  -0.962  1.013   1.00 17.93  ? 193 GLY A O   1 
ATOM   1332 N N   . PHE A 1 195 ? -4.180  0.784   1.909   1.00 16.71  ? 194 PHE A N   1 
ATOM   1333 C CA  . PHE A 1 195 ? -3.152  0.906   0.846   1.00 16.14  ? 194 PHE A CA  1 
ATOM   1334 C C   . PHE A 1 195 ? -2.103  -0.190  0.980   1.00 15.61  ? 194 PHE A C   1 
ATOM   1335 O O   . PHE A 1 195 ? -1.737  -0.522  2.078   1.00 19.82  ? 194 PHE A O   1 
ATOM   1336 C CB  . PHE A 1 195 ? -2.427  2.281   0.970   1.00 14.09  ? 194 PHE A CB  1 
ATOM   1337 C CG  . PHE A 1 195 ? -3.274  3.477   0.572   1.00 12.59  ? 194 PHE A CG  1 
ATOM   1338 C CD1 . PHE A 1 195 ? -4.198  4.042   1.464   1.00 15.64  ? 194 PHE A CD1 1 
ATOM   1339 C CD2 . PHE A 1 195 ? -3.145  4.054   -0.674  1.00 16.19  ? 194 PHE A CD2 1 
ATOM   1340 C CE1 . PHE A 1 195 ? -4.949  5.143   1.098   1.00 13.47  ? 194 PHE A CE1 1 
ATOM   1341 C CE2 . PHE A 1 195 ? -3.914  5.165   -1.027  1.00 15.53  ? 194 PHE A CE2 1 
ATOM   1342 C CZ  . PHE A 1 195 ? -4.797  5.709   -0.147  1.00 11.48  ? 194 PHE A CZ  1 
ATOM   1343 N N   . VAL A 1 196 ? -1.539  -0.638  -0.121  1.00 16.03  ? 195 VAL A N   1 
ATOM   1344 C CA  . VAL A 1 196 ? -0.510  -1.667  -0.088  1.00 17.03  ? 195 VAL A CA  1 
ATOM   1345 C C   . VAL A 1 196 ? 0.839   -0.952  -0.063  1.00 18.70  ? 195 VAL A C   1 
ATOM   1346 O O   . VAL A 1 196 ? 1.231   -0.343  -1.065  1.00 18.77  ? 195 VAL A O   1 
ATOM   1347 C CB  . VAL A 1 196 ? -0.560  -2.569  -1.326  1.00 15.06  ? 195 VAL A CB  1 
ATOM   1348 C CG1 . VAL A 1 196 ? 0.538   -3.565  -1.260  1.00 10.78  ? 195 VAL A CG1 1 
ATOM   1349 C CG2 . VAL A 1 196 ? -1.927  -3.310  -1.414  1.00 13.66  ? 195 VAL A CG2 1 
ATOM   1350 N N   . SER A 1 197 ? 1.497   -0.962  1.101   1.00 17.78  ? 196 SER A N   1 
ATOM   1351 C CA  . SER A 1 197 ? 2.792   -0.311  1.292   1.00 16.04  ? 196 SER A CA  1 
ATOM   1352 C C   . SER A 1 197 ? 3.987   -1.231  1.182   1.00 18.16  ? 196 SER A C   1 
ATOM   1353 O O   . SER A 1 197 ? 3.899   -2.426  1.463   1.00 19.21  ? 196 SER A O   1 
ATOM   1354 C CB  . SER A 1 197 ? 2.877   0.311   2.681   1.00 13.65  ? 196 SER A CB  1 
ATOM   1355 O OG  . SER A 1 197 ? 2.146   1.516   2.826   1.00 17.08  ? 196 SER A OG  1 
ATOM   1356 N N   . HIS A 1 198 ? 5.101   -0.675  0.731   1.00 15.96  ? 197 HIS A N   1 
ATOM   1357 C CA  . HIS A 1 198 ? 6.303   -1.461  0.705   1.00 20.14  ? 197 HIS A CA  1 
ATOM   1358 C C   . HIS A 1 198 ? 7.123   -1.144  1.975   1.00 22.12  ? 197 HIS A C   1 
ATOM   1359 O O   . HIS A 1 198 ? 7.059   -0.024  2.459   1.00 25.99  ? 197 HIS A O   1 
ATOM   1360 C CB  . HIS A 1 198 ? 7.112   -1.121  -0.519  1.00 18.48  ? 197 HIS A CB  1 
ATOM   1361 C CG  . HIS A 1 198 ? 8.323   -1.974  -0.667  1.00 21.64  ? 197 HIS A CG  1 
ATOM   1362 N ND1 . HIS A 1 198 ? 9.474   -1.770  0.070   1.00 26.40  ? 197 HIS A ND1 1 
ATOM   1363 C CD2 . HIS A 1 198 ? 8.558   -3.056  -1.445  1.00 23.53  ? 197 HIS A CD2 1 
ATOM   1364 C CE1 . HIS A 1 198 ? 10.366  -2.688  -0.250  1.00 23.13  ? 197 HIS A CE1 1 
ATOM   1365 N NE2 . HIS A 1 198 ? 9.836   -3.481  -1.167  1.00 25.79  ? 197 HIS A NE2 1 
ATOM   1366 N N   . ASN A 1 199 ? 7.862   -2.128  2.519   1.00 26.61  ? 198 ASN A N   1 
ATOM   1367 C CA  . ASN A 1 199 ? 8.748   -1.965  3.714   1.00 28.32  ? 198 ASN A CA  1 
ATOM   1368 C C   . ASN A 1 199 ? 9.529   -0.636  3.630   1.00 28.62  ? 198 ASN A C   1 
ATOM   1369 O O   . ASN A 1 199 ? 10.012  -0.298  2.508   1.00 27.92  ? 198 ASN A O   1 
ATOM   1370 C CB  . ASN A 1 199 ? 9.859   -3.042  3.749   1.00 28.82  ? 198 ASN A CB  1 
ATOM   1371 C CG  . ASN A 1 199 ? 9.401   -4.342  4.227   1.00 27.35  ? 198 ASN A CG  1 
ATOM   1372 O OD1 . ASN A 1 199 ? 8.267   -4.517  4.603   1.00 38.35  ? 198 ASN A OD1 1 
ATOM   1373 N ND2 . ASN A 1 199 ? 10.285  -5.297  4.200   1.00 26.49  ? 198 ASN A ND2 1 
ATOM   1374 O OXT . ASN A 1 199 ? 9.747   -0.025  4.703   1.00 27.84  ? 198 ASN A OXT 1 
HETATM 1375 O O   . HOH B 2 .   ? -1.717  1.303   -2.605  1.00 19.50  ? 199 HOH A O   1 
HETATM 1376 O O   . HOH B 2 .   ? -0.722  7.809   7.493   1.00 17.79  ? 200 HOH A O   1 
HETATM 1377 O O   . HOH B 2 .   ? 4.236   -8.974  1.980   1.00 18.51  ? 201 HOH A O   1 
HETATM 1378 O O   . HOH B 2 .   ? 6.937   7.213   -11.368 1.00 24.87  ? 202 HOH A O   1 
HETATM 1379 O O   . HOH B 2 .   ? -5.715  -9.394  -3.120  1.00 26.33  ? 203 HOH A O   1 
HETATM 1380 O O   . HOH B 2 .   ? 12.610  1.767   21.293  1.00 28.08  ? 204 HOH A O   1 
HETATM 1381 O O   . HOH B 2 .   ? -12.155 -8.580  0.671   1.00 30.67  ? 205 HOH A O   1 
HETATM 1382 O O   . HOH B 2 .   ? 11.460  -1.259  6.399   1.00 26.73  ? 206 HOH A O   1 
HETATM 1383 O O   . HOH B 2 .   ? -0.594  -5.264  6.957   1.00 17.20  ? 207 HOH A O   1 
HETATM 1384 O O   . HOH B 2 .   ? 12.027  3.995   -2.049  1.00 32.56  ? 208 HOH A O   1 
HETATM 1385 O O   . HOH B 2 .   ? 9.100   2.942   -7.263  1.00 28.04  ? 209 HOH A O   1 
HETATM 1386 O O   . HOH B 2 .   ? 7.976   6.157   -8.635  1.00 20.06  ? 210 HOH A O   1 
HETATM 1387 O O   . HOH B 2 .   ? 3.556   10.289  13.098  1.00 32.11  ? 211 HOH A O   1 
HETATM 1388 O O   . HOH B 2 .   ? 6.968   9.559   -14.890 1.00 38.70  ? 212 HOH A O   1 
HETATM 1389 O O   . HOH B 2 .   ? 2.629   -9.340  -0.260  1.00 20.40  ? 213 HOH A O   1 
HETATM 1390 O O   . HOH B 2 .   ? 9.829   12.870  2.855   1.00 24.67  ? 214 HOH A O   1 
HETATM 1391 O O   . HOH B 2 .   ? 21.418  -5.017  11.223  1.00 28.12  ? 215 HOH A O   1 
HETATM 1392 O O   . HOH B 2 .   ? -3.851  0.859   17.746  1.00 38.95  ? 216 HOH A O   1 
HETATM 1393 O O   . HOH B 2 .   ? 11.145  -4.095  20.818  1.00 49.42  ? 217 HOH A O   1 
HETATM 1394 O O   . HOH B 2 .   ? 1.119   -6.917  -12.411 1.00 26.95  ? 218 HOH A O   1 
HETATM 1395 O O   . HOH B 2 .   ? -3.281  9.862   7.573   1.00 34.08  ? 219 HOH A O   1 
HETATM 1396 O O   . HOH B 2 .   ? -11.540 5.470   -7.813  1.00 45.51  ? 220 HOH A O   1 
HETATM 1397 O O   . HOH B 2 .   ? -5.000  -1.253  -21.308 1.00 30.73  ? 221 HOH A O   1 
HETATM 1398 O O   . HOH B 2 .   ? -5.141  -0.594  6.835   1.00 20.42  ? 222 HOH A O   1 
HETATM 1399 O O   . HOH B 2 .   ? -5.613  6.308   13.324  1.00 43.78  ? 223 HOH A O   1 
HETATM 1400 O O   . HOH B 2 .   ? 15.279  1.855   21.925  1.00 27.52  ? 224 HOH A O   1 
HETATM 1401 O O   . HOH B 2 .   ? 18.502  -4.959  8.523   1.00 46.84  ? 225 HOH A O   1 
HETATM 1402 O O   . HOH B 2 .   ? -3.331  -15.192 -2.428  1.00 41.89  ? 226 HOH A O   1 
HETATM 1403 O O   . HOH B 2 .   ? -12.305 1.832   -10.289 1.00 39.75  ? 227 HOH A O   1 
HETATM 1404 O O   . HOH B 2 .   ? -9.350  12.808  3.171   1.00 35.29  ? 228 HOH A O   1 
HETATM 1405 O O   . HOH B 2 .   ? -4.597  0.736   -16.615 1.00 33.26  ? 229 HOH A O   1 
HETATM 1406 O O   . HOH B 2 .   ? 18.384  -6.604  5.980   1.00 52.47  ? 230 HOH A O   1 
HETATM 1407 O O   . HOH B 2 .   ? 18.780  -8.928  9.760   1.00 39.62  ? 231 HOH A O   1 
HETATM 1408 O O   . HOH B 2 .   ? 5.383   1.356   17.115  1.00 32.22  ? 232 HOH A O   1 
HETATM 1409 O O   . HOH B 2 .   ? 3.435   -6.254  -8.497  1.00 31.27  ? 233 HOH A O   1 
HETATM 1410 O O   . HOH B 2 .   ? -3.740  2.890   -14.752 1.00 40.98  ? 234 HOH A O   1 
HETATM 1411 O O   . HOH B 2 .   ? -8.594  -8.033  8.561   1.00 36.74  ? 235 HOH A O   1 
HETATM 1412 O O   . HOH B 2 .   ? 13.863  -3.220  -0.309  1.00 48.80  ? 236 HOH A O   1 
HETATM 1413 O O   . HOH B 2 .   ? -13.482 -7.642  4.239   1.00 37.55  ? 237 HOH A O   1 
HETATM 1414 O O   . HOH B 2 .   ? 3.345   4.175   -19.057 1.00 38.47  ? 238 HOH A O   1 
HETATM 1415 O O   . HOH B 2 .   ? 14.359  -4.679  20.193  1.00 44.52  ? 239 HOH A O   1 
HETATM 1416 O O   . HOH B 2 .   ? 23.802  -3.202  11.855  1.00 32.26  ? 240 HOH A O   1 
HETATM 1417 O O   . HOH B 2 .   ? -11.932 -1.537  -8.358  1.00 30.51  ? 241 HOH A O   1 
HETATM 1418 O O   . HOH B 2 .   ? 0.120   -6.910  -15.154 1.00 31.16  ? 242 HOH A O   1 
HETATM 1419 O O   . HOH B 2 .   ? -0.654  -13.651 -0.618  1.00 37.38  ? 243 HOH A O   1 
HETATM 1420 O O   . HOH B 2 .   ? -8.425  12.709  -9.472  1.00 41.46  ? 244 HOH A O   1 
# 
